data_3CAB
# 
_entry.id   3CAB 
# 
_audit_conform.dict_name       mmcif_pdbx.dic 
_audit_conform.dict_version    5.397 
_audit_conform.dict_location   http://mmcif.pdb.org/dictionaries/ascii/mmcif_pdbx.dic 
# 
loop_
_database_2.database_id 
_database_2.database_code 
_database_2.pdbx_database_accession 
_database_2.pdbx_DOI 
PDB   3CAB         pdb_00003cab 10.2210/pdb3cab/pdb 
RCSB  RCSB046537   ?            ?                   
WWPDB D_1000046537 ?            ?                   
# 
loop_
_pdbx_audit_revision_history.ordinal 
_pdbx_audit_revision_history.data_content_type 
_pdbx_audit_revision_history.major_revision 
_pdbx_audit_revision_history.minor_revision 
_pdbx_audit_revision_history.revision_date 
1 'Structure model' 1 0 2008-06-10 
2 'Structure model' 1 1 2011-07-13 
3 'Structure model' 1 2 2023-11-01 
4 'Structure model' 1 3 2024-10-09 
# 
_pdbx_audit_revision_details.ordinal             1 
_pdbx_audit_revision_details.revision_ordinal    1 
_pdbx_audit_revision_details.data_content_type   'Structure model' 
_pdbx_audit_revision_details.provider            repository 
_pdbx_audit_revision_details.type                'Initial release' 
_pdbx_audit_revision_details.description         ? 
_pdbx_audit_revision_details.details             ? 
# 
loop_
_pdbx_audit_revision_group.ordinal 
_pdbx_audit_revision_group.revision_ordinal 
_pdbx_audit_revision_group.data_content_type 
_pdbx_audit_revision_group.group 
1 2 'Structure model' Advisory                    
2 2 'Structure model' 'Version format compliance' 
3 3 'Structure model' 'Data collection'           
4 3 'Structure model' 'Database references'       
5 3 'Structure model' 'Refinement description'    
6 4 'Structure model' 'Structure summary'         
# 
loop_
_pdbx_audit_revision_category.ordinal 
_pdbx_audit_revision_category.revision_ordinal 
_pdbx_audit_revision_category.data_content_type 
_pdbx_audit_revision_category.category 
1 3 'Structure model' chem_comp_atom                
2 3 'Structure model' chem_comp_bond                
3 3 'Structure model' database_2                    
4 3 'Structure model' pdbx_initial_refinement_model 
5 4 'Structure model' pdbx_entry_details            
6 4 'Structure model' pdbx_modification_feature     
# 
loop_
_pdbx_audit_revision_item.ordinal 
_pdbx_audit_revision_item.revision_ordinal 
_pdbx_audit_revision_item.data_content_type 
_pdbx_audit_revision_item.item 
1 3 'Structure model' '_database_2.pdbx_DOI'                
2 3 'Structure model' '_database_2.pdbx_database_accession' 
# 
_pdbx_database_status.status_code                     REL 
_pdbx_database_status.entry_id                        3CAB 
_pdbx_database_status.recvd_initial_deposition_date   2008-02-19 
_pdbx_database_status.deposit_site                    RCSB 
_pdbx_database_status.process_site                    PDBJ 
_pdbx_database_status.status_code_sf                  REL 
_pdbx_database_status.status_code_mr                  ? 
_pdbx_database_status.SG_entry                        ? 
_pdbx_database_status.pdb_format_compatible           Y 
_pdbx_database_status.status_code_cs                  ? 
_pdbx_database_status.status_code_nmr_data            ? 
_pdbx_database_status.methods_development_category    ? 
# 
loop_
_pdbx_database_related.db_name 
_pdbx_database_related.db_id 
_pdbx_database_related.details 
_pdbx_database_related.content_type 
PDB 3BJH 'The same protein in complex with the n-butyl benzenesulfonamide at pH 5.5' unspecified 
PDB 3BFA 'The same protein in complex with the queen mandibular pheromone at pH 5.5' unspecified 
PDB 3BFB 'The same protein in complex with the 9-keto-2(E)-decenoic acid at pH 5.5'  unspecified 
PDB 3BFH 'The same protein in complex with hexadecanoic acid at pH 5.5'              unspecified 
PDB 2H8V 'Uncomplexed form of the same protein'                                      unspecified 
# 
loop_
_audit_author.name 
_audit_author.pdbx_ordinal 
'Pesenti, M.E.'   1 
'Spinelli, S.'    2 
'Bezirard, V.'    3 
'Briand, L.'      4 
'Pernollet, J.C.' 5 
'Tegoni, M.'      6 
'Cambillau, C.'   7 
# 
_citation.id                        primary 
_citation.title                     'Structural basis of the honey bee PBP pheromone and pH-induced conformational change' 
_citation.journal_abbrev            J.Mol.Biol. 
_citation.journal_volume            380 
_citation.page_first                158 
_citation.page_last                 169 
_citation.year                      2008 
_citation.journal_id_ASTM           JMOBAK 
_citation.country                   UK 
_citation.journal_id_ISSN           0022-2836 
_citation.journal_id_CSD            0070 
_citation.book_publisher            ? 
_citation.pdbx_database_id_PubMed   18508083 
_citation.pdbx_database_id_DOI      10.1016/j.jmb.2008.04.048 
# 
loop_
_citation_author.citation_id 
_citation_author.name 
_citation_author.ordinal 
_citation_author.identifier_ORCID 
primary 'Pesenti, M.E.'   1 ? 
primary 'Spinelli, S.'    2 ? 
primary 'Bezirard, V.'    3 ? 
primary 'Briand, L.'      4 ? 
primary 'Pernollet, J.C.' 5 ? 
primary 'Tegoni, M.'      6 ? 
primary 'Cambillau, C.'   7 ? 
# 
loop_
_entity.id 
_entity.type 
_entity.src_method 
_entity.pdbx_description 
_entity.formula_weight 
_entity.pdbx_number_of_molecules 
_entity.pdbx_ec 
_entity.pdbx_mutation 
_entity.pdbx_fragment 
_entity.details 
1 polymer     man 'Pheromone-binding protein ASP1' 13194.789 1   ? ? 'UNP residues 26-144' ? 
2 non-polymer syn GLYCEROL                         92.094    3   ? ? ?                     ? 
3 water       nat water                            18.015    112 ? ? ?                     ? 
# 
_entity_poly.entity_id                      1 
_entity_poly.type                           'polypeptide(L)' 
_entity_poly.nstd_linkage                   no 
_entity_poly.nstd_monomer                   no 
_entity_poly.pdbx_seq_one_letter_code       
;APDWVPPEVFDLVAEDKARCMSEHGTTQAQIDDVDKGNLVNEPSITCYMYCLLEAFSLVDDEANVDEDIMLGLLPDQLQE
RAQSVMGKCLPTSGSDNCNKIYNLAKCVQESAPDVWFVI
;
_entity_poly.pdbx_seq_one_letter_code_can   
;APDWVPPEVFDLVAEDKARCMSEHGTTQAQIDDVDKGNLVNEPSITCYMYCLLEAFSLVDDEANVDEDIMLGLLPDQLQE
RAQSVMGKCLPTSGSDNCNKIYNLAKCVQESAPDVWFVI
;
_entity_poly.pdbx_strand_id                 A 
_entity_poly.pdbx_target_identifier         ? 
# 
loop_
_pdbx_entity_nonpoly.entity_id 
_pdbx_entity_nonpoly.name 
_pdbx_entity_nonpoly.comp_id 
2 GLYCEROL GOL 
3 water    HOH 
# 
loop_
_entity_poly_seq.entity_id 
_entity_poly_seq.num 
_entity_poly_seq.mon_id 
_entity_poly_seq.hetero 
1 1   ALA n 
1 2   PRO n 
1 3   ASP n 
1 4   TRP n 
1 5   VAL n 
1 6   PRO n 
1 7   PRO n 
1 8   GLU n 
1 9   VAL n 
1 10  PHE n 
1 11  ASP n 
1 12  LEU n 
1 13  VAL n 
1 14  ALA n 
1 15  GLU n 
1 16  ASP n 
1 17  LYS n 
1 18  ALA n 
1 19  ARG n 
1 20  CYS n 
1 21  MET n 
1 22  SER n 
1 23  GLU n 
1 24  HIS n 
1 25  GLY n 
1 26  THR n 
1 27  THR n 
1 28  GLN n 
1 29  ALA n 
1 30  GLN n 
1 31  ILE n 
1 32  ASP n 
1 33  ASP n 
1 34  VAL n 
1 35  ASP n 
1 36  LYS n 
1 37  GLY n 
1 38  ASN n 
1 39  LEU n 
1 40  VAL n 
1 41  ASN n 
1 42  GLU n 
1 43  PRO n 
1 44  SER n 
1 45  ILE n 
1 46  THR n 
1 47  CYS n 
1 48  TYR n 
1 49  MET n 
1 50  TYR n 
1 51  CYS n 
1 52  LEU n 
1 53  LEU n 
1 54  GLU n 
1 55  ALA n 
1 56  PHE n 
1 57  SER n 
1 58  LEU n 
1 59  VAL n 
1 60  ASP n 
1 61  ASP n 
1 62  GLU n 
1 63  ALA n 
1 64  ASN n 
1 65  VAL n 
1 66  ASP n 
1 67  GLU n 
1 68  ASP n 
1 69  ILE n 
1 70  MET n 
1 71  LEU n 
1 72  GLY n 
1 73  LEU n 
1 74  LEU n 
1 75  PRO n 
1 76  ASP n 
1 77  GLN n 
1 78  LEU n 
1 79  GLN n 
1 80  GLU n 
1 81  ARG n 
1 82  ALA n 
1 83  GLN n 
1 84  SER n 
1 85  VAL n 
1 86  MET n 
1 87  GLY n 
1 88  LYS n 
1 89  CYS n 
1 90  LEU n 
1 91  PRO n 
1 92  THR n 
1 93  SER n 
1 94  GLY n 
1 95  SER n 
1 96  ASP n 
1 97  ASN n 
1 98  CYS n 
1 99  ASN n 
1 100 LYS n 
1 101 ILE n 
1 102 TYR n 
1 103 ASN n 
1 104 LEU n 
1 105 ALA n 
1 106 LYS n 
1 107 CYS n 
1 108 VAL n 
1 109 GLN n 
1 110 GLU n 
1 111 SER n 
1 112 ALA n 
1 113 PRO n 
1 114 ASP n 
1 115 VAL n 
1 116 TRP n 
1 117 PHE n 
1 118 VAL n 
1 119 ILE n 
# 
_entity_src_gen.entity_id                          1 
_entity_src_gen.pdbx_src_id                        1 
_entity_src_gen.pdbx_alt_source_flag               sample 
_entity_src_gen.pdbx_seq_type                      ? 
_entity_src_gen.pdbx_beg_seq_num                   ? 
_entity_src_gen.pdbx_end_seq_num                   ? 
_entity_src_gen.gene_src_common_name               Honeybee 
_entity_src_gen.gene_src_genus                     ? 
_entity_src_gen.pdbx_gene_src_gene                 ? 
_entity_src_gen.gene_src_species                   ? 
_entity_src_gen.gene_src_strain                    ? 
_entity_src_gen.gene_src_tissue                    ? 
_entity_src_gen.gene_src_tissue_fraction           ? 
_entity_src_gen.gene_src_details                   ? 
_entity_src_gen.pdbx_gene_src_fragment             ? 
_entity_src_gen.pdbx_gene_src_scientific_name      'Apis mellifera' 
_entity_src_gen.pdbx_gene_src_ncbi_taxonomy_id     ? 
_entity_src_gen.pdbx_gene_src_variant              ? 
_entity_src_gen.pdbx_gene_src_cell_line            ? 
_entity_src_gen.pdbx_gene_src_atcc                 ? 
_entity_src_gen.pdbx_gene_src_organ                ? 
_entity_src_gen.pdbx_gene_src_organelle            ? 
_entity_src_gen.pdbx_gene_src_cell                 ? 
_entity_src_gen.pdbx_gene_src_cellular_location    ? 
_entity_src_gen.host_org_common_name               ? 
_entity_src_gen.pdbx_host_org_scientific_name      'Pichia pastoris' 
_entity_src_gen.pdbx_host_org_ncbi_taxonomy_id     ? 
_entity_src_gen.host_org_genus                     ? 
_entity_src_gen.pdbx_host_org_gene                 ? 
_entity_src_gen.pdbx_host_org_organ                ? 
_entity_src_gen.host_org_species                   ? 
_entity_src_gen.pdbx_host_org_tissue               ? 
_entity_src_gen.pdbx_host_org_tissue_fraction      ? 
_entity_src_gen.pdbx_host_org_strain               ? 
_entity_src_gen.pdbx_host_org_variant              ? 
_entity_src_gen.pdbx_host_org_cell_line            ? 
_entity_src_gen.pdbx_host_org_atcc                 ? 
_entity_src_gen.pdbx_host_org_culture_collection   ? 
_entity_src_gen.pdbx_host_org_cell                 ? 
_entity_src_gen.pdbx_host_org_organelle            ? 
_entity_src_gen.pdbx_host_org_cellular_location    ? 
_entity_src_gen.pdbx_host_org_vector_type          Plasmid 
_entity_src_gen.pdbx_host_org_vector               ? 
_entity_src_gen.host_org_details                   ? 
_entity_src_gen.expression_system_id               ? 
_entity_src_gen.plasmid_name                       pHIL-D2 
_entity_src_gen.plasmid_details                    ? 
_entity_src_gen.pdbx_description                   ? 
# 
loop_
_chem_comp.id 
_chem_comp.type 
_chem_comp.mon_nstd_flag 
_chem_comp.name 
_chem_comp.pdbx_synonyms 
_chem_comp.formula 
_chem_comp.formula_weight 
ALA 'L-peptide linking' y ALANINE         ?                               'C3 H7 N O2'     89.093  
ARG 'L-peptide linking' y ARGININE        ?                               'C6 H15 N4 O2 1' 175.209 
ASN 'L-peptide linking' y ASPARAGINE      ?                               'C4 H8 N2 O3'    132.118 
ASP 'L-peptide linking' y 'ASPARTIC ACID' ?                               'C4 H7 N O4'     133.103 
CYS 'L-peptide linking' y CYSTEINE        ?                               'C3 H7 N O2 S'   121.158 
GLN 'L-peptide linking' y GLUTAMINE       ?                               'C5 H10 N2 O3'   146.144 
GLU 'L-peptide linking' y 'GLUTAMIC ACID' ?                               'C5 H9 N O4'     147.129 
GLY 'peptide linking'   y GLYCINE         ?                               'C2 H5 N O2'     75.067  
GOL non-polymer         . GLYCEROL        'GLYCERIN; PROPANE-1,2,3-TRIOL' 'C3 H8 O3'       92.094  
HIS 'L-peptide linking' y HISTIDINE       ?                               'C6 H10 N3 O2 1' 156.162 
HOH non-polymer         . WATER           ?                               'H2 O'           18.015  
ILE 'L-peptide linking' y ISOLEUCINE      ?                               'C6 H13 N O2'    131.173 
LEU 'L-peptide linking' y LEUCINE         ?                               'C6 H13 N O2'    131.173 
LYS 'L-peptide linking' y LYSINE          ?                               'C6 H15 N2 O2 1' 147.195 
MET 'L-peptide linking' y METHIONINE      ?                               'C5 H11 N O2 S'  149.211 
PHE 'L-peptide linking' y PHENYLALANINE   ?                               'C9 H11 N O2'    165.189 
PRO 'L-peptide linking' y PROLINE         ?                               'C5 H9 N O2'     115.130 
SER 'L-peptide linking' y SERINE          ?                               'C3 H7 N O3'     105.093 
THR 'L-peptide linking' y THREONINE       ?                               'C4 H9 N O3'     119.119 
TRP 'L-peptide linking' y TRYPTOPHAN      ?                               'C11 H12 N2 O2'  204.225 
TYR 'L-peptide linking' y TYROSINE        ?                               'C9 H11 N O3'    181.189 
VAL 'L-peptide linking' y VALINE          ?                               'C5 H11 N O2'    117.146 
# 
loop_
_pdbx_poly_seq_scheme.asym_id 
_pdbx_poly_seq_scheme.entity_id 
_pdbx_poly_seq_scheme.seq_id 
_pdbx_poly_seq_scheme.mon_id 
_pdbx_poly_seq_scheme.ndb_seq_num 
_pdbx_poly_seq_scheme.pdb_seq_num 
_pdbx_poly_seq_scheme.auth_seq_num 
_pdbx_poly_seq_scheme.pdb_mon_id 
_pdbx_poly_seq_scheme.auth_mon_id 
_pdbx_poly_seq_scheme.pdb_strand_id 
_pdbx_poly_seq_scheme.pdb_ins_code 
_pdbx_poly_seq_scheme.hetero 
A 1 1   ALA 1   1   ?   ?   ?   A . n 
A 1 2   PRO 2   2   ?   ?   ?   A . n 
A 1 3   ASP 3   3   3   ASP ASP A . n 
A 1 4   TRP 4   4   4   TRP TRP A . n 
A 1 5   VAL 5   5   5   VAL VAL A . n 
A 1 6   PRO 6   6   6   PRO PRO A . n 
A 1 7   PRO 7   7   7   PRO PRO A . n 
A 1 8   GLU 8   8   8   GLU GLU A . n 
A 1 9   VAL 9   9   9   VAL VAL A . n 
A 1 10  PHE 10  10  10  PHE PHE A . n 
A 1 11  ASP 11  11  11  ASP ASP A . n 
A 1 12  LEU 12  12  12  LEU LEU A . n 
A 1 13  VAL 13  13  13  VAL VAL A . n 
A 1 14  ALA 14  14  14  ALA ALA A . n 
A 1 15  GLU 15  15  15  GLU GLU A . n 
A 1 16  ASP 16  16  16  ASP ASP A . n 
A 1 17  LYS 17  17  17  LYS LYS A . n 
A 1 18  ALA 18  18  18  ALA ALA A . n 
A 1 19  ARG 19  19  19  ARG ARG A . n 
A 1 20  CYS 20  20  20  CYS CYS A . n 
A 1 21  MET 21  21  21  MET MET A . n 
A 1 22  SER 22  22  22  SER SER A . n 
A 1 23  GLU 23  23  23  GLU GLU A . n 
A 1 24  HIS 24  24  24  HIS HIS A . n 
A 1 25  GLY 25  25  25  GLY GLY A . n 
A 1 26  THR 26  26  26  THR THR A . n 
A 1 27  THR 27  27  27  THR THR A . n 
A 1 28  GLN 28  28  28  GLN GLN A . n 
A 1 29  ALA 29  29  29  ALA ALA A . n 
A 1 30  GLN 30  30  30  GLN GLN A . n 
A 1 31  ILE 31  31  31  ILE ILE A . n 
A 1 32  ASP 32  32  32  ASP ASP A . n 
A 1 33  ASP 33  33  33  ASP ASP A . n 
A 1 34  VAL 34  34  34  VAL VAL A . n 
A 1 35  ASP 35  35  35  ASP ASP A . n 
A 1 36  LYS 36  36  36  LYS LYS A . n 
A 1 37  GLY 37  37  37  GLY GLY A . n 
A 1 38  ASN 38  38  38  ASN ASN A . n 
A 1 39  LEU 39  39  39  LEU LEU A . n 
A 1 40  VAL 40  40  40  VAL VAL A . n 
A 1 41  ASN 41  41  41  ASN ASN A . n 
A 1 42  GLU 42  42  42  GLU GLU A . n 
A 1 43  PRO 43  43  43  PRO PRO A . n 
A 1 44  SER 44  44  44  SER SER A . n 
A 1 45  ILE 45  45  45  ILE ILE A . n 
A 1 46  THR 46  46  46  THR THR A . n 
A 1 47  CYS 47  47  47  CYS CYS A . n 
A 1 48  TYR 48  48  48  TYR TYR A . n 
A 1 49  MET 49  49  49  MET MET A . n 
A 1 50  TYR 50  50  50  TYR TYR A . n 
A 1 51  CYS 51  51  51  CYS CYS A . n 
A 1 52  LEU 52  52  52  LEU LEU A . n 
A 1 53  LEU 53  53  53  LEU LEU A . n 
A 1 54  GLU 54  54  54  GLU GLU A . n 
A 1 55  ALA 55  55  55  ALA ALA A . n 
A 1 56  PHE 56  56  56  PHE PHE A . n 
A 1 57  SER 57  57  57  SER SER A . n 
A 1 58  LEU 58  58  58  LEU LEU A . n 
A 1 59  VAL 59  59  59  VAL VAL A . n 
A 1 60  ASP 60  60  60  ASP ASP A . n 
A 1 61  ASP 61  61  61  ASP ASP A . n 
A 1 62  GLU 62  62  62  GLU GLU A . n 
A 1 63  ALA 63  63  63  ALA ALA A . n 
A 1 64  ASN 64  64  64  ASN ASN A . n 
A 1 65  VAL 65  65  65  VAL VAL A . n 
A 1 66  ASP 66  66  66  ASP ASP A . n 
A 1 67  GLU 67  67  67  GLU GLU A . n 
A 1 68  ASP 68  68  68  ASP ASP A . n 
A 1 69  ILE 69  69  69  ILE ILE A . n 
A 1 70  MET 70  70  70  MET MET A . n 
A 1 71  LEU 71  71  71  LEU LEU A . n 
A 1 72  GLY 72  72  72  GLY GLY A . n 
A 1 73  LEU 73  73  73  LEU LEU A . n 
A 1 74  LEU 74  74  74  LEU LEU A . n 
A 1 75  PRO 75  75  75  PRO PRO A . n 
A 1 76  ASP 76  76  76  ASP ASP A . n 
A 1 77  GLN 77  77  77  GLN GLN A . n 
A 1 78  LEU 78  78  78  LEU LEU A . n 
A 1 79  GLN 79  79  79  GLN GLN A . n 
A 1 80  GLU 80  80  80  GLU GLU A . n 
A 1 81  ARG 81  81  81  ARG ARG A . n 
A 1 82  ALA 82  82  82  ALA ALA A . n 
A 1 83  GLN 83  83  83  GLN GLN A . n 
A 1 84  SER 84  84  84  SER SER A . n 
A 1 85  VAL 85  85  85  VAL VAL A . n 
A 1 86  MET 86  86  86  MET MET A . n 
A 1 87  GLY 87  87  87  GLY GLY A . n 
A 1 88  LYS 88  88  88  LYS LYS A . n 
A 1 89  CYS 89  89  89  CYS CYS A . n 
A 1 90  LEU 90  90  90  LEU LEU A . n 
A 1 91  PRO 91  91  91  PRO PRO A . n 
A 1 92  THR 92  92  92  THR THR A . n 
A 1 93  SER 93  93  93  SER SER A . n 
A 1 94  GLY 94  94  94  GLY GLY A . n 
A 1 95  SER 95  95  95  SER SER A . n 
A 1 96  ASP 96  96  96  ASP ASP A . n 
A 1 97  ASN 97  97  97  ASN ASN A . n 
A 1 98  CYS 98  98  98  CYS CYS A . n 
A 1 99  ASN 99  99  99  ASN ASN A . n 
A 1 100 LYS 100 100 100 LYS LYS A . n 
A 1 101 ILE 101 101 101 ILE ILE A . n 
A 1 102 TYR 102 102 102 TYR TYR A . n 
A 1 103 ASN 103 103 103 ASN ASN A . n 
A 1 104 LEU 104 104 104 LEU LEU A . n 
A 1 105 ALA 105 105 105 ALA ALA A . n 
A 1 106 LYS 106 106 106 LYS LYS A . n 
A 1 107 CYS 107 107 107 CYS CYS A . n 
A 1 108 VAL 108 108 108 VAL VAL A . n 
A 1 109 GLN 109 109 109 GLN GLN A . n 
A 1 110 GLU 110 110 110 GLU GLU A . n 
A 1 111 SER 111 111 111 SER SER A . n 
A 1 112 ALA 112 112 112 ALA ALA A . n 
A 1 113 PRO 113 113 113 PRO PRO A . n 
A 1 114 ASP 114 114 114 ASP ASP A . n 
A 1 115 VAL 115 115 115 VAL VAL A . n 
A 1 116 TRP 116 116 116 TRP TRP A . n 
A 1 117 PHE 117 117 117 PHE PHE A . n 
A 1 118 VAL 118 118 118 VAL VAL A . n 
A 1 119 ILE 119 119 119 ILE ILE A . n 
# 
loop_
_pdbx_nonpoly_scheme.asym_id 
_pdbx_nonpoly_scheme.entity_id 
_pdbx_nonpoly_scheme.mon_id 
_pdbx_nonpoly_scheme.ndb_seq_num 
_pdbx_nonpoly_scheme.pdb_seq_num 
_pdbx_nonpoly_scheme.auth_seq_num 
_pdbx_nonpoly_scheme.pdb_mon_id 
_pdbx_nonpoly_scheme.auth_mon_id 
_pdbx_nonpoly_scheme.pdb_strand_id 
_pdbx_nonpoly_scheme.pdb_ins_code 
B 2 GOL 1   120 1   GOL GOL A . 
C 2 GOL 1   121 2   GOL GOL A . 
D 2 GOL 1   122 3   GOL GOL A . 
E 3 HOH 1   123 3   HOH HOH A . 
E 3 HOH 2   124 4   HOH HOH A . 
E 3 HOH 3   125 5   HOH HOH A . 
E 3 HOH 4   126 6   HOH HOH A . 
E 3 HOH 5   127 7   HOH HOH A . 
E 3 HOH 6   128 8   HOH HOH A . 
E 3 HOH 7   129 9   HOH HOH A . 
E 3 HOH 8   130 10  HOH HOH A . 
E 3 HOH 9   131 11  HOH HOH A . 
E 3 HOH 10  132 12  HOH HOH A . 
E 3 HOH 11  133 13  HOH HOH A . 
E 3 HOH 12  134 14  HOH HOH A . 
E 3 HOH 13  135 15  HOH HOH A . 
E 3 HOH 14  136 16  HOH HOH A . 
E 3 HOH 15  137 17  HOH HOH A . 
E 3 HOH 16  138 18  HOH HOH A . 
E 3 HOH 17  139 19  HOH HOH A . 
E 3 HOH 18  140 20  HOH HOH A . 
E 3 HOH 19  141 21  HOH HOH A . 
E 3 HOH 20  142 22  HOH HOH A . 
E 3 HOH 21  143 23  HOH HOH A . 
E 3 HOH 22  144 24  HOH HOH A . 
E 3 HOH 23  145 25  HOH HOH A . 
E 3 HOH 24  146 26  HOH HOH A . 
E 3 HOH 25  147 28  HOH HOH A . 
E 3 HOH 26  148 29  HOH HOH A . 
E 3 HOH 27  149 30  HOH HOH A . 
E 3 HOH 28  150 31  HOH HOH A . 
E 3 HOH 29  151 32  HOH HOH A . 
E 3 HOH 30  152 33  HOH HOH A . 
E 3 HOH 31  153 34  HOH HOH A . 
E 3 HOH 32  154 35  HOH HOH A . 
E 3 HOH 33  155 36  HOH HOH A . 
E 3 HOH 34  156 37  HOH HOH A . 
E 3 HOH 35  157 38  HOH HOH A . 
E 3 HOH 36  158 39  HOH HOH A . 
E 3 HOH 37  159 40  HOH HOH A . 
E 3 HOH 38  160 43  HOH HOH A . 
E 3 HOH 39  161 44  HOH HOH A . 
E 3 HOH 40  162 45  HOH HOH A . 
E 3 HOH 41  163 47  HOH HOH A . 
E 3 HOH 42  164 49  HOH HOH A . 
E 3 HOH 43  165 50  HOH HOH A . 
E 3 HOH 44  166 52  HOH HOH A . 
E 3 HOH 45  167 54  HOH HOH A . 
E 3 HOH 46  168 55  HOH HOH A . 
E 3 HOH 47  169 56  HOH HOH A . 
E 3 HOH 48  170 57  HOH HOH A . 
E 3 HOH 49  171 59  HOH HOH A . 
E 3 HOH 50  172 60  HOH HOH A . 
E 3 HOH 51  173 61  HOH HOH A . 
E 3 HOH 52  174 62  HOH HOH A . 
E 3 HOH 53  175 65  HOH HOH A . 
E 3 HOH 54  176 66  HOH HOH A . 
E 3 HOH 55  177 67  HOH HOH A . 
E 3 HOH 56  178 69  HOH HOH A . 
E 3 HOH 57  179 72  HOH HOH A . 
E 3 HOH 58  180 74  HOH HOH A . 
E 3 HOH 59  181 76  HOH HOH A . 
E 3 HOH 60  182 78  HOH HOH A . 
E 3 HOH 61  183 79  HOH HOH A . 
E 3 HOH 62  184 85  HOH HOH A . 
E 3 HOH 63  185 86  HOH HOH A . 
E 3 HOH 64  186 88  HOH HOH A . 
E 3 HOH 65  187 89  HOH HOH A . 
E 3 HOH 66  188 91  HOH HOH A . 
E 3 HOH 67  189 92  HOH HOH A . 
E 3 HOH 68  190 93  HOH HOH A . 
E 3 HOH 69  191 94  HOH HOH A . 
E 3 HOH 70  192 96  HOH HOH A . 
E 3 HOH 71  193 98  HOH HOH A . 
E 3 HOH 72  194 99  HOH HOH A . 
E 3 HOH 73  195 100 HOH HOH A . 
E 3 HOH 74  196 105 HOH HOH A . 
E 3 HOH 75  197 106 HOH HOH A . 
E 3 HOH 76  198 107 HOH HOH A . 
E 3 HOH 77  199 108 HOH HOH A . 
E 3 HOH 78  200 109 HOH HOH A . 
E 3 HOH 79  201 114 HOH HOH A . 
E 3 HOH 80  202 116 HOH HOH A . 
E 3 HOH 81  203 117 HOH HOH A . 
E 3 HOH 82  204 122 HOH HOH A . 
E 3 HOH 83  205 123 HOH HOH A . 
E 3 HOH 84  206 124 HOH HOH A . 
E 3 HOH 85  207 125 HOH HOH A . 
E 3 HOH 86  208 126 HOH HOH A . 
E 3 HOH 87  209 128 HOH HOH A . 
E 3 HOH 88  210 129 HOH HOH A . 
E 3 HOH 89  211 130 HOH HOH A . 
E 3 HOH 90  212 131 HOH HOH A . 
E 3 HOH 91  213 132 HOH HOH A . 
E 3 HOH 92  214 133 HOH HOH A . 
E 3 HOH 93  215 134 HOH HOH A . 
E 3 HOH 94  216 135 HOH HOH A . 
E 3 HOH 95  217 136 HOH HOH A . 
E 3 HOH 96  218 137 HOH HOH A . 
E 3 HOH 97  219 138 HOH HOH A . 
E 3 HOH 98  220 139 HOH HOH A . 
E 3 HOH 99  221 142 HOH HOH A . 
E 3 HOH 100 222 146 HOH HOH A . 
E 3 HOH 101 223 151 HOH HOH A . 
E 3 HOH 102 224 157 HOH HOH A . 
E 3 HOH 103 225 160 HOH HOH A . 
E 3 HOH 104 226 163 HOH HOH A . 
E 3 HOH 105 227 167 HOH HOH A . 
E 3 HOH 106 228 174 HOH HOH A . 
E 3 HOH 107 229 175 HOH HOH A . 
E 3 HOH 108 230 176 HOH HOH A . 
E 3 HOH 109 231 185 HOH HOH A . 
E 3 HOH 110 232 186 HOH HOH A . 
E 3 HOH 111 233 187 HOH HOH A . 
E 3 HOH 112 234 188 HOH HOH A . 
# 
loop_
_software.name 
_software.classification 
_software.version 
_software.citation_id 
_software.pdbx_ordinal 
REFMAC refinement        5.2.0019 ? 1 
ADSC   'data collection' Quantum  ? 2 
MOSFLM 'data reduction'  .        ? 3 
SCALA  'data scaling'    .        ? 4 
REFMAC phasing           5.2.0019 ? 5 
# 
_cell.entry_id           3CAB 
_cell.length_a           75.478 
_cell.length_b           86.185 
_cell.length_c           49.557 
_cell.angle_alpha        90.00 
_cell.angle_beta         90.00 
_cell.angle_gamma        90.00 
_cell.Z_PDB              8 
_cell.pdbx_unique_axis   ? 
_cell.length_a_esd       ? 
_cell.length_b_esd       ? 
_cell.length_c_esd       ? 
_cell.angle_alpha_esd    ? 
_cell.angle_beta_esd     ? 
_cell.angle_gamma_esd    ? 
# 
_symmetry.entry_id                         3CAB 
_symmetry.space_group_name_H-M             'C 2 2 21' 
_symmetry.pdbx_full_space_group_name_H-M   ? 
_symmetry.cell_setting                     ? 
_symmetry.Int_Tables_number                20 
_symmetry.space_group_name_Hall            ? 
# 
_exptl.entry_id          3CAB 
_exptl.method            'X-RAY DIFFRACTION' 
_exptl.crystals_number   1 
# 
_exptl_crystal.id                    1 
_exptl_crystal.density_meas          ? 
_exptl_crystal.density_Matthews      3.05 
_exptl_crystal.density_percent_sol   59.72 
_exptl_crystal.description           ? 
_exptl_crystal.F_000                 ? 
_exptl_crystal.preparation           ? 
# 
_exptl_crystal_grow.crystal_id      1 
_exptl_crystal_grow.method          'VAPOR DIFFUSION, SITTING DROP' 
_exptl_crystal_grow.temp            293 
_exptl_crystal_grow.temp_details    ? 
_exptl_crystal_grow.pH              7.0 
_exptl_crystal_grow.pdbx_details    
;1.7M ammonium sulfate, 0.1M sodium citrate, pH5.5, crystal was soaked in same conditions at pH7.0, VAPOR DIFFUSION, SITTING DROP, temperature 293K
;
_exptl_crystal_grow.pdbx_pH_range   . 
# 
_diffrn.id                     1 
_diffrn.ambient_temp           100 
_diffrn.ambient_temp_details   ? 
_diffrn.crystal_id             1 
# 
_diffrn_detector.diffrn_id              1 
_diffrn_detector.detector               CCD 
_diffrn_detector.type                   'ADSC QUANTUM 315' 
_diffrn_detector.pdbx_collection_date   2007-09-07 
_diffrn_detector.details                'cylindrical gazing incidence mirror' 
# 
_diffrn_radiation.diffrn_id                        1 
_diffrn_radiation.wavelength_id                    1 
_diffrn_radiation.pdbx_monochromatic_or_laue_m_l   M 
_diffrn_radiation.monochromator                    'Si 111' 
_diffrn_radiation.pdbx_diffrn_protocol             'SINGLE WAVELENGTH' 
_diffrn_radiation.pdbx_scattering_type             x-ray 
# 
_diffrn_radiation_wavelength.id           1 
_diffrn_radiation_wavelength.wavelength   0.979 
_diffrn_radiation_wavelength.wt           1.0 
# 
_diffrn_source.diffrn_id                   1 
_diffrn_source.source                      SYNCHROTRON 
_diffrn_source.type                        'ESRF BEAMLINE ID29' 
_diffrn_source.pdbx_synchrotron_site       ESRF 
_diffrn_source.pdbx_synchrotron_beamline   ID29 
_diffrn_source.pdbx_wavelength             ? 
_diffrn_source.pdbx_wavelength_list        0.979 
# 
_reflns.entry_id                     3CAB 
_reflns.observed_criterion_sigma_F   ? 
_reflns.observed_criterion_sigma_I   0 
_reflns.d_resolution_high            1.95 
_reflns.d_resolution_low             56.80 
_reflns.number_all                   12126 
_reflns.number_obs                   12126 
_reflns.percent_possible_obs         99.9 
_reflns.pdbx_Rmerge_I_obs            0.060 
_reflns.pdbx_Rsym_value              0.060 
_reflns.pdbx_netI_over_sigmaI        21.8 
_reflns.B_iso_Wilson_estimate        29.57 
_reflns.pdbx_redundancy              5.9 
_reflns.R_free_details               ? 
_reflns.limit_h_max                  ? 
_reflns.limit_h_min                  ? 
_reflns.limit_k_max                  ? 
_reflns.limit_k_min                  ? 
_reflns.limit_l_max                  ? 
_reflns.limit_l_min                  ? 
_reflns.observed_criterion_F_max     ? 
_reflns.observed_criterion_F_min     ? 
_reflns.pdbx_chi_squared             ? 
_reflns.pdbx_scaling_rejects         ? 
_reflns.pdbx_ordinal                 1 
_reflns.pdbx_diffrn_id               1 
# 
_reflns_shell.d_res_high             1.95 
_reflns_shell.d_res_low              2.06 
_reflns_shell.percent_possible_all   99.9 
_reflns_shell.Rmerge_I_obs           0.413 
_reflns_shell.pdbx_Rsym_value        0.413 
_reflns_shell.meanI_over_sigI_obs    4.1 
_reflns_shell.pdbx_redundancy        5.9 
_reflns_shell.percent_possible_obs   ? 
_reflns_shell.number_unique_all      1733 
_reflns_shell.number_measured_all    ? 
_reflns_shell.number_measured_obs    ? 
_reflns_shell.number_unique_obs      ? 
_reflns_shell.pdbx_chi_squared       ? 
_reflns_shell.pdbx_ordinal           1 
_reflns_shell.pdbx_diffrn_id         1 
# 
_refine.entry_id                                 3CAB 
_refine.ls_number_reflns_obs                     11121 
_refine.ls_number_reflns_all                     11121 
_refine.pdbx_ls_sigma_I                          ? 
_refine.pdbx_ls_sigma_F                          0 
_refine.pdbx_data_cutoff_high_absF               ? 
_refine.pdbx_data_cutoff_low_absF                ? 
_refine.pdbx_data_cutoff_high_rms_absF           ? 
_refine.ls_d_res_low                             20.00 
_refine.ls_d_res_high                            1.95 
_refine.ls_percent_reflns_obs                    99.88 
_refine.ls_R_factor_obs                          0.17848 
_refine.ls_R_factor_all                          0.17848 
_refine.ls_R_factor_R_work                       0.17511 
_refine.ls_R_factor_R_free                       0.21714 
_refine.ls_R_factor_R_free_error                 ? 
_refine.ls_R_factor_R_free_error_details         ? 
_refine.ls_percent_reflns_R_free                 8.1 
_refine.ls_number_reflns_R_free                  976 
_refine.ls_number_parameters                     ? 
_refine.ls_number_restraints                     ? 
_refine.occupancy_min                            ? 
_refine.occupancy_max                            ? 
_refine.correlation_coeff_Fo_to_Fc               0.960 
_refine.correlation_coeff_Fo_to_Fc_free          0.942 
_refine.B_iso_mean                               37.149 
_refine.aniso_B[1][1]                            0.18 
_refine.aniso_B[2][2]                            -1.77 
_refine.aniso_B[3][3]                            1.59 
_refine.aniso_B[1][2]                            0.00 
_refine.aniso_B[1][3]                            0.00 
_refine.aniso_B[2][3]                            0.00 
_refine.solvent_model_details                    'BABINET MODEL WITH MASK' 
_refine.solvent_model_param_ksol                 ? 
_refine.solvent_model_param_bsol                 ? 
_refine.pdbx_solvent_vdw_probe_radii             1.20 
_refine.pdbx_solvent_ion_probe_radii             0.80 
_refine.pdbx_solvent_shrinkage_radii             0.80 
_refine.pdbx_ls_cross_valid_method               THROUGHOUT 
_refine.details                                  'HYDROGENS HAVE BEEN ADDED IN THE RIDING POSITIONS' 
_refine.pdbx_starting_model                      'PDB ENTRY 3BJH' 
_refine.pdbx_method_to_determine_struct          'FOURIER SYNTHESIS' 
_refine.pdbx_isotropic_thermal_model             ? 
_refine.pdbx_stereochemistry_target_values       'MAXIMUM LIKELIHOOD' 
_refine.pdbx_stereochem_target_val_spec_case     ? 
_refine.pdbx_R_Free_selection_details            RANDOM 
_refine.pdbx_overall_ESU_R                       0.137 
_refine.pdbx_overall_ESU_R_Free                  0.134 
_refine.overall_SU_ML                            0.090 
_refine.overall_SU_B                             5.921 
_refine.ls_redundancy_reflns_obs                 ? 
_refine.B_iso_min                                ? 
_refine.B_iso_max                                ? 
_refine.overall_SU_R_Cruickshank_DPI             ? 
_refine.overall_SU_R_free                        ? 
_refine.ls_wR_factor_R_free                      ? 
_refine.ls_wR_factor_R_work                      ? 
_refine.overall_FOM_free_R_set                   ? 
_refine.overall_FOM_work_R_set                   ? 
_refine.pdbx_overall_phase_error                 ? 
_refine.pdbx_refine_id                           'X-RAY DIFFRACTION' 
_refine.pdbx_TLS_residual_ADP_flag               'LIKELY RESIDUAL' 
_refine.pdbx_diffrn_id                           1 
_refine.pdbx_overall_SU_R_free_Cruickshank_DPI   ? 
_refine.pdbx_overall_SU_R_Blow_DPI               ? 
_refine.pdbx_overall_SU_R_free_Blow_DPI          ? 
# 
_refine_analyze.entry_id                        3CAB 
_refine_analyze.Luzzati_coordinate_error_obs    ? 
_refine_analyze.Luzzati_sigma_a_obs             ? 
_refine_analyze.Luzzati_d_res_low_obs           ? 
_refine_analyze.Luzzati_coordinate_error_free   0.134 
_refine_analyze.Luzzati_sigma_a_free            ? 
_refine_analyze.Luzzati_d_res_low_free          ? 
_refine_analyze.number_disordered_residues      ? 
_refine_analyze.occupancy_sum_non_hydrogen      ? 
_refine_analyze.occupancy_sum_hydrogen          ? 
_refine_analyze.pdbx_Luzzati_d_res_high_obs     ? 
_refine_analyze.pdbx_refine_id                  'X-RAY DIFFRACTION' 
# 
_refine_hist.pdbx_refine_id                   'X-RAY DIFFRACTION' 
_refine_hist.cycle_id                         LAST 
_refine_hist.pdbx_number_atoms_protein        907 
_refine_hist.pdbx_number_atoms_nucleic_acid   0 
_refine_hist.pdbx_number_atoms_ligand         18 
_refine_hist.number_atoms_solvent             112 
_refine_hist.number_atoms_total               1037 
_refine_hist.d_res_high                       1.95 
_refine_hist.d_res_low                        20.00 
# 
loop_
_refine_ls_restr.type 
_refine_ls_restr.dev_ideal 
_refine_ls_restr.dev_ideal_target 
_refine_ls_restr.weight 
_refine_ls_restr.number 
_refine_ls_restr.pdbx_refine_id 
_refine_ls_restr.pdbx_restraint_function 
r_bond_refined_d         0.013  0.022  ? 956  'X-RAY DIFFRACTION' ? 
r_bond_other_d           0.002  0.020  ? 628  'X-RAY DIFFRACTION' ? 
r_angle_refined_deg      1.362  1.981  ? 1301 'X-RAY DIFFRACTION' ? 
r_angle_other_deg        0.948  3.008  ? 1549 'X-RAY DIFFRACTION' ? 
r_dihedral_angle_1_deg   5.165  5.000  ? 120  'X-RAY DIFFRACTION' ? 
r_dihedral_angle_2_deg   36.114 27.174 ? 46   'X-RAY DIFFRACTION' ? 
r_dihedral_angle_3_deg   13.151 15.000 ? 162  'X-RAY DIFFRACTION' ? 
r_dihedral_angle_4_deg   7.026  15.000 ? 2    'X-RAY DIFFRACTION' ? 
r_chiral_restr           0.086  0.200  ? 146  'X-RAY DIFFRACTION' ? 
r_gen_planes_refined     0.006  0.020  ? 1057 'X-RAY DIFFRACTION' ? 
r_gen_planes_other       0.001  0.020  ? 159  'X-RAY DIFFRACTION' ? 
r_nbd_refined            0.213  0.200  ? 249  'X-RAY DIFFRACTION' ? 
r_nbd_other              0.190  0.200  ? 608  'X-RAY DIFFRACTION' ? 
r_nbtor_refined          0.177  0.200  ? 483  'X-RAY DIFFRACTION' ? 
r_nbtor_other            0.091  0.200  ? 448  'X-RAY DIFFRACTION' ? 
r_xyhbond_nbd_refined    0.197  0.200  ? 72   'X-RAY DIFFRACTION' ? 
r_symmetry_vdw_refined   0.239  0.200  ? 10   'X-RAY DIFFRACTION' ? 
r_symmetry_vdw_other     0.225  0.200  ? 21   'X-RAY DIFFRACTION' ? 
r_symmetry_hbond_refined 0.208  0.200  ? 17   'X-RAY DIFFRACTION' ? 
r_mcbond_it              0.812  1.500  ? 770  'X-RAY DIFFRACTION' ? 
r_mcbond_other           0.193  1.500  ? 235  'X-RAY DIFFRACTION' ? 
r_mcangle_it             1.011  2.000  ? 965  'X-RAY DIFFRACTION' ? 
r_scbond_it              1.559  3.000  ? 411  'X-RAY DIFFRACTION' ? 
r_scangle_it             2.164  4.500  ? 334  'X-RAY DIFFRACTION' ? 
# 
_refine_ls_shell.pdbx_total_number_of_bins_used   20 
_refine_ls_shell.d_res_high                       1.950 
_refine_ls_shell.d_res_low                        2.000 
_refine_ls_shell.number_reflns_R_work             802 
_refine_ls_shell.R_factor_R_work                  0.215 
_refine_ls_shell.percent_reflns_obs               99.88 
_refine_ls_shell.R_factor_R_free                  0.257 
_refine_ls_shell.R_factor_R_free_error            ? 
_refine_ls_shell.percent_reflns_R_free            ? 
_refine_ls_shell.number_reflns_R_free             61 
_refine_ls_shell.number_reflns_all                ? 
_refine_ls_shell.R_factor_all                     ? 
_refine_ls_shell.number_reflns_obs                ? 
_refine_ls_shell.redundancy_reflns_obs            ? 
_refine_ls_shell.pdbx_refine_id                   'X-RAY DIFFRACTION' 
# 
_struct.entry_id                  3CAB 
_struct.title                     'Crystal structure of a pheromone binding protein from Apis mellifera soaked at pH 7.0' 
_struct.pdbx_model_details        ? 
_struct.pdbx_CASP_flag            N 
_struct.pdbx_model_type_details   ? 
# 
_struct_keywords.entry_id        3CAB 
_struct_keywords.pdbx_keywords   'PHEROMONE-BINDING PROTEIN' 
_struct_keywords.text            
'honeybee, Apis mellifera, pheromone binding protein, signal transduction, queen mandibular pheromone, PHEROMONE-BINDING PROTEIN' 
# 
loop_
_struct_asym.id 
_struct_asym.pdbx_blank_PDB_chainid_flag 
_struct_asym.pdbx_modified 
_struct_asym.entity_id 
_struct_asym.details 
A N N 1 ? 
B N N 2 ? 
C N N 2 ? 
D N N 2 ? 
E N N 3 ? 
# 
_struct_ref.id                         1 
_struct_ref.db_name                    UNP 
_struct_ref.db_code                    Q9U9J6_APIME 
_struct_ref.pdbx_db_accession          Q9U9J6 
_struct_ref.entity_id                  1 
_struct_ref.pdbx_seq_one_letter_code   
;APDWVPPEVFDLVAEDKARCMSEHGTTQAQIDDVDKGNLVNEPSITCYMYCLLEAFSLVDDEANVDEDIMLGLLPDQLQE
RAQSVMGKCLPTSGSDNCNKIYNLAKCVQESAPDVWFVI
;
_struct_ref.pdbx_align_begin           26 
_struct_ref.pdbx_db_isoform            ? 
# 
_struct_ref_seq.align_id                      1 
_struct_ref_seq.ref_id                        1 
_struct_ref_seq.pdbx_PDB_id_code              3CAB 
_struct_ref_seq.pdbx_strand_id                A 
_struct_ref_seq.seq_align_beg                 1 
_struct_ref_seq.pdbx_seq_align_beg_ins_code   ? 
_struct_ref_seq.seq_align_end                 119 
_struct_ref_seq.pdbx_seq_align_end_ins_code   ? 
_struct_ref_seq.pdbx_db_accession             Q9U9J6 
_struct_ref_seq.db_align_beg                  26 
_struct_ref_seq.pdbx_db_align_beg_ins_code    ? 
_struct_ref_seq.db_align_end                  144 
_struct_ref_seq.pdbx_db_align_end_ins_code    ? 
_struct_ref_seq.pdbx_auth_seq_align_beg       1 
_struct_ref_seq.pdbx_auth_seq_align_end       119 
# 
_pdbx_struct_assembly.id                   1 
_pdbx_struct_assembly.details              author_and_software_defined_assembly 
_pdbx_struct_assembly.method_details       PISA 
_pdbx_struct_assembly.oligomeric_details   monomeric 
_pdbx_struct_assembly.oligomeric_count     1 
# 
_pdbx_struct_assembly_gen.assembly_id       1 
_pdbx_struct_assembly_gen.oper_expression   1 
_pdbx_struct_assembly_gen.asym_id_list      A,B,C,D,E 
# 
_pdbx_struct_oper_list.id                   1 
_pdbx_struct_oper_list.type                 'identity operation' 
_pdbx_struct_oper_list.name                 1_555 
_pdbx_struct_oper_list.symmetry_operation   x,y,z 
_pdbx_struct_oper_list.matrix[1][1]         1.0000000000 
_pdbx_struct_oper_list.matrix[1][2]         0.0000000000 
_pdbx_struct_oper_list.matrix[1][3]         0.0000000000 
_pdbx_struct_oper_list.vector[1]            0.0000000000 
_pdbx_struct_oper_list.matrix[2][1]         0.0000000000 
_pdbx_struct_oper_list.matrix[2][2]         1.0000000000 
_pdbx_struct_oper_list.matrix[2][3]         0.0000000000 
_pdbx_struct_oper_list.vector[2]            0.0000000000 
_pdbx_struct_oper_list.matrix[3][1]         0.0000000000 
_pdbx_struct_oper_list.matrix[3][2]         0.0000000000 
_pdbx_struct_oper_list.matrix[3][3]         1.0000000000 
_pdbx_struct_oper_list.vector[3]            0.0000000000 
# 
_struct_biol.id        1 
_struct_biol.details   ? 
# 
loop_
_struct_conf.conf_type_id 
_struct_conf.id 
_struct_conf.pdbx_PDB_helix_id 
_struct_conf.beg_label_comp_id 
_struct_conf.beg_label_asym_id 
_struct_conf.beg_label_seq_id 
_struct_conf.pdbx_beg_PDB_ins_code 
_struct_conf.end_label_comp_id 
_struct_conf.end_label_asym_id 
_struct_conf.end_label_seq_id 
_struct_conf.pdbx_end_PDB_ins_code 
_struct_conf.beg_auth_comp_id 
_struct_conf.beg_auth_asym_id 
_struct_conf.beg_auth_seq_id 
_struct_conf.end_auth_comp_id 
_struct_conf.end_auth_asym_id 
_struct_conf.end_auth_seq_id 
_struct_conf.pdbx_PDB_helix_class 
_struct_conf.details 
_struct_conf.pdbx_PDB_helix_length 
HELX_P HELX_P1 1 PRO A 6   ? VAL A 13  ? PRO A 6   VAL A 13  1 ? 8  
HELX_P HELX_P2 2 VAL A 13  ? GLY A 25  ? VAL A 13  GLY A 25  1 ? 13 
HELX_P HELX_P3 3 THR A 27  ? LYS A 36  ? THR A 27  LYS A 36  1 ? 10 
HELX_P HELX_P4 4 GLU A 42  ? PHE A 56  ? GLU A 42  PHE A 56  1 ? 15 
HELX_P HELX_P5 5 ASP A 66  ? LEU A 74  ? ASP A 66  LEU A 74  1 ? 9  
HELX_P HELX_P6 6 PRO A 75  ? GLN A 77  ? PRO A 75  GLN A 77  5 ? 3  
HELX_P HELX_P7 7 LEU A 78  ? LEU A 90  ? LEU A 78  LEU A 90  1 ? 13 
HELX_P HELX_P8 8 ASP A 96  ? ALA A 112 ? ASP A 96  ALA A 112 1 ? 17 
HELX_P HELX_P9 9 PRO A 113 ? TRP A 116 ? PRO A 113 TRP A 116 5 ? 4  
# 
_struct_conf_type.id          HELX_P 
_struct_conf_type.criteria    ? 
_struct_conf_type.reference   ? 
# 
loop_
_struct_conn.id 
_struct_conn.conn_type_id 
_struct_conn.pdbx_leaving_atom_flag 
_struct_conn.pdbx_PDB_id 
_struct_conn.ptnr1_label_asym_id 
_struct_conn.ptnr1_label_comp_id 
_struct_conn.ptnr1_label_seq_id 
_struct_conn.ptnr1_label_atom_id 
_struct_conn.pdbx_ptnr1_label_alt_id 
_struct_conn.pdbx_ptnr1_PDB_ins_code 
_struct_conn.pdbx_ptnr1_standard_comp_id 
_struct_conn.ptnr1_symmetry 
_struct_conn.ptnr2_label_asym_id 
_struct_conn.ptnr2_label_comp_id 
_struct_conn.ptnr2_label_seq_id 
_struct_conn.ptnr2_label_atom_id 
_struct_conn.pdbx_ptnr2_label_alt_id 
_struct_conn.pdbx_ptnr2_PDB_ins_code 
_struct_conn.ptnr1_auth_asym_id 
_struct_conn.ptnr1_auth_comp_id 
_struct_conn.ptnr1_auth_seq_id 
_struct_conn.ptnr2_auth_asym_id 
_struct_conn.ptnr2_auth_comp_id 
_struct_conn.ptnr2_auth_seq_id 
_struct_conn.ptnr2_symmetry 
_struct_conn.pdbx_ptnr3_label_atom_id 
_struct_conn.pdbx_ptnr3_label_seq_id 
_struct_conn.pdbx_ptnr3_label_comp_id 
_struct_conn.pdbx_ptnr3_label_asym_id 
_struct_conn.pdbx_ptnr3_label_alt_id 
_struct_conn.pdbx_ptnr3_PDB_ins_code 
_struct_conn.details 
_struct_conn.pdbx_dist_value 
_struct_conn.pdbx_value_order 
_struct_conn.pdbx_role 
disulf1 disulf ? ? A CYS 20 SG ? ? ? 1_555 A CYS 51  SG ? ? A CYS 20 A CYS 51  1_555 ? ? ? ? ? ? ? 2.031 ? ? 
disulf2 disulf ? ? A CYS 47 SG ? ? ? 1_555 A CYS 98  SG ? ? A CYS 47 A CYS 98  1_555 ? ? ? ? ? ? ? 2.052 ? ? 
disulf3 disulf ? ? A CYS 89 SG ? ? ? 1_555 A CYS 107 SG ? ? A CYS 89 A CYS 107 1_555 ? ? ? ? ? ? ? 2.052 ? ? 
# 
_struct_conn_type.id          disulf 
_struct_conn_type.criteria    ? 
_struct_conn_type.reference   ? 
# 
loop_
_pdbx_modification_feature.ordinal 
_pdbx_modification_feature.label_comp_id 
_pdbx_modification_feature.label_asym_id 
_pdbx_modification_feature.label_seq_id 
_pdbx_modification_feature.label_alt_id 
_pdbx_modification_feature.modified_residue_label_comp_id 
_pdbx_modification_feature.modified_residue_label_asym_id 
_pdbx_modification_feature.modified_residue_label_seq_id 
_pdbx_modification_feature.modified_residue_label_alt_id 
_pdbx_modification_feature.auth_comp_id 
_pdbx_modification_feature.auth_asym_id 
_pdbx_modification_feature.auth_seq_id 
_pdbx_modification_feature.PDB_ins_code 
_pdbx_modification_feature.symmetry 
_pdbx_modification_feature.modified_residue_auth_comp_id 
_pdbx_modification_feature.modified_residue_auth_asym_id 
_pdbx_modification_feature.modified_residue_auth_seq_id 
_pdbx_modification_feature.modified_residue_PDB_ins_code 
_pdbx_modification_feature.modified_residue_symmetry 
_pdbx_modification_feature.comp_id_linking_atom 
_pdbx_modification_feature.modified_residue_id_linking_atom 
_pdbx_modification_feature.modified_residue_id 
_pdbx_modification_feature.ref_pcm_id 
_pdbx_modification_feature.ref_comp_id 
_pdbx_modification_feature.type 
_pdbx_modification_feature.category 
1 CYS A 20 ? CYS A 51  ? CYS A 20 ? 1_555 CYS A 51  ? 1_555 SG SG . . . None 'Disulfide bridge' 
2 CYS A 47 ? CYS A 98  ? CYS A 47 ? 1_555 CYS A 98  ? 1_555 SG SG . . . None 'Disulfide bridge' 
3 CYS A 89 ? CYS A 107 ? CYS A 89 ? 1_555 CYS A 107 ? 1_555 SG SG . . . None 'Disulfide bridge' 
# 
_struct_mon_prot_cis.pdbx_id                1 
_struct_mon_prot_cis.label_comp_id          LEU 
_struct_mon_prot_cis.label_seq_id           90 
_struct_mon_prot_cis.label_asym_id          A 
_struct_mon_prot_cis.label_alt_id           . 
_struct_mon_prot_cis.pdbx_PDB_ins_code      ? 
_struct_mon_prot_cis.auth_comp_id           LEU 
_struct_mon_prot_cis.auth_seq_id            90 
_struct_mon_prot_cis.auth_asym_id           A 
_struct_mon_prot_cis.pdbx_label_comp_id_2   PRO 
_struct_mon_prot_cis.pdbx_label_seq_id_2    91 
_struct_mon_prot_cis.pdbx_label_asym_id_2   A 
_struct_mon_prot_cis.pdbx_PDB_ins_code_2    ? 
_struct_mon_prot_cis.pdbx_auth_comp_id_2    PRO 
_struct_mon_prot_cis.pdbx_auth_seq_id_2     91 
_struct_mon_prot_cis.pdbx_auth_asym_id_2    A 
_struct_mon_prot_cis.pdbx_PDB_model_num     1 
_struct_mon_prot_cis.pdbx_omega_angle       0.20 
# 
_pdbx_entry_details.entry_id                   3CAB 
_pdbx_entry_details.compound_details           ? 
_pdbx_entry_details.source_details             ? 
_pdbx_entry_details.nonpolymer_details         ? 
_pdbx_entry_details.sequence_details           ? 
_pdbx_entry_details.has_ligand_of_interest     ? 
_pdbx_entry_details.has_protein_modification   Y 
# 
_pdbx_validate_torsion.id              1 
_pdbx_validate_torsion.PDB_model_num   1 
_pdbx_validate_torsion.auth_comp_id    ALA 
_pdbx_validate_torsion.auth_asym_id    A 
_pdbx_validate_torsion.auth_seq_id     112 
_pdbx_validate_torsion.PDB_ins_code    ? 
_pdbx_validate_torsion.label_alt_id    ? 
_pdbx_validate_torsion.phi             -169.10 
_pdbx_validate_torsion.psi             92.57 
# 
loop_
_pdbx_struct_special_symmetry.id 
_pdbx_struct_special_symmetry.PDB_model_num 
_pdbx_struct_special_symmetry.auth_asym_id 
_pdbx_struct_special_symmetry.auth_comp_id 
_pdbx_struct_special_symmetry.auth_seq_id 
_pdbx_struct_special_symmetry.PDB_ins_code 
_pdbx_struct_special_symmetry.label_asym_id 
_pdbx_struct_special_symmetry.label_comp_id 
_pdbx_struct_special_symmetry.label_seq_id 
1 1 A HOH 124 ? E HOH . 
2 1 A HOH 134 ? E HOH . 
3 1 A HOH 147 ? E HOH . 
4 1 A HOH 167 ? E HOH . 
5 1 A HOH 210 ? E HOH . 
# 
loop_
_pdbx_refine_tls.id 
_pdbx_refine_tls.details 
_pdbx_refine_tls.method 
_pdbx_refine_tls.origin_x 
_pdbx_refine_tls.origin_y 
_pdbx_refine_tls.origin_z 
_pdbx_refine_tls.T[1][1] 
_pdbx_refine_tls.T[2][2] 
_pdbx_refine_tls.T[3][3] 
_pdbx_refine_tls.T[1][2] 
_pdbx_refine_tls.T[1][3] 
_pdbx_refine_tls.T[2][3] 
_pdbx_refine_tls.L[1][1] 
_pdbx_refine_tls.L[2][2] 
_pdbx_refine_tls.L[3][3] 
_pdbx_refine_tls.L[1][2] 
_pdbx_refine_tls.L[1][3] 
_pdbx_refine_tls.L[2][3] 
_pdbx_refine_tls.S[1][1] 
_pdbx_refine_tls.S[1][2] 
_pdbx_refine_tls.S[1][3] 
_pdbx_refine_tls.S[2][1] 
_pdbx_refine_tls.S[2][2] 
_pdbx_refine_tls.S[2][3] 
_pdbx_refine_tls.S[3][1] 
_pdbx_refine_tls.S[3][2] 
_pdbx_refine_tls.S[3][3] 
_pdbx_refine_tls.pdbx_refine_id 
1 ? refined 2.0246  4.7798  -1.8056 -0.1430 -0.1072 -0.2382 0.0245  -0.0061 -0.0077 2.2807 5.5890 1.6569  -1.6141 -0.2107 -0.0807 -0.2327 -0.3917 0.1362  0.7336 0.2632  -0.0837 0.0334  -0.1651 -0.0305 'X-RAY DIFFRACTION' 
2 ? refined 0.6095  -8.4400 9.7466  0.1354  -0.0616 -0.0980 -0.0892 -0.0012 0.0881  6.8731 3.9054 12.3105 2.9276  4.2769  2.4355  -0.0899 -0.1334 -0.0284 0.2044 -0.0218 -0.1795 -0.5031 0.5759  0.1116  'X-RAY DIFFRACTION' 
3 ? refined -4.4499 -3.9795 -2.1234 -0.1196 -0.1114 -0.1776 -0.0204 -0.0042 0.0043  8.4348 9.3265 10.1592 1.6424  -5.5188 -5.5067 0.2061  -0.2702 0.0890  0.9341 0.1379  0.4450  -0.4518 -0.3962 -0.3440 'X-RAY DIFFRACTION' 
# 
loop_
_pdbx_refine_tls_group.id 
_pdbx_refine_tls_group.refine_tls_id 
_pdbx_refine_tls_group.beg_auth_asym_id 
_pdbx_refine_tls_group.beg_auth_seq_id 
_pdbx_refine_tls_group.beg_label_asym_id 
_pdbx_refine_tls_group.beg_label_seq_id 
_pdbx_refine_tls_group.end_auth_asym_id 
_pdbx_refine_tls_group.end_auth_seq_id 
_pdbx_refine_tls_group.end_label_asym_id 
_pdbx_refine_tls_group.end_label_seq_id 
_pdbx_refine_tls_group.selection 
_pdbx_refine_tls_group.pdbx_refine_id 
_pdbx_refine_tls_group.selection_details 
1 1 A 3  A 3  A 69  A 69  ? 'X-RAY DIFFRACTION' ? 
2 2 A 70 A 70 A 88  A 88  ? 'X-RAY DIFFRACTION' ? 
3 3 A 89 A 89 A 119 A 119 ? 'X-RAY DIFFRACTION' ? 
# 
loop_
_pdbx_unobs_or_zero_occ_residues.id 
_pdbx_unobs_or_zero_occ_residues.PDB_model_num 
_pdbx_unobs_or_zero_occ_residues.polymer_flag 
_pdbx_unobs_or_zero_occ_residues.occupancy_flag 
_pdbx_unobs_or_zero_occ_residues.auth_asym_id 
_pdbx_unobs_or_zero_occ_residues.auth_comp_id 
_pdbx_unobs_or_zero_occ_residues.auth_seq_id 
_pdbx_unobs_or_zero_occ_residues.PDB_ins_code 
_pdbx_unobs_or_zero_occ_residues.label_asym_id 
_pdbx_unobs_or_zero_occ_residues.label_comp_id 
_pdbx_unobs_or_zero_occ_residues.label_seq_id 
1 1 Y 1 A ALA 1 ? A ALA 1 
2 1 Y 1 A PRO 2 ? A PRO 2 
# 
loop_
_chem_comp_atom.comp_id 
_chem_comp_atom.atom_id 
_chem_comp_atom.type_symbol 
_chem_comp_atom.pdbx_aromatic_flag 
_chem_comp_atom.pdbx_stereo_config 
_chem_comp_atom.pdbx_ordinal 
ALA N    N N N 1   
ALA CA   C N S 2   
ALA C    C N N 3   
ALA O    O N N 4   
ALA CB   C N N 5   
ALA OXT  O N N 6   
ALA H    H N N 7   
ALA H2   H N N 8   
ALA HA   H N N 9   
ALA HB1  H N N 10  
ALA HB2  H N N 11  
ALA HB3  H N N 12  
ALA HXT  H N N 13  
ARG N    N N N 14  
ARG CA   C N S 15  
ARG C    C N N 16  
ARG O    O N N 17  
ARG CB   C N N 18  
ARG CG   C N N 19  
ARG CD   C N N 20  
ARG NE   N N N 21  
ARG CZ   C N N 22  
ARG NH1  N N N 23  
ARG NH2  N N N 24  
ARG OXT  O N N 25  
ARG H    H N N 26  
ARG H2   H N N 27  
ARG HA   H N N 28  
ARG HB2  H N N 29  
ARG HB3  H N N 30  
ARG HG2  H N N 31  
ARG HG3  H N N 32  
ARG HD2  H N N 33  
ARG HD3  H N N 34  
ARG HE   H N N 35  
ARG HH11 H N N 36  
ARG HH12 H N N 37  
ARG HH21 H N N 38  
ARG HH22 H N N 39  
ARG HXT  H N N 40  
ASN N    N N N 41  
ASN CA   C N S 42  
ASN C    C N N 43  
ASN O    O N N 44  
ASN CB   C N N 45  
ASN CG   C N N 46  
ASN OD1  O N N 47  
ASN ND2  N N N 48  
ASN OXT  O N N 49  
ASN H    H N N 50  
ASN H2   H N N 51  
ASN HA   H N N 52  
ASN HB2  H N N 53  
ASN HB3  H N N 54  
ASN HD21 H N N 55  
ASN HD22 H N N 56  
ASN HXT  H N N 57  
ASP N    N N N 58  
ASP CA   C N S 59  
ASP C    C N N 60  
ASP O    O N N 61  
ASP CB   C N N 62  
ASP CG   C N N 63  
ASP OD1  O N N 64  
ASP OD2  O N N 65  
ASP OXT  O N N 66  
ASP H    H N N 67  
ASP H2   H N N 68  
ASP HA   H N N 69  
ASP HB2  H N N 70  
ASP HB3  H N N 71  
ASP HD2  H N N 72  
ASP HXT  H N N 73  
CYS N    N N N 74  
CYS CA   C N R 75  
CYS C    C N N 76  
CYS O    O N N 77  
CYS CB   C N N 78  
CYS SG   S N N 79  
CYS OXT  O N N 80  
CYS H    H N N 81  
CYS H2   H N N 82  
CYS HA   H N N 83  
CYS HB2  H N N 84  
CYS HB3  H N N 85  
CYS HG   H N N 86  
CYS HXT  H N N 87  
GLN N    N N N 88  
GLN CA   C N S 89  
GLN C    C N N 90  
GLN O    O N N 91  
GLN CB   C N N 92  
GLN CG   C N N 93  
GLN CD   C N N 94  
GLN OE1  O N N 95  
GLN NE2  N N N 96  
GLN OXT  O N N 97  
GLN H    H N N 98  
GLN H2   H N N 99  
GLN HA   H N N 100 
GLN HB2  H N N 101 
GLN HB3  H N N 102 
GLN HG2  H N N 103 
GLN HG3  H N N 104 
GLN HE21 H N N 105 
GLN HE22 H N N 106 
GLN HXT  H N N 107 
GLU N    N N N 108 
GLU CA   C N S 109 
GLU C    C N N 110 
GLU O    O N N 111 
GLU CB   C N N 112 
GLU CG   C N N 113 
GLU CD   C N N 114 
GLU OE1  O N N 115 
GLU OE2  O N N 116 
GLU OXT  O N N 117 
GLU H    H N N 118 
GLU H2   H N N 119 
GLU HA   H N N 120 
GLU HB2  H N N 121 
GLU HB3  H N N 122 
GLU HG2  H N N 123 
GLU HG3  H N N 124 
GLU HE2  H N N 125 
GLU HXT  H N N 126 
GLY N    N N N 127 
GLY CA   C N N 128 
GLY C    C N N 129 
GLY O    O N N 130 
GLY OXT  O N N 131 
GLY H    H N N 132 
GLY H2   H N N 133 
GLY HA2  H N N 134 
GLY HA3  H N N 135 
GLY HXT  H N N 136 
GOL C1   C N N 137 
GOL O1   O N N 138 
GOL C2   C N N 139 
GOL O2   O N N 140 
GOL C3   C N N 141 
GOL O3   O N N 142 
GOL H11  H N N 143 
GOL H12  H N N 144 
GOL HO1  H N N 145 
GOL H2   H N N 146 
GOL HO2  H N N 147 
GOL H31  H N N 148 
GOL H32  H N N 149 
GOL HO3  H N N 150 
HIS N    N N N 151 
HIS CA   C N S 152 
HIS C    C N N 153 
HIS O    O N N 154 
HIS CB   C N N 155 
HIS CG   C Y N 156 
HIS ND1  N Y N 157 
HIS CD2  C Y N 158 
HIS CE1  C Y N 159 
HIS NE2  N Y N 160 
HIS OXT  O N N 161 
HIS H    H N N 162 
HIS H2   H N N 163 
HIS HA   H N N 164 
HIS HB2  H N N 165 
HIS HB3  H N N 166 
HIS HD1  H N N 167 
HIS HD2  H N N 168 
HIS HE1  H N N 169 
HIS HE2  H N N 170 
HIS HXT  H N N 171 
HOH O    O N N 172 
HOH H1   H N N 173 
HOH H2   H N N 174 
ILE N    N N N 175 
ILE CA   C N S 176 
ILE C    C N N 177 
ILE O    O N N 178 
ILE CB   C N S 179 
ILE CG1  C N N 180 
ILE CG2  C N N 181 
ILE CD1  C N N 182 
ILE OXT  O N N 183 
ILE H    H N N 184 
ILE H2   H N N 185 
ILE HA   H N N 186 
ILE HB   H N N 187 
ILE HG12 H N N 188 
ILE HG13 H N N 189 
ILE HG21 H N N 190 
ILE HG22 H N N 191 
ILE HG23 H N N 192 
ILE HD11 H N N 193 
ILE HD12 H N N 194 
ILE HD13 H N N 195 
ILE HXT  H N N 196 
LEU N    N N N 197 
LEU CA   C N S 198 
LEU C    C N N 199 
LEU O    O N N 200 
LEU CB   C N N 201 
LEU CG   C N N 202 
LEU CD1  C N N 203 
LEU CD2  C N N 204 
LEU OXT  O N N 205 
LEU H    H N N 206 
LEU H2   H N N 207 
LEU HA   H N N 208 
LEU HB2  H N N 209 
LEU HB3  H N N 210 
LEU HG   H N N 211 
LEU HD11 H N N 212 
LEU HD12 H N N 213 
LEU HD13 H N N 214 
LEU HD21 H N N 215 
LEU HD22 H N N 216 
LEU HD23 H N N 217 
LEU HXT  H N N 218 
LYS N    N N N 219 
LYS CA   C N S 220 
LYS C    C N N 221 
LYS O    O N N 222 
LYS CB   C N N 223 
LYS CG   C N N 224 
LYS CD   C N N 225 
LYS CE   C N N 226 
LYS NZ   N N N 227 
LYS OXT  O N N 228 
LYS H    H N N 229 
LYS H2   H N N 230 
LYS HA   H N N 231 
LYS HB2  H N N 232 
LYS HB3  H N N 233 
LYS HG2  H N N 234 
LYS HG3  H N N 235 
LYS HD2  H N N 236 
LYS HD3  H N N 237 
LYS HE2  H N N 238 
LYS HE3  H N N 239 
LYS HZ1  H N N 240 
LYS HZ2  H N N 241 
LYS HZ3  H N N 242 
LYS HXT  H N N 243 
MET N    N N N 244 
MET CA   C N S 245 
MET C    C N N 246 
MET O    O N N 247 
MET CB   C N N 248 
MET CG   C N N 249 
MET SD   S N N 250 
MET CE   C N N 251 
MET OXT  O N N 252 
MET H    H N N 253 
MET H2   H N N 254 
MET HA   H N N 255 
MET HB2  H N N 256 
MET HB3  H N N 257 
MET HG2  H N N 258 
MET HG3  H N N 259 
MET HE1  H N N 260 
MET HE2  H N N 261 
MET HE3  H N N 262 
MET HXT  H N N 263 
PHE N    N N N 264 
PHE CA   C N S 265 
PHE C    C N N 266 
PHE O    O N N 267 
PHE CB   C N N 268 
PHE CG   C Y N 269 
PHE CD1  C Y N 270 
PHE CD2  C Y N 271 
PHE CE1  C Y N 272 
PHE CE2  C Y N 273 
PHE CZ   C Y N 274 
PHE OXT  O N N 275 
PHE H    H N N 276 
PHE H2   H N N 277 
PHE HA   H N N 278 
PHE HB2  H N N 279 
PHE HB3  H N N 280 
PHE HD1  H N N 281 
PHE HD2  H N N 282 
PHE HE1  H N N 283 
PHE HE2  H N N 284 
PHE HZ   H N N 285 
PHE HXT  H N N 286 
PRO N    N N N 287 
PRO CA   C N S 288 
PRO C    C N N 289 
PRO O    O N N 290 
PRO CB   C N N 291 
PRO CG   C N N 292 
PRO CD   C N N 293 
PRO OXT  O N N 294 
PRO H    H N N 295 
PRO HA   H N N 296 
PRO HB2  H N N 297 
PRO HB3  H N N 298 
PRO HG2  H N N 299 
PRO HG3  H N N 300 
PRO HD2  H N N 301 
PRO HD3  H N N 302 
PRO HXT  H N N 303 
SER N    N N N 304 
SER CA   C N S 305 
SER C    C N N 306 
SER O    O N N 307 
SER CB   C N N 308 
SER OG   O N N 309 
SER OXT  O N N 310 
SER H    H N N 311 
SER H2   H N N 312 
SER HA   H N N 313 
SER HB2  H N N 314 
SER HB3  H N N 315 
SER HG   H N N 316 
SER HXT  H N N 317 
THR N    N N N 318 
THR CA   C N S 319 
THR C    C N N 320 
THR O    O N N 321 
THR CB   C N R 322 
THR OG1  O N N 323 
THR CG2  C N N 324 
THR OXT  O N N 325 
THR H    H N N 326 
THR H2   H N N 327 
THR HA   H N N 328 
THR HB   H N N 329 
THR HG1  H N N 330 
THR HG21 H N N 331 
THR HG22 H N N 332 
THR HG23 H N N 333 
THR HXT  H N N 334 
TRP N    N N N 335 
TRP CA   C N S 336 
TRP C    C N N 337 
TRP O    O N N 338 
TRP CB   C N N 339 
TRP CG   C Y N 340 
TRP CD1  C Y N 341 
TRP CD2  C Y N 342 
TRP NE1  N Y N 343 
TRP CE2  C Y N 344 
TRP CE3  C Y N 345 
TRP CZ2  C Y N 346 
TRP CZ3  C Y N 347 
TRP CH2  C Y N 348 
TRP OXT  O N N 349 
TRP H    H N N 350 
TRP H2   H N N 351 
TRP HA   H N N 352 
TRP HB2  H N N 353 
TRP HB3  H N N 354 
TRP HD1  H N N 355 
TRP HE1  H N N 356 
TRP HE3  H N N 357 
TRP HZ2  H N N 358 
TRP HZ3  H N N 359 
TRP HH2  H N N 360 
TRP HXT  H N N 361 
TYR N    N N N 362 
TYR CA   C N S 363 
TYR C    C N N 364 
TYR O    O N N 365 
TYR CB   C N N 366 
TYR CG   C Y N 367 
TYR CD1  C Y N 368 
TYR CD2  C Y N 369 
TYR CE1  C Y N 370 
TYR CE2  C Y N 371 
TYR CZ   C Y N 372 
TYR OH   O N N 373 
TYR OXT  O N N 374 
TYR H    H N N 375 
TYR H2   H N N 376 
TYR HA   H N N 377 
TYR HB2  H N N 378 
TYR HB3  H N N 379 
TYR HD1  H N N 380 
TYR HD2  H N N 381 
TYR HE1  H N N 382 
TYR HE2  H N N 383 
TYR HH   H N N 384 
TYR HXT  H N N 385 
VAL N    N N N 386 
VAL CA   C N S 387 
VAL C    C N N 388 
VAL O    O N N 389 
VAL CB   C N N 390 
VAL CG1  C N N 391 
VAL CG2  C N N 392 
VAL OXT  O N N 393 
VAL H    H N N 394 
VAL H2   H N N 395 
VAL HA   H N N 396 
VAL HB   H N N 397 
VAL HG11 H N N 398 
VAL HG12 H N N 399 
VAL HG13 H N N 400 
VAL HG21 H N N 401 
VAL HG22 H N N 402 
VAL HG23 H N N 403 
VAL HXT  H N N 404 
# 
loop_
_chem_comp_bond.comp_id 
_chem_comp_bond.atom_id_1 
_chem_comp_bond.atom_id_2 
_chem_comp_bond.value_order 
_chem_comp_bond.pdbx_aromatic_flag 
_chem_comp_bond.pdbx_stereo_config 
_chem_comp_bond.pdbx_ordinal 
ALA N   CA   sing N N 1   
ALA N   H    sing N N 2   
ALA N   H2   sing N N 3   
ALA CA  C    sing N N 4   
ALA CA  CB   sing N N 5   
ALA CA  HA   sing N N 6   
ALA C   O    doub N N 7   
ALA C   OXT  sing N N 8   
ALA CB  HB1  sing N N 9   
ALA CB  HB2  sing N N 10  
ALA CB  HB3  sing N N 11  
ALA OXT HXT  sing N N 12  
ARG N   CA   sing N N 13  
ARG N   H    sing N N 14  
ARG N   H2   sing N N 15  
ARG CA  C    sing N N 16  
ARG CA  CB   sing N N 17  
ARG CA  HA   sing N N 18  
ARG C   O    doub N N 19  
ARG C   OXT  sing N N 20  
ARG CB  CG   sing N N 21  
ARG CB  HB2  sing N N 22  
ARG CB  HB3  sing N N 23  
ARG CG  CD   sing N N 24  
ARG CG  HG2  sing N N 25  
ARG CG  HG3  sing N N 26  
ARG CD  NE   sing N N 27  
ARG CD  HD2  sing N N 28  
ARG CD  HD3  sing N N 29  
ARG NE  CZ   sing N N 30  
ARG NE  HE   sing N N 31  
ARG CZ  NH1  sing N N 32  
ARG CZ  NH2  doub N N 33  
ARG NH1 HH11 sing N N 34  
ARG NH1 HH12 sing N N 35  
ARG NH2 HH21 sing N N 36  
ARG NH2 HH22 sing N N 37  
ARG OXT HXT  sing N N 38  
ASN N   CA   sing N N 39  
ASN N   H    sing N N 40  
ASN N   H2   sing N N 41  
ASN CA  C    sing N N 42  
ASN CA  CB   sing N N 43  
ASN CA  HA   sing N N 44  
ASN C   O    doub N N 45  
ASN C   OXT  sing N N 46  
ASN CB  CG   sing N N 47  
ASN CB  HB2  sing N N 48  
ASN CB  HB3  sing N N 49  
ASN CG  OD1  doub N N 50  
ASN CG  ND2  sing N N 51  
ASN ND2 HD21 sing N N 52  
ASN ND2 HD22 sing N N 53  
ASN OXT HXT  sing N N 54  
ASP N   CA   sing N N 55  
ASP N   H    sing N N 56  
ASP N   H2   sing N N 57  
ASP CA  C    sing N N 58  
ASP CA  CB   sing N N 59  
ASP CA  HA   sing N N 60  
ASP C   O    doub N N 61  
ASP C   OXT  sing N N 62  
ASP CB  CG   sing N N 63  
ASP CB  HB2  sing N N 64  
ASP CB  HB3  sing N N 65  
ASP CG  OD1  doub N N 66  
ASP CG  OD2  sing N N 67  
ASP OD2 HD2  sing N N 68  
ASP OXT HXT  sing N N 69  
CYS N   CA   sing N N 70  
CYS N   H    sing N N 71  
CYS N   H2   sing N N 72  
CYS CA  C    sing N N 73  
CYS CA  CB   sing N N 74  
CYS CA  HA   sing N N 75  
CYS C   O    doub N N 76  
CYS C   OXT  sing N N 77  
CYS CB  SG   sing N N 78  
CYS CB  HB2  sing N N 79  
CYS CB  HB3  sing N N 80  
CYS SG  HG   sing N N 81  
CYS OXT HXT  sing N N 82  
GLN N   CA   sing N N 83  
GLN N   H    sing N N 84  
GLN N   H2   sing N N 85  
GLN CA  C    sing N N 86  
GLN CA  CB   sing N N 87  
GLN CA  HA   sing N N 88  
GLN C   O    doub N N 89  
GLN C   OXT  sing N N 90  
GLN CB  CG   sing N N 91  
GLN CB  HB2  sing N N 92  
GLN CB  HB3  sing N N 93  
GLN CG  CD   sing N N 94  
GLN CG  HG2  sing N N 95  
GLN CG  HG3  sing N N 96  
GLN CD  OE1  doub N N 97  
GLN CD  NE2  sing N N 98  
GLN NE2 HE21 sing N N 99  
GLN NE2 HE22 sing N N 100 
GLN OXT HXT  sing N N 101 
GLU N   CA   sing N N 102 
GLU N   H    sing N N 103 
GLU N   H2   sing N N 104 
GLU CA  C    sing N N 105 
GLU CA  CB   sing N N 106 
GLU CA  HA   sing N N 107 
GLU C   O    doub N N 108 
GLU C   OXT  sing N N 109 
GLU CB  CG   sing N N 110 
GLU CB  HB2  sing N N 111 
GLU CB  HB3  sing N N 112 
GLU CG  CD   sing N N 113 
GLU CG  HG2  sing N N 114 
GLU CG  HG3  sing N N 115 
GLU CD  OE1  doub N N 116 
GLU CD  OE2  sing N N 117 
GLU OE2 HE2  sing N N 118 
GLU OXT HXT  sing N N 119 
GLY N   CA   sing N N 120 
GLY N   H    sing N N 121 
GLY N   H2   sing N N 122 
GLY CA  C    sing N N 123 
GLY CA  HA2  sing N N 124 
GLY CA  HA3  sing N N 125 
GLY C   O    doub N N 126 
GLY C   OXT  sing N N 127 
GLY OXT HXT  sing N N 128 
GOL C1  O1   sing N N 129 
GOL C1  C2   sing N N 130 
GOL C1  H11  sing N N 131 
GOL C1  H12  sing N N 132 
GOL O1  HO1  sing N N 133 
GOL C2  O2   sing N N 134 
GOL C2  C3   sing N N 135 
GOL C2  H2   sing N N 136 
GOL O2  HO2  sing N N 137 
GOL C3  O3   sing N N 138 
GOL C3  H31  sing N N 139 
GOL C3  H32  sing N N 140 
GOL O3  HO3  sing N N 141 
HIS N   CA   sing N N 142 
HIS N   H    sing N N 143 
HIS N   H2   sing N N 144 
HIS CA  C    sing N N 145 
HIS CA  CB   sing N N 146 
HIS CA  HA   sing N N 147 
HIS C   O    doub N N 148 
HIS C   OXT  sing N N 149 
HIS CB  CG   sing N N 150 
HIS CB  HB2  sing N N 151 
HIS CB  HB3  sing N N 152 
HIS CG  ND1  sing Y N 153 
HIS CG  CD2  doub Y N 154 
HIS ND1 CE1  doub Y N 155 
HIS ND1 HD1  sing N N 156 
HIS CD2 NE2  sing Y N 157 
HIS CD2 HD2  sing N N 158 
HIS CE1 NE2  sing Y N 159 
HIS CE1 HE1  sing N N 160 
HIS NE2 HE2  sing N N 161 
HIS OXT HXT  sing N N 162 
HOH O   H1   sing N N 163 
HOH O   H2   sing N N 164 
ILE N   CA   sing N N 165 
ILE N   H    sing N N 166 
ILE N   H2   sing N N 167 
ILE CA  C    sing N N 168 
ILE CA  CB   sing N N 169 
ILE CA  HA   sing N N 170 
ILE C   O    doub N N 171 
ILE C   OXT  sing N N 172 
ILE CB  CG1  sing N N 173 
ILE CB  CG2  sing N N 174 
ILE CB  HB   sing N N 175 
ILE CG1 CD1  sing N N 176 
ILE CG1 HG12 sing N N 177 
ILE CG1 HG13 sing N N 178 
ILE CG2 HG21 sing N N 179 
ILE CG2 HG22 sing N N 180 
ILE CG2 HG23 sing N N 181 
ILE CD1 HD11 sing N N 182 
ILE CD1 HD12 sing N N 183 
ILE CD1 HD13 sing N N 184 
ILE OXT HXT  sing N N 185 
LEU N   CA   sing N N 186 
LEU N   H    sing N N 187 
LEU N   H2   sing N N 188 
LEU CA  C    sing N N 189 
LEU CA  CB   sing N N 190 
LEU CA  HA   sing N N 191 
LEU C   O    doub N N 192 
LEU C   OXT  sing N N 193 
LEU CB  CG   sing N N 194 
LEU CB  HB2  sing N N 195 
LEU CB  HB3  sing N N 196 
LEU CG  CD1  sing N N 197 
LEU CG  CD2  sing N N 198 
LEU CG  HG   sing N N 199 
LEU CD1 HD11 sing N N 200 
LEU CD1 HD12 sing N N 201 
LEU CD1 HD13 sing N N 202 
LEU CD2 HD21 sing N N 203 
LEU CD2 HD22 sing N N 204 
LEU CD2 HD23 sing N N 205 
LEU OXT HXT  sing N N 206 
LYS N   CA   sing N N 207 
LYS N   H    sing N N 208 
LYS N   H2   sing N N 209 
LYS CA  C    sing N N 210 
LYS CA  CB   sing N N 211 
LYS CA  HA   sing N N 212 
LYS C   O    doub N N 213 
LYS C   OXT  sing N N 214 
LYS CB  CG   sing N N 215 
LYS CB  HB2  sing N N 216 
LYS CB  HB3  sing N N 217 
LYS CG  CD   sing N N 218 
LYS CG  HG2  sing N N 219 
LYS CG  HG3  sing N N 220 
LYS CD  CE   sing N N 221 
LYS CD  HD2  sing N N 222 
LYS CD  HD3  sing N N 223 
LYS CE  NZ   sing N N 224 
LYS CE  HE2  sing N N 225 
LYS CE  HE3  sing N N 226 
LYS NZ  HZ1  sing N N 227 
LYS NZ  HZ2  sing N N 228 
LYS NZ  HZ3  sing N N 229 
LYS OXT HXT  sing N N 230 
MET N   CA   sing N N 231 
MET N   H    sing N N 232 
MET N   H2   sing N N 233 
MET CA  C    sing N N 234 
MET CA  CB   sing N N 235 
MET CA  HA   sing N N 236 
MET C   O    doub N N 237 
MET C   OXT  sing N N 238 
MET CB  CG   sing N N 239 
MET CB  HB2  sing N N 240 
MET CB  HB3  sing N N 241 
MET CG  SD   sing N N 242 
MET CG  HG2  sing N N 243 
MET CG  HG3  sing N N 244 
MET SD  CE   sing N N 245 
MET CE  HE1  sing N N 246 
MET CE  HE2  sing N N 247 
MET CE  HE3  sing N N 248 
MET OXT HXT  sing N N 249 
PHE N   CA   sing N N 250 
PHE N   H    sing N N 251 
PHE N   H2   sing N N 252 
PHE CA  C    sing N N 253 
PHE CA  CB   sing N N 254 
PHE CA  HA   sing N N 255 
PHE C   O    doub N N 256 
PHE C   OXT  sing N N 257 
PHE CB  CG   sing N N 258 
PHE CB  HB2  sing N N 259 
PHE CB  HB3  sing N N 260 
PHE CG  CD1  doub Y N 261 
PHE CG  CD2  sing Y N 262 
PHE CD1 CE1  sing Y N 263 
PHE CD1 HD1  sing N N 264 
PHE CD2 CE2  doub Y N 265 
PHE CD2 HD2  sing N N 266 
PHE CE1 CZ   doub Y N 267 
PHE CE1 HE1  sing N N 268 
PHE CE2 CZ   sing Y N 269 
PHE CE2 HE2  sing N N 270 
PHE CZ  HZ   sing N N 271 
PHE OXT HXT  sing N N 272 
PRO N   CA   sing N N 273 
PRO N   CD   sing N N 274 
PRO N   H    sing N N 275 
PRO CA  C    sing N N 276 
PRO CA  CB   sing N N 277 
PRO CA  HA   sing N N 278 
PRO C   O    doub N N 279 
PRO C   OXT  sing N N 280 
PRO CB  CG   sing N N 281 
PRO CB  HB2  sing N N 282 
PRO CB  HB3  sing N N 283 
PRO CG  CD   sing N N 284 
PRO CG  HG2  sing N N 285 
PRO CG  HG3  sing N N 286 
PRO CD  HD2  sing N N 287 
PRO CD  HD3  sing N N 288 
PRO OXT HXT  sing N N 289 
SER N   CA   sing N N 290 
SER N   H    sing N N 291 
SER N   H2   sing N N 292 
SER CA  C    sing N N 293 
SER CA  CB   sing N N 294 
SER CA  HA   sing N N 295 
SER C   O    doub N N 296 
SER C   OXT  sing N N 297 
SER CB  OG   sing N N 298 
SER CB  HB2  sing N N 299 
SER CB  HB3  sing N N 300 
SER OG  HG   sing N N 301 
SER OXT HXT  sing N N 302 
THR N   CA   sing N N 303 
THR N   H    sing N N 304 
THR N   H2   sing N N 305 
THR CA  C    sing N N 306 
THR CA  CB   sing N N 307 
THR CA  HA   sing N N 308 
THR C   O    doub N N 309 
THR C   OXT  sing N N 310 
THR CB  OG1  sing N N 311 
THR CB  CG2  sing N N 312 
THR CB  HB   sing N N 313 
THR OG1 HG1  sing N N 314 
THR CG2 HG21 sing N N 315 
THR CG2 HG22 sing N N 316 
THR CG2 HG23 sing N N 317 
THR OXT HXT  sing N N 318 
TRP N   CA   sing N N 319 
TRP N   H    sing N N 320 
TRP N   H2   sing N N 321 
TRP CA  C    sing N N 322 
TRP CA  CB   sing N N 323 
TRP CA  HA   sing N N 324 
TRP C   O    doub N N 325 
TRP C   OXT  sing N N 326 
TRP CB  CG   sing N N 327 
TRP CB  HB2  sing N N 328 
TRP CB  HB3  sing N N 329 
TRP CG  CD1  doub Y N 330 
TRP CG  CD2  sing Y N 331 
TRP CD1 NE1  sing Y N 332 
TRP CD1 HD1  sing N N 333 
TRP CD2 CE2  doub Y N 334 
TRP CD2 CE3  sing Y N 335 
TRP NE1 CE2  sing Y N 336 
TRP NE1 HE1  sing N N 337 
TRP CE2 CZ2  sing Y N 338 
TRP CE3 CZ3  doub Y N 339 
TRP CE3 HE3  sing N N 340 
TRP CZ2 CH2  doub Y N 341 
TRP CZ2 HZ2  sing N N 342 
TRP CZ3 CH2  sing Y N 343 
TRP CZ3 HZ3  sing N N 344 
TRP CH2 HH2  sing N N 345 
TRP OXT HXT  sing N N 346 
TYR N   CA   sing N N 347 
TYR N   H    sing N N 348 
TYR N   H2   sing N N 349 
TYR CA  C    sing N N 350 
TYR CA  CB   sing N N 351 
TYR CA  HA   sing N N 352 
TYR C   O    doub N N 353 
TYR C   OXT  sing N N 354 
TYR CB  CG   sing N N 355 
TYR CB  HB2  sing N N 356 
TYR CB  HB3  sing N N 357 
TYR CG  CD1  doub Y N 358 
TYR CG  CD2  sing Y N 359 
TYR CD1 CE1  sing Y N 360 
TYR CD1 HD1  sing N N 361 
TYR CD2 CE2  doub Y N 362 
TYR CD2 HD2  sing N N 363 
TYR CE1 CZ   doub Y N 364 
TYR CE1 HE1  sing N N 365 
TYR CE2 CZ   sing Y N 366 
TYR CE2 HE2  sing N N 367 
TYR CZ  OH   sing N N 368 
TYR OH  HH   sing N N 369 
TYR OXT HXT  sing N N 370 
VAL N   CA   sing N N 371 
VAL N   H    sing N N 372 
VAL N   H2   sing N N 373 
VAL CA  C    sing N N 374 
VAL CA  CB   sing N N 375 
VAL CA  HA   sing N N 376 
VAL C   O    doub N N 377 
VAL C   OXT  sing N N 378 
VAL CB  CG1  sing N N 379 
VAL CB  CG2  sing N N 380 
VAL CB  HB   sing N N 381 
VAL CG1 HG11 sing N N 382 
VAL CG1 HG12 sing N N 383 
VAL CG1 HG13 sing N N 384 
VAL CG2 HG21 sing N N 385 
VAL CG2 HG22 sing N N 386 
VAL CG2 HG23 sing N N 387 
VAL OXT HXT  sing N N 388 
# 
_pdbx_initial_refinement_model.id               1 
_pdbx_initial_refinement_model.entity_id_list   ? 
_pdbx_initial_refinement_model.type             'experimental model' 
_pdbx_initial_refinement_model.source_name      PDB 
_pdbx_initial_refinement_model.accession_code   3BJH 
_pdbx_initial_refinement_model.details          'PDB ENTRY 3BJH' 
# 
_atom_sites.entry_id                    3CAB 
_atom_sites.fract_transf_matrix[1][1]   0.00851092 
_atom_sites.fract_transf_matrix[1][2]   -0.00048454 
_atom_sites.fract_transf_matrix[1][3]   0.01014226 
_atom_sites.fract_transf_matrix[2][1]   -0.00873868 
_atom_sites.fract_transf_matrix[2][2]   0.00179583 
_atom_sites.fract_transf_matrix[2][3]   0.00741890 
_atom_sites.fract_transf_matrix[3][1]   -0.00286267 
_atom_sites.fract_transf_matrix[3][2]   -0.01992218 
_atom_sites.fract_transf_matrix[3][3]   0.00145046 
_atom_sites.fract_transf_vector[1]      0.153893 
_atom_sites.fract_transf_vector[2]      0.158782 
_atom_sites.fract_transf_vector[3]      0.009339 
# 
loop_
_atom_type.symbol 
C 
N 
O 
S 
# 
loop_
_atom_site.group_PDB 
_atom_site.id 
_atom_site.type_symbol 
_atom_site.label_atom_id 
_atom_site.label_alt_id 
_atom_site.label_comp_id 
_atom_site.label_asym_id 
_atom_site.label_entity_id 
_atom_site.label_seq_id 
_atom_site.pdbx_PDB_ins_code 
_atom_site.Cartn_x 
_atom_site.Cartn_y 
_atom_site.Cartn_z 
_atom_site.occupancy 
_atom_site.B_iso_or_equiv 
_atom_site.pdbx_formal_charge 
_atom_site.auth_seq_id 
_atom_site.auth_comp_id 
_atom_site.auth_asym_id 
_atom_site.auth_atom_id 
_atom_site.pdbx_PDB_model_num 
ATOM   1    N N   . ASP A 1 3   ? -3.621  5.861   14.924  1.00 58.38 ? 3   ASP A N   1 
ATOM   2    C CA  . ASP A 1 3   ? -2.690  5.381   13.871  1.00 57.76 ? 3   ASP A CA  1 
ATOM   3    C C   . ASP A 1 3   ? -1.304  5.124   14.462  1.00 57.34 ? 3   ASP A C   1 
ATOM   4    O O   . ASP A 1 3   ? -0.805  5.907   15.268  1.00 57.68 ? 3   ASP A O   1 
ATOM   5    C CB  . ASP A 1 3   ? -2.615  6.401   12.745  1.00 58.88 ? 3   ASP A CB  1 
ATOM   6    C CG  . ASP A 1 3   ? -2.236  5.785   11.439  1.00 60.49 ? 3   ASP A CG  1 
ATOM   7    O OD1 . ASP A 1 3   ? -1.282  4.996   11.432  1.00 64.59 ? 3   ASP A OD1 1 
ATOM   8    O OD2 . ASP A 1 3   ? -2.877  6.100   10.404  1.00 65.04 ? 3   ASP A OD2 1 
ATOM   9    N N   . TRP A 1 4   ? -0.699  4.013   14.058  1.00 56.26 ? 4   TRP A N   1 
ATOM   10   C CA  . TRP A 1 4   ? 0.598   3.593   14.586  1.00 54.90 ? 4   TRP A CA  1 
ATOM   11   C C   . TRP A 1 4   ? 1.752   4.164   13.777  1.00 53.86 ? 4   TRP A C   1 
ATOM   12   O O   . TRP A 1 4   ? 2.882   4.171   14.257  1.00 53.71 ? 4   TRP A O   1 
ATOM   13   C CB  . TRP A 1 4   ? 0.714   2.064   14.588  1.00 54.95 ? 4   TRP A CB  1 
ATOM   14   C CG  . TRP A 1 4   ? 0.464   1.440   13.255  1.00 54.08 ? 4   TRP A CG  1 
ATOM   15   C CD1 . TRP A 1 4   ? -0.717  0.940   12.808  1.00 54.13 ? 4   TRP A CD1 1 
ATOM   16   C CD2 . TRP A 1 4   ? 1.411   1.250   12.194  1.00 54.09 ? 4   TRP A CD2 1 
ATOM   17   N NE1 . TRP A 1 4   ? -0.575  0.452   11.534  1.00 54.44 ? 4   TRP A NE1 1 
ATOM   18   C CE2 . TRP A 1 4   ? 0.721   0.626   11.129  1.00 53.76 ? 4   TRP A CE2 1 
ATOM   19   C CE3 . TRP A 1 4   ? 2.770   1.546   12.039  1.00 53.95 ? 4   TRP A CE3 1 
ATOM   20   C CZ2 . TRP A 1 4   ? 1.334   0.302   9.924   1.00 54.13 ? 4   TRP A CZ2 1 
ATOM   21   C CZ3 . TRP A 1 4   ? 3.390   1.212   10.838  1.00 54.58 ? 4   TRP A CZ3 1 
ATOM   22   C CH2 . TRP A 1 4   ? 2.665   0.598   9.786   1.00 54.84 ? 4   TRP A CH2 1 
ATOM   23   N N   . VAL A 1 5   ? 1.488   4.610   12.547  1.00 52.64 ? 5   VAL A N   1 
ATOM   24   C CA  . VAL A 1 5   ? 2.564   5.140   11.701  1.00 51.44 ? 5   VAL A CA  1 
ATOM   25   C C   . VAL A 1 5   ? 3.110   6.379   12.423  1.00 50.55 ? 5   VAL A C   1 
ATOM   26   O O   . VAL A 1 5   ? 2.359   7.314   12.668  1.00 50.15 ? 5   VAL A O   1 
ATOM   27   C CB  . VAL A 1 5   ? 2.108   5.498   10.290  1.00 51.60 ? 5   VAL A CB  1 
ATOM   28   C CG1 . VAL A 1 5   ? 3.300   5.946   9.454   1.00 51.02 ? 5   VAL A CG1 1 
ATOM   29   C CG2 . VAL A 1 5   ? 1.438   4.302   9.597   1.00 52.05 ? 5   VAL A CG2 1 
ATOM   30   N N   . PRO A 1 6   ? 4.398   6.348   12.830  1.00 49.24 ? 6   PRO A N   1 
ATOM   31   C CA  . PRO A 1 6   ? 4.988   7.456   13.557  1.00 48.50 ? 6   PRO A CA  1 
ATOM   32   C C   . PRO A 1 6   ? 5.413   8.537   12.587  1.00 47.41 ? 6   PRO A C   1 
ATOM   33   O O   . PRO A 1 6   ? 5.589   8.250   11.393  1.00 46.50 ? 6   PRO A O   1 
ATOM   34   C CB  . PRO A 1 6   ? 6.202   6.817   14.232  1.00 48.41 ? 6   PRO A CB  1 
ATOM   35   C CG  . PRO A 1 6   ? 6.611   5.746   13.325  1.00 48.33 ? 6   PRO A CG  1 
ATOM   36   C CD  . PRO A 1 6   ? 5.385   5.278   12.600  1.00 49.02 ? 6   PRO A CD  1 
ATOM   37   N N   . PRO A 1 7   ? 5.545   9.781   13.075  1.00 47.05 ? 7   PRO A N   1 
ATOM   38   C CA  . PRO A 1 7   ? 5.827   10.890  12.152  1.00 47.51 ? 7   PRO A CA  1 
ATOM   39   C C   . PRO A 1 7   ? 7.177   10.755  11.424  1.00 47.38 ? 7   PRO A C   1 
ATOM   40   O O   . PRO A 1 7   ? 7.358   11.321  10.356  1.00 47.61 ? 7   PRO A O   1 
ATOM   41   C CB  . PRO A 1 7   ? 5.765   12.134  13.055  1.00 47.18 ? 7   PRO A CB  1 
ATOM   42   C CG  . PRO A 1 7   ? 5.960   11.627  14.444  1.00 47.28 ? 7   PRO A CG  1 
ATOM   43   C CD  . PRO A 1 7   ? 5.411   10.236  14.471  1.00 46.98 ? 7   PRO A CD  1 
ATOM   44   N N   . GLU A 1 8   ? 8.088   9.938   11.947  1.00 47.75 ? 8   GLU A N   1 
ATOM   45   C CA  . GLU A 1 8   ? 9.388   9.770   11.304  1.00 48.47 ? 8   GLU A CA  1 
ATOM   46   C C   . GLU A 1 8   ? 9.267   9.117   9.928   1.00 49.18 ? 8   GLU A C   1 
ATOM   47   O O   . GLU A 1 8   ? 10.055  9.395   9.016   1.00 49.89 ? 8   GLU A O   1 
ATOM   48   C CB  . GLU A 1 8   ? 10.319  8.967   12.209  1.00 48.95 ? 8   GLU A CB  1 
ATOM   49   C CG  . GLU A 1 8   ? 10.674  9.688   13.491  1.00 50.59 ? 8   GLU A CG  1 
ATOM   50   C CD  . GLU A 1 8   ? 9.537   9.755   14.519  1.00 52.35 ? 8   GLU A CD  1 
ATOM   51   O OE1 . GLU A 1 8   ? 8.491   9.077   14.304  1.00 51.51 ? 8   GLU A OE1 1 
ATOM   52   O OE2 . GLU A 1 8   ? 9.700   10.488  15.555  1.00 53.30 ? 8   GLU A OE2 1 
ATOM   53   N N   . VAL A 1 9   ? 8.253   8.271   9.767   1.00 48.74 ? 9   VAL A N   1 
ATOM   54   C CA  . VAL A 1 9   ? 8.031   7.602   8.529   1.00 48.61 ? 9   VAL A CA  1 
ATOM   55   C C   . VAL A 1 9   ? 7.679   8.628   7.449   1.00 48.76 ? 9   VAL A C   1 
ATOM   56   O O   . VAL A 1 9   ? 8.132   8.495   6.330   1.00 48.47 ? 9   VAL A O   1 
ATOM   57   C CB  . VAL A 1 9   ? 6.938   6.513   8.664   1.00 48.29 ? 9   VAL A CB  1 
ATOM   58   C CG1 . VAL A 1 9   ? 6.616   5.899   7.312   1.00 48.35 ? 9   VAL A CG1 1 
ATOM   59   C CG2 . VAL A 1 9   ? 7.386   5.433   9.653   1.00 48.05 ? 9   VAL A CG2 1 
ATOM   60   N N   . PHE A 1 10  ? 6.912   9.669   7.777   1.00 48.89 ? 10  PHE A N   1 
ATOM   61   C CA  . PHE A 1 10  ? 6.572   10.698  6.780   1.00 48.99 ? 10  PHE A CA  1 
ATOM   62   C C   . PHE A 1 10  ? 7.835   11.384  6.232   1.00 49.21 ? 10  PHE A C   1 
ATOM   63   O O   . PHE A 1 10  ? 7.903   11.683  5.045   1.00 50.15 ? 10  PHE A O   1 
ATOM   64   C CB  . PHE A 1 10  ? 5.572   11.732  7.342   1.00 48.95 ? 10  PHE A CB  1 
ATOM   65   C CG  . PHE A 1 10  ? 4.198   11.177  7.576   1.00 47.62 ? 10  PHE A CG  1 
ATOM   66   C CD1 . PHE A 1 10  ? 3.183   11.401  6.664   1.00 48.01 ? 10  PHE A CD1 1 
ATOM   67   C CD2 . PHE A 1 10  ? 3.926   10.416  8.710   1.00 48.78 ? 10  PHE A CD2 1 
ATOM   68   C CE1 . PHE A 1 10  ? 1.924   10.882  6.864   1.00 47.37 ? 10  PHE A CE1 1 
ATOM   69   C CE2 . PHE A 1 10  ? 2.666   9.890   8.925   1.00 49.12 ? 10  PHE A CE2 1 
ATOM   70   C CZ  . PHE A 1 10  ? 1.661   10.117  7.988   1.00 48.85 ? 10  PHE A CZ  1 
ATOM   71   N N   . ASP A 1 11  ? 8.834   11.594  7.087   1.00 49.88 ? 11  ASP A N   1 
ATOM   72   C CA  . ASP A 1 11  ? 10.137  12.138  6.655   1.00 50.51 ? 11  ASP A CA  1 
ATOM   73   C C   . ASP A 1 11  ? 10.812  11.198  5.652   1.00 50.51 ? 11  ASP A C   1 
ATOM   74   O O   . ASP A 1 11  ? 11.203  11.610  4.553   1.00 50.38 ? 11  ASP A O   1 
ATOM   75   C CB  . ASP A 1 11  ? 11.081  12.343  7.854   1.00 51.61 ? 11  ASP A CB  1 
ATOM   76   C CG  . ASP A 1 11  ? 10.774  13.600  8.646   1.00 53.61 ? 11  ASP A CG  1 
ATOM   77   O OD1 . ASP A 1 11  ? 10.124  14.510  8.086   1.00 58.72 ? 11  ASP A OD1 1 
ATOM   78   O OD2 . ASP A 1 11  ? 11.206  13.699  9.822   1.00 59.58 ? 11  ASP A OD2 1 
ATOM   79   N N   . LEU A 1 12  ? 10.917  9.930   6.040   1.00 49.76 ? 12  LEU A N   1 
ATOM   80   C CA  . LEU A 1 12  ? 11.581  8.923   5.227   1.00 50.42 ? 12  LEU A CA  1 
ATOM   81   C C   . LEU A 1 12  ? 10.993  8.751   3.823   1.00 50.10 ? 12  LEU A C   1 
ATOM   82   O O   . LEU A 1 12  ? 11.737  8.508   2.889   1.00 51.10 ? 12  LEU A O   1 
ATOM   83   C CB  . LEU A 1 12  ? 11.534  7.560   5.916   1.00 50.38 ? 12  LEU A CB  1 
ATOM   84   C CG  . LEU A 1 12  ? 12.822  6.756   5.766   1.00 52.02 ? 12  LEU A CG  1 
ATOM   85   C CD1 . LEU A 1 12  ? 13.755  7.103   6.941   1.00 51.36 ? 12  LEU A CD1 1 
ATOM   86   C CD2 . LEU A 1 12  ? 12.536  5.258   5.694   1.00 52.13 ? 12  LEU A CD2 1 
ATOM   87   N N   . VAL A 1 13  ? 9.671   8.836   3.675   1.00 49.25 ? 13  VAL A N   1 
ATOM   88   C CA  . VAL A 1 13  ? 9.050   8.581   2.381   1.00 48.94 ? 13  VAL A CA  1 
ATOM   89   C C   . VAL A 1 13  ? 8.910   9.851   1.555   1.00 47.84 ? 13  VAL A C   1 
ATOM   90   O O   . VAL A 1 13  ? 8.429   9.787   0.461   1.00 46.66 ? 13  VAL A O   1 
ATOM   91   C CB  . VAL A 1 13  ? 7.660   7.927   2.526   1.00 49.38 ? 13  VAL A CB  1 
ATOM   92   C CG1 . VAL A 1 13  ? 7.754   6.660   3.365   1.00 50.68 ? 13  VAL A CG1 1 
ATOM   93   C CG2 . VAL A 1 13  ? 6.648   8.921   3.140   1.00 49.69 ? 13  VAL A CG2 1 
ATOM   94   N N   . ALA A 1 14  ? 9.373   10.991  2.070   1.00 47.89 ? 14  ALA A N   1 
ATOM   95   C CA  . ALA A 1 14  ? 9.057   12.284  1.473   1.00 47.56 ? 14  ALA A CA  1 
ATOM   96   C C   . ALA A 1 14  ? 9.458   12.348  0.005   1.00 47.15 ? 14  ALA A C   1 
ATOM   97   O O   . ALA A 1 14  ? 8.650   12.741  -0.852  1.00 46.67 ? 14  ALA A O   1 
ATOM   98   C CB  . ALA A 1 14  ? 9.715   13.410  2.256   1.00 47.87 ? 14  ALA A CB  1 
ATOM   99   N N   . GLU A 1 15  ? 10.679  11.931  -0.288  1.00 46.34 ? 15  GLU A N   1 
ATOM   100  C CA  . GLU A 1 15  ? 11.214  12.055  -1.653  1.00 46.48 ? 15  GLU A CA  1 
ATOM   101  C C   . GLU A 1 15  ? 10.427  11.227  -2.650  1.00 45.81 ? 15  GLU A C   1 
ATOM   102  O O   . GLU A 1 15  ? 9.970   11.738  -3.687  1.00 45.80 ? 15  GLU A O   1 
ATOM   103  C CB  . GLU A 1 15  ? 12.683  11.608  -1.699  1.00 47.59 ? 15  GLU A CB  1 
ATOM   104  C CG  . GLU A 1 15  ? 13.407  12.150  -2.932  1.00 48.42 ? 15  GLU A CG  1 
ATOM   105  C CD  . GLU A 1 15  ? 14.847  11.703  -3.063  0.50 48.19 ? 15  GLU A CD  1 
ATOM   106  O OE1 . GLU A 1 15  ? 15.346  10.939  -2.205  0.50 49.64 ? 15  GLU A OE1 1 
ATOM   107  O OE2 . GLU A 1 15  ? 15.469  12.121  -4.058  0.50 50.81 ? 15  GLU A OE2 1 
ATOM   108  N N   . ASP A 1 16  ? 10.239  9.960   -2.304  1.00 44.66 ? 16  ASP A N   1 
ATOM   109  C CA  . ASP A 1 16  ? 9.493   9.005   -3.132  1.00 44.40 ? 16  ASP A CA  1 
ATOM   110  C C   . ASP A 1 16  ? 8.032   9.357   -3.210  1.00 44.14 ? 16  ASP A C   1 
ATOM   111  O O   . ASP A 1 16  ? 7.415   9.203   -4.259  1.00 45.69 ? 16  ASP A O   1 
ATOM   112  C CB  . ASP A 1 16  ? 9.671   7.572   -2.626  1.00 43.53 ? 16  ASP A CB  1 
ATOM   113  C CG  . ASP A 1 16  ? 11.058  7.022   -2.926  0.70 43.83 ? 16  ASP A CG  1 
ATOM   114  O OD1 . ASP A 1 16  ? 11.373  6.865   -4.115  0.70 41.91 ? 16  ASP A OD1 1 
ATOM   115  O OD2 . ASP A 1 16  ? 11.818  6.774   -1.981  0.70 39.17 ? 16  ASP A OD2 1 
ATOM   116  N N   . LYS A 1 17  ? 7.470   9.872   -2.125  1.00 44.58 ? 17  LYS A N   1 
ATOM   117  C CA  . LYS A 1 17  ? 6.064   10.305  -2.175  1.00 44.09 ? 17  LYS A CA  1 
ATOM   118  C C   . LYS A 1 17  ? 5.902   11.427  -3.195  1.00 44.11 ? 17  LYS A C   1 
ATOM   119  O O   . LYS A 1 17  ? 5.028   11.355  -4.026  1.00 45.21 ? 17  LYS A O   1 
ATOM   120  C CB  . LYS A 1 17  ? 5.598   10.780  -0.826  1.00 43.94 ? 17  LYS A CB  1 
ATOM   121  C CG  . LYS A 1 17  ? 4.247   11.458  -0.856  1.00 44.36 ? 17  LYS A CG  1 
ATOM   122  C CD  . LYS A 1 17  ? 3.824   11.795  0.575   1.00 44.91 ? 17  LYS A CD  1 
ATOM   123  C CE  . LYS A 1 17  ? 2.473   12.501  0.669   1.00 47.67 ? 17  LYS A CE  1 
ATOM   124  N NZ  . LYS A 1 17  ? 1.391   11.583  0.320   1.00 49.82 ? 17  LYS A NZ  1 
ATOM   125  N N   . ALA A 1 18  ? 6.758   12.448  -3.115  1.00 43.77 ? 18  ALA A N   1 
ATOM   126  C CA  . ALA A 1 18  ? 6.678   13.611  -4.018  1.00 44.84 ? 18  ALA A CA  1 
ATOM   127  C C   . ALA A 1 18  ? 6.822   13.178  -5.477  1.00 44.75 ? 18  ALA A C   1 
ATOM   128  O O   . ALA A 1 18  ? 6.057   13.590  -6.332  1.00 44.78 ? 18  ALA A O   1 
ATOM   129  C CB  . ALA A 1 18  ? 7.746   14.656  -3.648  1.00 44.79 ? 18  ALA A CB  1 
ATOM   130  N N   . ARG A 1 19  ? 7.813   12.346  -5.749  1.00 44.81 ? 19  ARG A N   1 
ATOM   131  C CA  . ARG A 1 19  ? 7.992   11.789  -7.078  1.00 45.44 ? 19  ARG A CA  1 
ATOM   132  C C   . ARG A 1 19  ? 6.779   11.026  -7.560  1.00 46.21 ? 19  ARG A C   1 
ATOM   133  O O   . ARG A 1 19  ? 6.338   11.261  -8.682  1.00 46.14 ? 19  ARG A O   1 
ATOM   134  C CB  . ARG A 1 19  ? 9.195   10.850  -7.131  1.00 45.64 ? 19  ARG A CB  1 
ATOM   135  C CG  . ARG A 1 19  ? 9.321   10.088  -8.461  1.00 44.11 ? 19  ARG A CG  1 
ATOM   136  C CD  . ARG A 1 19  ? 10.582  9.264   -8.549  1.00 46.52 ? 19  ARG A CD  1 
ATOM   137  N NE  . ARG A 1 19  ? 10.548  8.221   -7.521  1.00 44.38 ? 19  ARG A NE  1 
ATOM   138  C CZ  . ARG A 1 19  ? 9.885   7.085   -7.623  1.00 49.02 ? 19  ARG A CZ  1 
ATOM   139  N NH1 . ARG A 1 19  ? 9.241   6.784   -8.736  1.00 46.88 ? 19  ARG A NH1 1 
ATOM   140  N NH2 . ARG A 1 19  ? 9.879   6.239   -6.604  1.00 47.21 ? 19  ARG A NH2 1 
ATOM   141  N N   . CYS A 1 20  ? 6.274   10.080  -6.743  1.00 45.83 ? 20  CYS A N   1 
ATOM   142  C CA  . CYS A 1 20  ? 5.131   9.246   -7.145  1.00 45.05 ? 20  CYS A CA  1 
ATOM   143  C C   . CYS A 1 20  ? 3.871   10.083  -7.411  1.00 45.65 ? 20  CYS A C   1 
ATOM   144  O O   . CYS A 1 20  ? 3.147   9.805   -8.370  1.00 44.62 ? 20  CYS A O   1 
ATOM   145  C CB  . CYS A 1 20  ? 4.843   8.163   -6.093  1.00 45.39 ? 20  CYS A CB  1 
ATOM   146  S SG  . CYS A 1 20  ? 6.158   6.931   -6.005  1.00 46.18 ? 20  CYS A SG  1 
ATOM   147  N N   . MET A 1 21  ? 3.623   11.100  -6.568  1.00 45.08 ? 21  MET A N   1 
ATOM   148  C CA  . MET A 1 21  ? 2.478   12.004  -6.797  1.00 45.25 ? 21  MET A CA  1 
ATOM   149  C C   . MET A 1 21  ? 2.635   12.783  -8.123  1.00 44.93 ? 21  MET A C   1 
ATOM   150  O O   . MET A 1 21  ? 1.659   12.933  -8.894  1.00 45.01 ? 21  MET A O   1 
ATOM   151  C CB  . MET A 1 21  ? 2.290   12.961  -5.621  1.00 44.94 ? 21  MET A CB  1 
ATOM   152  C CG  . MET A 1 21  ? 1.915   12.255  -4.334  1.00 44.00 ? 21  MET A CG  1 
ATOM   153  S SD  . MET A 1 21  ? 1.698   13.393  -2.950  1.00 46.40 ? 21  MET A SD  1 
ATOM   154  C CE  . MET A 1 21  ? 0.036   13.980  -3.224  1.00 42.75 ? 21  MET A CE  1 
ATOM   155  N N   . SER A 1 22  ? 3.857   13.232  -8.405  1.00 46.04 ? 22  SER A N   1 
ATOM   156  C CA  . SER A 1 22  ? 4.128   13.974  -9.626  1.00 45.64 ? 22  SER A CA  1 
ATOM   157  C C   . SER A 1 22  ? 3.932   13.095  -10.881 1.00 46.23 ? 22  SER A C   1 
ATOM   158  O O   . SER A 1 22  ? 3.333   13.532  -11.854 1.00 46.83 ? 22  SER A O   1 
ATOM   159  C CB  A SER A 1 22  ? 5.541   14.574  -9.609  0.50 46.60 ? 22  SER A CB  1 
ATOM   160  C CB  B SER A 1 22  ? 5.529   14.572  -9.599  0.50 46.63 ? 22  SER A CB  1 
ATOM   161  O OG  A SER A 1 22  ? 5.710   15.457  -10.700 0.50 45.90 ? 22  SER A OG  1 
ATOM   162  O OG  B SER A 1 22  ? 5.581   15.539  -8.583  0.50 46.17 ? 22  SER A OG  1 
ATOM   163  N N   . GLU A 1 23  ? 4.456   11.881  -10.836 1.00 46.03 ? 23  GLU A N   1 
ATOM   164  C CA  . GLU A 1 23  ? 4.350   10.911  -11.920 1.00 45.54 ? 23  GLU A CA  1 
ATOM   165  C C   . GLU A 1 23  ? 2.931   10.570  -12.276 1.00 45.13 ? 23  GLU A C   1 
ATOM   166  O O   . GLU A 1 23  ? 2.611   10.404  -13.459 1.00 44.18 ? 23  GLU A O   1 
ATOM   167  C CB  . GLU A 1 23  ? 5.075   9.609   -11.554 1.00 44.64 ? 23  GLU A CB  1 
ATOM   168  C CG  . GLU A 1 23  ? 6.598   9.692   -11.628 1.00 44.77 ? 23  GLU A CG  1 
ATOM   169  C CD  . GLU A 1 23  ? 7.285   8.382   -11.302 1.00 45.68 ? 23  GLU A CD  1 
ATOM   170  O OE1 . GLU A 1 23  ? 6.563   7.400   -11.035 1.00 45.31 ? 23  GLU A OE1 1 
ATOM   171  O OE2 . GLU A 1 23  ? 8.549   8.328   -11.309 1.00 44.67 ? 23  GLU A OE2 1 
ATOM   172  N N   . HIS A 1 24  ? 2.091   10.402  -11.260 1.00 44.36 ? 24  HIS A N   1 
ATOM   173  C CA  . HIS A 1 24  ? 0.751   9.865   -11.488 1.00 45.20 ? 24  HIS A CA  1 
ATOM   174  C C   . HIS A 1 24  ? -0.388  10.858  -11.404 1.00 45.19 ? 24  HIS A C   1 
ATOM   175  O O   . HIS A 1 24  ? -1.536  10.479  -11.605 1.00 46.32 ? 24  HIS A O   1 
ATOM   176  C CB  . HIS A 1 24  ? 0.575   8.644   -10.581 1.00 45.30 ? 24  HIS A CB  1 
ATOM   177  C CG  . HIS A 1 24  ? 1.653   7.631   -10.827 1.00 45.94 ? 24  HIS A CG  1 
ATOM   178  N ND1 . HIS A 1 24  ? 1.724   6.900   -12.008 1.00 44.57 ? 24  HIS A ND1 1 
ATOM   179  C CD2 . HIS A 1 24  ? 2.757   7.308   -10.112 1.00 44.40 ? 24  HIS A CD2 1 
ATOM   180  C CE1 . HIS A 1 24  ? 2.832   6.174   -12.005 1.00 44.64 ? 24  HIS A CE1 1 
ATOM   181  N NE2 . HIS A 1 24  ? 3.492   6.424   -10.879 1.00 45.57 ? 24  HIS A NE2 1 
ATOM   182  N N   . GLY A 1 25  ? -0.087  12.113  -11.067 1.00 46.11 ? 25  GLY A N   1 
ATOM   183  C CA  . GLY A 1 25  ? -1.136  13.149  -10.895 1.00 45.01 ? 25  GLY A CA  1 
ATOM   184  C C   . GLY A 1 25  ? -1.970  13.013  -9.635  1.00 45.01 ? 25  GLY A C   1 
ATOM   185  O O   . GLY A 1 25  ? -3.135  13.429  -9.590  1.00 45.67 ? 25  GLY A O   1 
ATOM   186  N N   . THR A 1 26  ? -1.375  12.400  -8.618  1.00 44.48 ? 26  THR A N   1 
ATOM   187  C CA  . THR A 1 26  ? -2.048  12.119  -7.382  1.00 44.11 ? 26  THR A CA  1 
ATOM   188  C C   . THR A 1 26  ? -2.175  13.349  -6.512  1.00 44.27 ? 26  THR A C   1 
ATOM   189  O O   . THR A 1 26  ? -1.247  14.136  -6.420  1.00 45.50 ? 26  THR A O   1 
ATOM   190  C CB  . THR A 1 26  ? -1.247  11.096  -6.568  1.00 44.37 ? 26  THR A CB  1 
ATOM   191  O OG1 . THR A 1 26  ? -0.668  10.119  -7.446  1.00 43.57 ? 26  THR A OG1 1 
ATOM   192  C CG2 . THR A 1 26  ? -2.166  10.442  -5.449  1.00 43.36 ? 26  THR A CG2 1 
ATOM   193  N N   . THR A 1 27  ? -3.322  13.514  -5.855  1.00 44.39 ? 27  THR A N   1 
ATOM   194  C CA  . THR A 1 27  ? -3.475  14.586  -4.889  1.00 44.14 ? 27  THR A CA  1 
ATOM   195  C C   . THR A 1 27  ? -3.491  13.993  -3.475  1.00 44.85 ? 27  THR A C   1 
ATOM   196  O O   . THR A 1 27  ? -3.846  12.827  -3.297  1.00 43.90 ? 27  THR A O   1 
ATOM   197  C CB  . THR A 1 27  ? -4.807  15.348  -5.074  1.00 44.43 ? 27  THR A CB  1 
ATOM   198  O OG1 . THR A 1 27  ? -5.901  14.508  -4.643  1.00 43.80 ? 27  THR A OG1 1 
ATOM   199  C CG2 . THR A 1 27  ? -4.970  15.831  -6.544  1.00 41.67 ? 27  THR A CG2 1 
ATOM   200  N N   . GLN A 1 28  ? -3.176  14.812  -2.474  1.00 44.56 ? 28  GLN A N   1 
ATOM   201  C CA  . GLN A 1 28  ? -3.232  14.353  -1.099  1.00 44.15 ? 28  GLN A CA  1 
ATOM   202  C C   . GLN A 1 28  ? -4.647  13.959  -0.724  1.00 43.75 ? 28  GLN A C   1 
ATOM   203  O O   . GLN A 1 28  ? -4.842  13.062  0.092   1.00 43.98 ? 28  GLN A O   1 
ATOM   204  C CB  . GLN A 1 28  ? -2.691  15.417  -0.143  1.00 44.55 ? 28  GLN A CB  1 
ATOM   205  C CG  . GLN A 1 28  ? -2.643  14.985  1.304   1.00 44.31 ? 28  GLN A CG  1 
ATOM   206  C CD  . GLN A 1 28  ? -1.690  13.826  1.532   1.00 45.95 ? 28  GLN A CD  1 
ATOM   207  O OE1 . GLN A 1 28  ? -0.614  13.779  0.945   1.00 46.66 ? 28  GLN A OE1 1 
ATOM   208  N NE2 . GLN A 1 28  ? -2.072  12.899  2.406   1.00 46.42 ? 28  GLN A NE2 1 
ATOM   209  N N   . ALA A 1 29  ? -5.641  14.593  -1.339  1.00 43.61 ? 29  ALA A N   1 
ATOM   210  C CA  . ALA A 1 29  ? -7.042  14.278  -1.070  1.00 43.20 ? 29  ALA A CA  1 
ATOM   211  C C   . ALA A 1 29  ? -7.378  12.832  -1.455  1.00 42.74 ? 29  ALA A C   1 
ATOM   212  O O   . ALA A 1 29  ? -8.100  12.145  -0.711  1.00 42.20 ? 29  ALA A O   1 
ATOM   213  C CB  . ALA A 1 29  ? -7.992  15.280  -1.778  1.00 44.40 ? 29  ALA A CB  1 
ATOM   214  N N   . GLN A 1 30  ? -6.817  12.360  -2.570  1.00 42.20 ? 30  GLN A N   1 
ATOM   215  C CA  . GLN A 1 30  ? -6.969  10.956  -2.980  1.00 43.43 ? 30  GLN A CA  1 
ATOM   216  C C   . GLN A 1 30  ? -6.330  9.993   -1.976  1.00 43.71 ? 30  GLN A C   1 
ATOM   217  O O   . GLN A 1 30  ? -6.901  8.961   -1.682  1.00 43.94 ? 30  GLN A O   1 
ATOM   218  C CB  . GLN A 1 30  ? -6.340  10.697  -4.339  1.00 42.37 ? 30  GLN A CB  1 
ATOM   219  C CG  . GLN A 1 30  ? -7.091  11.361  -5.467  1.00 43.35 ? 30  GLN A CG  1 
ATOM   220  C CD  . GLN A 1 30  ? -6.419  11.119  -6.785  1.00 42.84 ? 30  GLN A CD  1 
ATOM   221  O OE1 . GLN A 1 30  ? -5.369  11.694  -7.057  1.00 43.44 ? 30  GLN A OE1 1 
ATOM   222  N NE2 . GLN A 1 30  ? -7.027  10.244  -7.618  1.00 40.07 ? 30  GLN A NE2 1 
ATOM   223  N N   . ILE A 1 31  ? -5.169  10.369  -1.446  1.00 44.72 ? 31  ILE A N   1 
ATOM   224  C CA  . ILE A 1 31  ? -4.468  9.548   -0.464  1.00 45.22 ? 31  ILE A CA  1 
ATOM   225  C C   . ILE A 1 31  ? -5.242  9.525   0.837   1.00 45.92 ? 31  ILE A C   1 
ATOM   226  O O   . ILE A 1 31  ? -5.387  8.469   1.451   1.00 46.13 ? 31  ILE A O   1 
ATOM   227  C CB  . ILE A 1 31  ? -3.037  10.036  -0.210  1.00 45.12 ? 31  ILE A CB  1 
ATOM   228  C CG1 . ILE A 1 31  ? -2.231  9.982   -1.499  1.00 45.75 ? 31  ILE A CG1 1 
ATOM   229  C CG2 . ILE A 1 31  ? -2.355  9.168   0.913   1.00 45.55 ? 31  ILE A CG2 1 
ATOM   230  C CD1 . ILE A 1 31  ? -0.825  10.642  -1.387  1.00 46.34 ? 31  ILE A CD1 1 
ATOM   231  N N   . ASP A 1 32  ? -5.724  10.694  1.251   1.00 46.65 ? 32  ASP A N   1 
ATOM   232  C CA  . ASP A 1 32  ? -6.535  10.827  2.443   1.00 47.31 ? 32  ASP A CA  1 
ATOM   233  C C   . ASP A 1 32  ? -7.743  9.907   2.320   1.00 47.74 ? 32  ASP A C   1 
ATOM   234  O O   . ASP A 1 32  ? -8.181  9.324   3.303   1.00 45.84 ? 32  ASP A O   1 
ATOM   235  C CB  . ASP A 1 32  ? -7.056  12.261  2.614   1.00 47.90 ? 32  ASP A CB  1 
ATOM   236  C CG  . ASP A 1 32  ? -5.987  13.273  3.061   1.00 48.49 ? 32  ASP A CG  1 
ATOM   237  O OD1 . ASP A 1 32  ? -4.871  12.876  3.447   1.00 49.10 ? 32  ASP A OD1 1 
ATOM   238  O OD2 . ASP A 1 32  ? -6.308  14.498  3.011   1.00 50.23 ? 32  ASP A OD2 1 
ATOM   239  N N   . ASP A 1 33  ? -8.302  9.819   1.112   1.00 47.72 ? 33  ASP A N   1 
ATOM   240  C CA  . ASP A 1 33  ? -9.503  9.021   0.884   1.00 48.93 ? 33  ASP A CA  1 
ATOM   241  C C   . ASP A 1 33  ? -9.306  7.532   1.109   1.00 49.67 ? 33  ASP A C   1 
ATOM   242  O O   . ASP A 1 33  ? -10.184 6.891   1.665   1.00 48.53 ? 33  ASP A O   1 
ATOM   243  C CB  . ASP A 1 33  ? -10.071 9.263   -0.511  1.00 49.17 ? 33  ASP A CB  1 
ATOM   244  C CG  . ASP A 1 33  ? -11.063 10.400  -0.543  0.70 49.30 ? 33  ASP A CG  1 
ATOM   245  O OD1 . ASP A 1 33  ? -11.465 10.857  0.536   0.70 49.23 ? 33  ASP A OD1 1 
ATOM   246  O OD2 . ASP A 1 33  ? -11.446 10.829  -1.646  0.70 52.24 ? 33  ASP A OD2 1 
ATOM   247  N N   . VAL A 1 34  ? -8.162  6.988   0.683   1.00 51.33 ? 34  VAL A N   1 
ATOM   248  C CA  . VAL A 1 34  ? -7.877  5.565   0.897   1.00 52.59 ? 34  VAL A CA  1 
ATOM   249  C C   . VAL A 1 34  ? -7.933  5.268   2.398   1.00 54.07 ? 34  VAL A C   1 
ATOM   250  O O   . VAL A 1 34  ? -8.549  4.294   2.848   1.00 54.27 ? 34  VAL A O   1 
ATOM   251  C CB  . VAL A 1 34  ? -6.493  5.154   0.354   1.00 53.13 ? 34  VAL A CB  1 
ATOM   252  C CG1 . VAL A 1 34  ? -6.317  3.640   0.496   1.00 54.26 ? 34  VAL A CG1 1 
ATOM   253  C CG2 . VAL A 1 34  ? -6.300  5.618   -1.088  1.00 50.03 ? 34  VAL A CG2 1 
ATOM   254  N N   . ASP A 1 35  ? -7.313  6.161   3.164   1.00 55.73 ? 35  ASP A N   1 
ATOM   255  C CA  . ASP A 1 35  ? -7.274  6.060   4.619   1.00 56.31 ? 35  ASP A CA  1 
ATOM   256  C C   . ASP A 1 35  ? -8.642  6.196   5.261   1.00 56.90 ? 35  ASP A C   1 
ATOM   257  O O   . ASP A 1 35  ? -8.886  5.633   6.328   1.00 58.53 ? 35  ASP A O   1 
ATOM   258  C CB  . ASP A 1 35  ? -6.275  7.093   5.152   1.00 57.36 ? 35  ASP A CB  1 
ATOM   259  C CG  . ASP A 1 35  ? -4.881  6.885   4.571   0.50 57.48 ? 35  ASP A CG  1 
ATOM   260  O OD1 . ASP A 1 35  ? -4.211  5.899   4.963   0.50 58.79 ? 35  ASP A OD1 1 
ATOM   261  O OD2 . ASP A 1 35  ? -4.460  7.688   3.715   0.50 56.84 ? 35  ASP A OD2 1 
ATOM   262  N N   . LYS A 1 36  ? -9.556  6.927   4.619   1.00 56.88 ? 36  LYS A N   1 
ATOM   263  C CA  . LYS A 1 36  ? -10.962 6.903   5.022   1.00 55.69 ? 36  LYS A CA  1 
ATOM   264  C C   . LYS A 1 36  ? -11.718 5.714   4.406   1.00 55.49 ? 36  LYS A C   1 
ATOM   265  O O   . LYS A 1 36  ? -12.944 5.672   4.478   1.00 55.39 ? 36  LYS A O   1 
ATOM   266  C CB  . LYS A 1 36  ? -11.658 8.207   4.626   1.00 55.78 ? 36  LYS A CB  1 
ATOM   267  C CG  . LYS A 1 36  ? -11.076 9.475   5.272   1.00 55.91 ? 36  LYS A CG  1 
ATOM   268  C CD  . LYS A 1 36  ? -11.554 10.727  4.547   0.50 55.88 ? 36  LYS A CD  1 
ATOM   269  C CE  . LYS A 1 36  ? -10.569 11.877  4.683   0.50 56.07 ? 36  LYS A CE  1 
ATOM   270  N NZ  . LYS A 1 36  ? -10.771 12.897  3.612   0.50 55.48 ? 36  LYS A NZ  1 
ATOM   271  N N   . GLY A 1 37  ? -10.996 4.766   3.793   1.00 55.32 ? 37  GLY A N   1 
ATOM   272  C CA  . GLY A 1 37  ? -11.602 3.619   3.109   1.00 54.56 ? 37  GLY A CA  1 
ATOM   273  C C   . GLY A 1 37  ? -12.473 3.948   1.899   1.00 54.55 ? 37  GLY A C   1 
ATOM   274  O O   . GLY A 1 37  ? -13.410 3.212   1.576   1.00 55.24 ? 37  GLY A O   1 
ATOM   275  N N   . ASN A 1 38  ? -12.191 5.064   1.233   1.00 53.49 ? 38  ASN A N   1 
ATOM   276  C CA  . ASN A 1 38  ? -12.837 5.382   -0.029  1.00 52.09 ? 38  ASN A CA  1 
ATOM   277  C C   . ASN A 1 38  ? -11.759 5.147   -1.068  1.00 51.37 ? 38  ASN A C   1 
ATOM   278  O O   . ASN A 1 38  ? -10.844 5.959   -1.203  1.00 51.96 ? 38  ASN A O   1 
ATOM   279  C CB  . ASN A 1 38  ? -13.285 6.848   -0.084  1.00 51.54 ? 38  ASN A CB  1 
ATOM   280  C CG  . ASN A 1 38  ? -14.355 7.190   0.952   0.50 50.06 ? 38  ASN A CG  1 
ATOM   281  O OD1 . ASN A 1 38  ? -14.283 8.230   1.590   0.50 45.81 ? 38  ASN A OD1 1 
ATOM   282  N ND2 . ASN A 1 38  ? -15.346 6.321   1.109   0.50 45.86 ? 38  ASN A ND2 1 
ATOM   283  N N   . LEU A 1 39  ? -11.825 4.023   -1.765  1.00 50.09 ? 39  LEU A N   1 
ATOM   284  C CA  . LEU A 1 39  ? -10.884 3.736   -2.830  1.00 49.56 ? 39  LEU A CA  1 
ATOM   285  C C   . LEU A 1 39  ? -11.616 3.463   -4.121  1.00 48.27 ? 39  LEU A C   1 
ATOM   286  O O   . LEU A 1 39  ? -12.551 2.694   -4.154  1.00 47.09 ? 39  LEU A O   1 
ATOM   287  C CB  . LEU A 1 39  ? -10.009 2.537   -2.467  1.00 49.53 ? 39  LEU A CB  1 
ATOM   288  C CG  . LEU A 1 39  ? -8.789  2.259   -3.378  1.00 49.95 ? 39  LEU A CG  1 
ATOM   289  C CD1 . LEU A 1 39  ? -8.080  3.487   -4.022  0.70 47.78 ? 39  LEU A CD1 1 
ATOM   290  C CD2 . LEU A 1 39  ? -7.783  1.418   -2.590  0.70 49.03 ? 39  LEU A CD2 1 
ATOM   291  N N   . VAL A 1 40  ? -11.185 4.107   -5.188  1.00 47.68 ? 40  VAL A N   1 
ATOM   292  C CA  . VAL A 1 40  ? -11.740 3.871   -6.506  1.00 48.00 ? 40  VAL A CA  1 
ATOM   293  C C   . VAL A 1 40  ? -10.597 3.491   -7.429  1.00 47.12 ? 40  VAL A C   1 
ATOM   294  O O   . VAL A 1 40  ? -9.437  3.817   -7.166  1.00 45.87 ? 40  VAL A O   1 
ATOM   295  C CB  . VAL A 1 40  ? -12.482 5.113   -7.033  1.00 48.99 ? 40  VAL A CB  1 
ATOM   296  C CG1 . VAL A 1 40  ? -13.655 5.457   -6.085  1.00 50.53 ? 40  VAL A CG1 1 
ATOM   297  C CG2 . VAL A 1 40  ? -11.529 6.291   -7.168  1.00 50.14 ? 40  VAL A CG2 1 
ATOM   298  N N   . ASN A 1 41  ? -10.919 2.785   -8.496  1.00 46.48 ? 41  ASN A N   1 
ATOM   299  C CA  . ASN A 1 41  ? -9.909  2.301   -9.427  1.00 47.49 ? 41  ASN A CA  1 
ATOM   300  C C   . ASN A 1 41  ? -9.522  3.413   -10.401 1.00 47.51 ? 41  ASN A C   1 
ATOM   301  O O   . ASN A 1 41  ? -9.871  3.353   -11.569 1.00 48.67 ? 41  ASN A O   1 
ATOM   302  C CB  . ASN A 1 41  ? -10.480 1.099   -10.198 1.00 48.05 ? 41  ASN A CB  1 
ATOM   303  C CG  . ASN A 1 41  ? -9.446  0.393   -11.050 1.00 47.30 ? 41  ASN A CG  1 
ATOM   304  O OD1 . ASN A 1 41  ? -8.285  0.364   -10.725 1.00 50.06 ? 41  ASN A OD1 1 
ATOM   305  N ND2 . ASN A 1 41  ? -9.899  -0.250  -12.131 1.00 47.62 ? 41  ASN A ND2 1 
ATOM   306  N N   . GLU A 1 42  ? -8.856  4.442   -9.900  1.00 46.12 ? 42  GLU A N   1 
ATOM   307  C CA  . GLU A 1 42  ? -8.395  5.571   -10.704 1.00 45.76 ? 42  GLU A CA  1 
ATOM   308  C C   . GLU A 1 42  ? -6.890  5.479   -10.739 1.00 44.97 ? 42  GLU A C   1 
ATOM   309  O O   . GLU A 1 42  ? -6.281  5.490   -9.692  1.00 44.68 ? 42  GLU A O   1 
ATOM   310  C CB  . GLU A 1 42  ? -8.795  6.910   -10.056 1.00 44.93 ? 42  GLU A CB  1 
ATOM   311  C CG  . GLU A 1 42  ? -10.264 7.323   -10.343 1.00 45.93 ? 42  GLU A CG  1 
ATOM   312  C CD  . GLU A 1 42  ? -10.482 7.707   -11.790 1.00 45.71 ? 42  GLU A CD  1 
ATOM   313  O OE1 . GLU A 1 42  ? -9.494  7.912   -12.538 1.00 44.48 ? 42  GLU A OE1 1 
ATOM   314  O OE2 . GLU A 1 42  ? -11.646 7.812   -12.175 1.00 43.21 ? 42  GLU A OE2 1 
ATOM   315  N N   . PRO A 1 43  ? -6.288  5.386   -11.945 1.00 45.18 ? 43  PRO A N   1 
ATOM   316  C CA  . PRO A 1 43  ? -4.833  5.273   -12.053 1.00 44.97 ? 43  PRO A CA  1 
ATOM   317  C C   . PRO A 1 43  ? -4.038  6.285   -11.219 1.00 45.17 ? 43  PRO A C   1 
ATOM   318  O O   . PRO A 1 43  ? -2.992  5.942   -10.649 1.00 44.07 ? 43  PRO A O   1 
ATOM   319  C CB  . PRO A 1 43  ? -4.575  5.465   -13.571 1.00 45.02 ? 43  PRO A CB  1 
ATOM   320  C CG  . PRO A 1 43  ? -5.772  5.074   -14.185 1.00 46.42 ? 43  PRO A CG  1 
ATOM   321  C CD  . PRO A 1 43  ? -6.927  5.381   -13.275 1.00 45.28 ? 43  PRO A CD  1 
ATOM   322  N N   . SER A 1 44  ? -4.520  7.517   -11.128 1.00 45.05 ? 44  SER A N   1 
ATOM   323  C CA  . SER A 1 44  ? -3.827  8.518   -10.334 1.00 45.07 ? 44  SER A CA  1 
ATOM   324  C C   . SER A 1 44  ? -3.615  8.125   -8.853  1.00 45.45 ? 44  SER A C   1 
ATOM   325  O O   . SER A 1 44  ? -2.661  8.560   -8.245  1.00 45.73 ? 44  SER A O   1 
ATOM   326  C CB  . SER A 1 44  ? -4.493  9.896   -10.448 1.00 44.70 ? 44  SER A CB  1 
ATOM   327  O OG  . SER A 1 44  ? -5.891  9.898   -10.177 1.00 46.01 ? 44  SER A OG  1 
ATOM   328  N N   . ILE A 1 45  ? -4.499  7.301   -8.295  1.00 45.59 ? 45  ILE A N   1 
ATOM   329  C CA  . ILE A 1 45  ? -4.309  6.813   -6.925  1.00 45.16 ? 45  ILE A CA  1 
ATOM   330  C C   . ILE A 1 45  ? -3.776  5.366   -6.919  1.00 45.02 ? 45  ILE A C   1 
ATOM   331  O O   . ILE A 1 45  ? -2.880  5.048   -6.172  1.00 45.76 ? 45  ILE A O   1 
ATOM   332  C CB  . ILE A 1 45  ? -5.565  7.002   -6.048  1.00 45.36 ? 45  ILE A CB  1 
ATOM   333  C CG1 . ILE A 1 45  ? -5.292  6.549   -4.592  1.00 45.64 ? 45  ILE A CG1 1 
ATOM   334  C CG2 . ILE A 1 45  ? -6.784  6.265   -6.615  1.00 44.62 ? 45  ILE A CG2 1 
ATOM   335  C CD1 . ILE A 1 45  ? -4.130  7.294   -3.913  1.00 42.60 ? 45  ILE A CD1 1 
ATOM   336  N N   . THR A 1 46  ? -4.282  4.503   -7.779  1.00 44.84 ? 46  THR A N   1 
ATOM   337  C CA  . THR A 1 46  ? -3.820  3.114   -7.790  1.00 44.49 ? 46  THR A CA  1 
ATOM   338  C C   . THR A 1 46  ? -2.356  2.999   -8.197  1.00 45.17 ? 46  THR A C   1 
ATOM   339  O O   . THR A 1 46  ? -1.616  2.243   -7.608  1.00 44.44 ? 46  THR A O   1 
ATOM   340  C CB  . THR A 1 46  ? -4.724  2.233   -8.656  1.00 44.60 ? 46  THR A CB  1 
ATOM   341  O OG1 . THR A 1 46  ? -4.613  2.627   -10.021 1.00 43.51 ? 46  THR A OG1 1 
ATOM   342  C CG2 . THR A 1 46  ? -6.210  2.353   -8.189  1.00 41.47 ? 46  THR A CG2 1 
ATOM   343  N N   . CYS A 1 47  ? -1.919  3.781   -9.175  1.00 45.90 ? 47  CYS A N   1 
ATOM   344  C CA  . CYS A 1 47  ? -0.538  3.754   -9.619  1.00 45.14 ? 47  CYS A CA  1 
ATOM   345  C C   . CYS A 1 47  ? 0.396   4.452   -8.642  1.00 45.27 ? 47  CYS A C   1 
ATOM   346  O O   . CYS A 1 47  ? 1.563   4.117   -8.565  1.00 44.88 ? 47  CYS A O   1 
ATOM   347  C CB  . CYS A 1 47  ? -0.392  4.403   -10.998 1.00 45.67 ? 47  CYS A CB  1 
ATOM   348  S SG  . CYS A 1 47  ? -1.193  3.509   -12.320 1.00 47.62 ? 47  CYS A SG  1 
ATOM   349  N N   . TYR A 1 48  ? -0.141  5.392   -7.873  1.00 45.32 ? 48  TYR A N   1 
ATOM   350  C CA  . TYR A 1 48  ? 0.569   5.992   -6.770  1.00 44.98 ? 48  TYR A CA  1 
ATOM   351  C C   . TYR A 1 48  ? 0.906   4.929   -5.745  1.00 44.96 ? 48  TYR A C   1 
ATOM   352  O O   . TYR A 1 48  ? 2.032   4.853   -5.295  1.00 44.76 ? 48  TYR A O   1 
ATOM   353  C CB  . TYR A 1 48  ? -0.257  7.093   -6.111  1.00 44.87 ? 48  TYR A CB  1 
ATOM   354  C CG  . TYR A 1 48  ? 0.406   7.589   -4.860  1.00 44.23 ? 48  TYR A CG  1 
ATOM   355  C CD1 . TYR A 1 48  ? 1.490   8.462   -4.924  1.00 44.09 ? 48  TYR A CD1 1 
ATOM   356  C CD2 . TYR A 1 48  ? 0.018   7.122   -3.627  1.00 43.91 ? 48  TYR A CD2 1 
ATOM   357  C CE1 . TYR A 1 48  ? 2.114   8.897   -3.786  1.00 45.48 ? 48  TYR A CE1 1 
ATOM   358  C CE2 . TYR A 1 48  ? 0.674   7.526   -2.467  1.00 45.04 ? 48  TYR A CE2 1 
ATOM   359  C CZ  . TYR A 1 48  ? 1.713   8.404   -2.562  1.00 45.97 ? 48  TYR A CZ  1 
ATOM   360  O OH  . TYR A 1 48  ? 2.353   8.821   -1.440  1.00 47.39 ? 48  TYR A OH  1 
ATOM   361  N N   . MET A 1 49  ? -0.073  4.113   -5.379  1.00 44.54 ? 49  MET A N   1 
ATOM   362  C CA  . MET A 1 49  ? 0.159   3.073   -4.369  1.00 45.02 ? 49  MET A CA  1 
ATOM   363  C C   . MET A 1 49  ? 1.198   2.039   -4.831  1.00 45.35 ? 49  MET A C   1 
ATOM   364  O O   . MET A 1 49  ? 2.095   1.671   -4.059  1.00 45.84 ? 49  MET A O   1 
ATOM   365  C CB  . MET A 1 49  ? -1.156  2.413   -3.983  1.00 45.52 ? 49  MET A CB  1 
ATOM   366  C CG  . MET A 1 49  ? -2.147  3.367   -3.251  1.00 45.66 ? 49  MET A CG  1 
ATOM   367  S SD  . MET A 1 49  ? -3.575  2.510   -2.562  1.00 47.67 ? 49  MET A SD  1 
ATOM   368  C CE  . MET A 1 49  ? -4.388  1.958   -4.045  1.00 47.67 ? 49  MET A CE  1 
ATOM   369  N N   . TYR A 1 50  ? 1.071   1.572   -6.075  1.00 45.55 ? 50  TYR A N   1 
ATOM   370  C CA  . TYR A 1 50  ? 2.119   0.743   -6.670  1.00 45.31 ? 50  TYR A CA  1 
ATOM   371  C C   . TYR A 1 50  ? 3.500   1.432   -6.600  1.00 45.57 ? 50  TYR A C   1 
ATOM   372  O O   . TYR A 1 50  ? 4.486   0.821   -6.184  1.00 44.76 ? 50  TYR A O   1 
ATOM   373  C CB  . TYR A 1 50  ? 1.792   0.275   -8.100  1.00 45.12 ? 50  TYR A CB  1 
ATOM   374  C CG  . TYR A 1 50  ? 2.975   -0.515  -8.674  1.00 45.65 ? 50  TYR A CG  1 
ATOM   375  C CD1 . TYR A 1 50  ? 3.174   -1.863  -8.350  1.00 44.44 ? 50  TYR A CD1 1 
ATOM   376  C CD2 . TYR A 1 50  ? 3.931   0.114   -9.474  1.00 47.15 ? 50  TYR A CD2 1 
ATOM   377  C CE1 . TYR A 1 50  ? 4.291   -2.553  -8.833  1.00 45.00 ? 50  TYR A CE1 1 
ATOM   378  C CE2 . TYR A 1 50  ? 5.051   -0.575  -9.957  1.00 47.50 ? 50  TYR A CE2 1 
ATOM   379  C CZ  . TYR A 1 50  ? 5.235   -1.894  -9.629  1.00 46.63 ? 50  TYR A CZ  1 
ATOM   380  O OH  . TYR A 1 50  ? 6.353   -2.561  -10.123 1.00 47.09 ? 50  TYR A OH  1 
ATOM   381  N N   . CYS A 1 51  ? 3.550   2.698   -6.990  1.00 46.04 ? 51  CYS A N   1 
ATOM   382  C CA  . CYS A 1 51  ? 4.771   3.464   -7.006  1.00 46.08 ? 51  CYS A CA  1 
ATOM   383  C C   . CYS A 1 51  ? 5.456   3.510   -5.659  1.00 45.79 ? 51  CYS A C   1 
ATOM   384  O O   . CYS A 1 51  ? 6.690   3.281   -5.554  1.00 45.39 ? 51  CYS A O   1 
ATOM   385  C CB  . CYS A 1 51  ? 4.480   4.891   -7.552  1.00 46.63 ? 51  CYS A CB  1 
ATOM   386  S SG  . CYS A 1 51  ? 5.917   5.966   -7.776  1.00 46.23 ? 51  CYS A SG  1 
ATOM   387  N N   . LEU A 1 52  ? 4.674   3.801   -4.618  1.00 45.58 ? 52  LEU A N   1 
ATOM   388  C CA  . LEU A 1 52  ? 5.223   3.910   -3.281  1.00 45.96 ? 52  LEU A CA  1 
ATOM   389  C C   . LEU A 1 52  ? 5.708   2.548   -2.780  1.00 44.68 ? 52  LEU A C   1 
ATOM   390  O O   . LEU A 1 52  ? 6.786   2.449   -2.216  1.00 44.52 ? 52  LEU A O   1 
ATOM   391  C CB  . LEU A 1 52  ? 4.179   4.488   -2.321  1.00 45.74 ? 52  LEU A CB  1 
ATOM   392  C CG  . LEU A 1 52  ? 4.746   5.058   -1.027  1.00 48.09 ? 52  LEU A CG  1 
ATOM   393  C CD1 . LEU A 1 52  ? 5.676   6.220   -1.327  1.00 48.97 ? 52  LEU A CD1 1 
ATOM   394  C CD2 . LEU A 1 52  ? 3.575   5.487   -0.117  1.00 47.69 ? 52  LEU A CD2 1 
ATOM   395  N N   . LEU A 1 53  ? 4.908   1.502   -3.002  1.00 44.54 ? 53  LEU A N   1 
ATOM   396  C CA  . LEU A 1 53  ? 5.274   0.163   -2.602  1.00 44.91 ? 53  LEU A CA  1 
ATOM   397  C C   . LEU A 1 53  ? 6.565   -0.305  -3.279  1.00 44.09 ? 53  LEU A C   1 
ATOM   398  O O   . LEU A 1 53  ? 7.442   -0.889  -2.646  1.00 43.25 ? 53  LEU A O   1 
ATOM   399  C CB  . LEU A 1 53  ? 4.169   -0.814  -2.929  1.00 45.44 ? 53  LEU A CB  1 
ATOM   400  C CG  . LEU A 1 53  ? 2.925   -0.695  -2.060  1.00 46.77 ? 53  LEU A CG  1 
ATOM   401  C CD1 . LEU A 1 53  ? 1.852   -1.616  -2.634  1.00 49.74 ? 53  LEU A CD1 1 
ATOM   402  C CD2 . LEU A 1 53  ? 3.168   -1.017  -0.599  1.00 51.56 ? 53  LEU A CD2 1 
ATOM   403  N N   . GLU A 1 54  ? 6.666   -0.045  -4.567  1.00 44.96 ? 54  GLU A N   1 
ATOM   404  C CA  . GLU A 1 54  ? 7.876   -0.377  -5.346  1.00 44.84 ? 54  GLU A CA  1 
ATOM   405  C C   . GLU A 1 54  ? 9.100   0.353   -4.829  1.00 45.48 ? 54  GLU A C   1 
ATOM   406  O O   . GLU A 1 54  ? 10.210  -0.206  -4.813  1.00 45.75 ? 54  GLU A O   1 
ATOM   407  C CB  . GLU A 1 54  ? 7.632   -0.016  -6.799  1.00 45.11 ? 54  GLU A CB  1 
ATOM   408  C CG  . GLU A 1 54  ? 8.681   -0.500  -7.783  1.00 44.98 ? 54  GLU A CG  1 
ATOM   409  C CD  . GLU A 1 54  ? 10.021  0.239   -7.736  1.00 45.88 ? 54  GLU A CD  1 
ATOM   410  O OE1 . GLU A 1 54  ? 10.037  1.485   -7.509  1.00 47.54 ? 54  GLU A OE1 1 
ATOM   411  O OE2 . GLU A 1 54  ? 11.078  -0.442  -7.929  0.50 42.14 ? 54  GLU A OE2 1 
ATOM   412  N N   . ALA A 1 55  ? 8.906   1.619   -4.449  1.00 45.42 ? 55  ALA A N   1 
ATOM   413  C CA  . ALA A 1 55  ? 9.986   2.470   -3.910  1.00 46.07 ? 55  ALA A CA  1 
ATOM   414  C C   . ALA A 1 55  ? 10.607  1.851   -2.671  1.00 46.99 ? 55  ALA A C   1 
ATOM   415  O O   . ALA A 1 55  ? 11.791  2.047   -2.382  1.00 47.57 ? 55  ALA A O   1 
ATOM   416  C CB  . ALA A 1 55  ? 9.446   3.884   -3.594  1.00 45.60 ? 55  ALA A CB  1 
ATOM   417  N N   . PHE A 1 56  ? 9.816   1.098   -1.923  1.00 47.01 ? 56  PHE A N   1 
ATOM   418  C CA  . PHE A 1 56  ? 10.332  0.491   -0.713  1.00 47.40 ? 56  PHE A CA  1 
ATOM   419  C C   . PHE A 1 56  ? 10.486  -1.025  -0.790  1.00 46.93 ? 56  PHE A C   1 
ATOM   420  O O   . PHE A 1 56  ? 10.506  -1.708  0.239   1.00 46.14 ? 56  PHE A O   1 
ATOM   421  C CB  . PHE A 1 56  ? 9.462   0.971   0.431   1.00 49.24 ? 56  PHE A CB  1 
ATOM   422  C CG  . PHE A 1 56  ? 9.806   2.365   0.830   1.00 50.21 ? 56  PHE A CG  1 
ATOM   423  C CD1 . PHE A 1 56  ? 10.884  2.589   1.682   1.00 53.53 ? 56  PHE A CD1 1 
ATOM   424  C CD2 . PHE A 1 56  ? 9.154   3.440   0.278   1.00 50.83 ? 56  PHE A CD2 1 
ATOM   425  C CE1 . PHE A 1 56  ? 11.256  3.901   2.045   1.00 52.60 ? 56  PHE A CE1 1 
ATOM   426  C CE2 . PHE A 1 56  ? 9.540   4.760   0.613   1.00 51.76 ? 56  PHE A CE2 1 
ATOM   427  C CZ  . PHE A 1 56  ? 10.574  4.975   1.494   1.00 51.66 ? 56  PHE A CZ  1 
ATOM   428  N N   . SER A 1 57  ? 10.585  -1.518  -2.037  1.00 46.33 ? 57  SER A N   1 
ATOM   429  C CA  . SER A 1 57  ? 10.832  -2.923  -2.363  1.00 46.24 ? 57  SER A CA  1 
ATOM   430  C C   . SER A 1 57  ? 9.739   -3.874  -1.867  1.00 46.12 ? 57  SER A C   1 
ATOM   431  O O   . SER A 1 57  ? 9.998   -5.037  -1.641  1.00 46.66 ? 57  SER A O   1 
ATOM   432  C CB  . SER A 1 57  ? 12.211  -3.383  -1.871  0.70 45.55 ? 57  SER A CB  1 
ATOM   433  O OG  . SER A 1 57  ? 13.232  -2.598  -2.450  0.50 43.93 ? 57  SER A OG  1 
ATOM   434  N N   . LEU A 1 58  ? 8.531   -3.365  -1.651  1.00 44.50 ? 58  LEU A N   1 
ATOM   435  C CA  . LEU A 1 58  ? 7.455   -4.227  -1.189  1.00 45.01 ? 58  LEU A CA  1 
ATOM   436  C C   . LEU A 1 58  ? 6.833   -4.997  -2.343  1.00 43.75 ? 58  LEU A C   1 
ATOM   437  O O   . LEU A 1 58  ? 6.188   -6.003  -2.115  1.00 44.28 ? 58  LEU A O   1 
ATOM   438  C CB  . LEU A 1 58  ? 6.392   -3.429  -0.428  1.00 44.77 ? 58  LEU A CB  1 
ATOM   439  C CG  . LEU A 1 58  ? 7.000   -2.878  0.866   1.00 47.60 ? 58  LEU A CG  1 
ATOM   440  C CD1 . LEU A 1 58  ? 6.419   -1.535  1.316   1.00 50.23 ? 58  LEU A CD1 1 
ATOM   441  C CD2 . LEU A 1 58  ? 6.887   -3.960  1.934   1.00 50.19 ? 58  LEU A CD2 1 
ATOM   442  N N   . VAL A 1 59  ? 7.030   -4.524  -3.567  1.00 44.61 ? 59  VAL A N   1 
ATOM   443  C CA  . VAL A 1 59  ? 6.500   -5.212  -4.745  1.00 44.41 ? 59  VAL A CA  1 
ATOM   444  C C   . VAL A 1 59  ? 7.514   -5.160  -5.841  1.00 45.36 ? 59  VAL A C   1 
ATOM   445  O O   . VAL A 1 59  ? 8.383   -4.299  -5.823  1.00 45.85 ? 59  VAL A O   1 
ATOM   446  C CB  . VAL A 1 59  ? 5.220   -4.567  -5.287  1.00 43.95 ? 59  VAL A CB  1 
ATOM   447  C CG1 . VAL A 1 59  ? 4.075   -4.784  -4.326  1.00 42.15 ? 59  VAL A CG1 1 
ATOM   448  C CG2 . VAL A 1 59  ? 5.436   -3.038  -5.637  1.00 44.53 ? 59  VAL A CG2 1 
ATOM   449  N N   . ASP A 1 60  ? 7.468   -6.089  -6.789  1.00 44.79 ? 60  ASP A N   1 
ATOM   450  C CA  . ASP A 1 60  ? 8.364   -6.222  -7.925  1.00 45.10 ? 60  ASP A CA  1 
ATOM   451  C C   . ASP A 1 60  ? 7.707   -5.710  -9.224  1.00 45.68 ? 60  ASP A C   1 
ATOM   452  O O   . ASP A 1 60  ? 6.710   -4.985  -9.174  1.00 46.00 ? 60  ASP A O   1 
ATOM   453  C CB  . ASP A 1 60  ? 8.834   -7.672  -8.017  1.00 45.14 ? 60  ASP A CB  1 
ATOM   454  C CG  . ASP A 1 60  ? 7.728   -8.648  -8.376  1.00 44.70 ? 60  ASP A CG  1 
ATOM   455  O OD1 . ASP A 1 60  ? 6.624   -8.219  -8.750  1.00 45.63 ? 60  ASP A OD1 1 
ATOM   456  O OD2 . ASP A 1 60  ? 7.987   -9.858  -8.302  1.00 45.95 ? 60  ASP A OD2 1 
ATOM   457  N N   . ASP A 1 61  ? 8.394   -5.947  -10.294 1.00 45.51 ? 61  ASP A N   1 
ATOM   458  C CA  . ASP A 1 61  ? 7.972   -5.430  -11.594 1.00 44.69 ? 61  ASP A CA  1 
ATOM   459  C C   . ASP A 1 61  ? 6.567   -5.833  -12.035 1.00 44.99 ? 61  ASP A C   1 
ATOM   460  O O   . ASP A 1 61  ? 6.032   -5.209  -12.988 1.00 44.00 ? 61  ASP A O   1 
ATOM   461  C CB  . ASP A 1 61  ? 9.004   -5.787  -12.704 1.00 44.54 ? 61  ASP A CB  1 
ATOM   462  C CG  . ASP A 1 61  ? 8.940   -7.241  -13.137 1.00 43.11 ? 61  ASP A CG  1 
ATOM   463  O OD1 . ASP A 1 61  ? 8.730   -8.144  -12.293 1.00 46.68 ? 61  ASP A OD1 1 
ATOM   464  O OD2 . ASP A 1 61  ? 9.208   -7.544  -14.327 1.00 41.58 ? 61  ASP A OD2 1 
ATOM   465  N N   . GLU A 1 62  ? 6.004   -6.899  -11.427 1.00 44.82 ? 62  GLU A N   1 
ATOM   466  C CA  . GLU A 1 62  ? 4.647   -7.313  -11.770 1.00 44.96 ? 62  GLU A CA  1 
ATOM   467  C C   . GLU A 1 62  ? 3.746   -7.285  -10.521 1.00 45.19 ? 62  GLU A C   1 
ATOM   468  O O   . GLU A 1 62  ? 2.729   -7.974  -10.457 1.00 45.70 ? 62  GLU A O   1 
ATOM   469  C CB  . GLU A 1 62  ? 4.647   -8.669  -12.479 1.00 45.11 ? 62  GLU A CB  1 
ATOM   470  C CG  . GLU A 1 62  ? 5.206   -8.547  -13.884 1.00 45.86 ? 62  GLU A CG  1 
ATOM   471  C CD  . GLU A 1 62  ? 4.986   -9.747  -14.792 1.00 45.96 ? 62  GLU A CD  1 
ATOM   472  O OE1 . GLU A 1 62  ? 4.759   -10.879 -14.318 1.00 47.76 ? 62  GLU A OE1 1 
ATOM   473  O OE2 . GLU A 1 62  ? 5.115   -9.504  -16.018 1.00 48.95 ? 62  GLU A OE2 1 
ATOM   474  N N   . ALA A 1 63  ? 4.101   -6.436  -9.551  1.00 44.92 ? 63  ALA A N   1 
ATOM   475  C CA  . ALA A 1 63  ? 3.265   -6.249  -8.379  1.00 44.85 ? 63  ALA A CA  1 
ATOM   476  C C   . ALA A 1 63  ? 3.057   -7.557  -7.577  1.00 44.61 ? 63  ALA A C   1 
ATOM   477  O O   . ALA A 1 63  ? 2.011   -7.765  -6.903  1.00 45.89 ? 63  ALA A O   1 
ATOM   478  C CB  . ALA A 1 63  ? 1.912   -5.566  -8.797  1.00 43.61 ? 63  ALA A CB  1 
ATOM   479  N N   . ASN A 1 64  ? 4.056   -8.450  -7.607  1.00 44.56 ? 64  ASN A N   1 
ATOM   480  C CA  . ASN A 1 64  ? 4.119   -9.515  -6.636  1.00 44.32 ? 64  ASN A CA  1 
ATOM   481  C C   . ASN A 1 64  ? 4.634   -8.933  -5.323  1.00 44.77 ? 64  ASN A C   1 
ATOM   482  O O   . ASN A 1 64  ? 5.639   -8.232  -5.335  1.00 44.86 ? 64  ASN A O   1 
ATOM   483  C CB  . ASN A 1 64  ? 5.050   -10.636 -7.083  1.00 43.91 ? 64  ASN A CB  1 
ATOM   484  C CG  . ASN A 1 64  ? 4.682   -11.185 -8.455  1.00 45.84 ? 64  ASN A CG  1 
ATOM   485  O OD1 . ASN A 1 64  ? 5.416   -11.024 -9.451  1.00 48.94 ? 64  ASN A OD1 1 
ATOM   486  N ND2 . ASN A 1 64  ? 3.555   -11.817 -8.508  1.00 41.55 ? 64  ASN A ND2 1 
ATOM   487  N N   . VAL A 1 65  ? 3.998   -9.262  -4.203  1.00 45.03 ? 65  VAL A N   1 
ATOM   488  C CA  . VAL A 1 65  ? 4.391   -8.739  -2.889  1.00 44.71 ? 65  VAL A CA  1 
ATOM   489  C C   . VAL A 1 65  ? 5.481   -9.593  -2.251  1.00 45.26 ? 65  VAL A C   1 
ATOM   490  O O   . VAL A 1 65  ? 5.429   -10.801 -2.271  1.00 44.65 ? 65  VAL A O   1 
ATOM   491  C CB  . VAL A 1 65  ? 3.180   -8.591  -1.943  1.00 44.96 ? 65  VAL A CB  1 
ATOM   492  C CG1 . VAL A 1 65  ? 3.598   -8.302  -0.450  1.00 43.79 ? 65  VAL A CG1 1 
ATOM   493  C CG2 . VAL A 1 65  ? 2.260   -7.553  -2.493  1.00 44.15 ? 65  VAL A CG2 1 
ATOM   494  N N   . ASP A 1 66  ? 6.480   -8.920  -1.701  1.00 45.77 ? 66  ASP A N   1 
ATOM   495  C CA  . ASP A 1 66  ? 7.474   -9.570  -0.873  1.00 46.51 ? 66  ASP A CA  1 
ATOM   496  C C   . ASP A 1 66  ? 6.895   -9.581  0.547   1.00 46.43 ? 66  ASP A C   1 
ATOM   497  O O   . ASP A 1 66  ? 6.856   -8.568  1.236   1.00 45.19 ? 66  ASP A O   1 
ATOM   498  C CB  . ASP A 1 66  ? 8.779   -8.796  -0.948  1.00 46.88 ? 66  ASP A CB  1 
ATOM   499  C CG  . ASP A 1 66  ? 9.924   -9.507  -0.244  1.00 47.92 ? 66  ASP A CG  1 
ATOM   500  O OD1 . ASP A 1 66  ? 9.705   -10.155 0.804   1.00 50.72 ? 66  ASP A OD1 1 
ATOM   501  O OD2 . ASP A 1 66  ? 11.062  -9.355  -0.732  1.00 50.76 ? 66  ASP A OD2 1 
ATOM   502  N N   . GLU A 1 67  ? 6.415   -10.737 0.967   1.00 47.34 ? 67  GLU A N   1 
ATOM   503  C CA  . GLU A 1 67  ? 5.670   -10.813 2.222   1.00 47.77 ? 67  GLU A CA  1 
ATOM   504  C C   . GLU A 1 67  ? 6.541   -10.547 3.438   1.00 47.65 ? 67  GLU A C   1 
ATOM   505  O O   . GLU A 1 67  ? 6.073   -10.005 4.420   1.00 47.62 ? 67  GLU A O   1 
ATOM   506  C CB  . GLU A 1 67  ? 4.945   -12.160 2.339   1.00 48.45 ? 67  GLU A CB  1 
ATOM   507  C CG  . GLU A 1 67  ? 3.886   -12.310 1.228   1.00 49.73 ? 67  GLU A CG  1 
ATOM   508  C CD  . GLU A 1 67  ? 3.288   -13.705 1.110   0.50 48.55 ? 67  GLU A CD  1 
ATOM   509  O OE1 . GLU A 1 67  ? 3.028   -14.321 2.157   0.50 43.89 ? 67  GLU A OE1 1 
ATOM   510  O OE2 . GLU A 1 67  ? 3.071   -14.162 -0.046  0.50 48.83 ? 67  GLU A OE2 1 
ATOM   511  N N   . ASP A 1 68  ? 7.808   -10.925 3.370   1.00 48.01 ? 68  ASP A N   1 
ATOM   512  C CA  . ASP A 1 68  ? 8.692   -10.776 4.521   1.00 48.06 ? 68  ASP A CA  1 
ATOM   513  C C   . ASP A 1 68  ? 9.007   -9.304  4.737   1.00 47.62 ? 68  ASP A C   1 
ATOM   514  O O   . ASP A 1 68  ? 9.049   -8.861  5.865   1.00 46.88 ? 68  ASP A O   1 
ATOM   515  C CB  . ASP A 1 68  ? 9.980   -11.593 4.352   1.00 48.47 ? 68  ASP A CB  1 
ATOM   516  C CG  . ASP A 1 68  ? 9.742   -13.095 4.449   0.50 48.20 ? 68  ASP A CG  1 
ATOM   517  O OD1 . ASP A 1 68  ? 8.861   -13.525 5.215   0.50 48.79 ? 68  ASP A OD1 1 
ATOM   518  O OD2 . ASP A 1 68  ? 10.438  -13.849 3.752   0.50 48.39 ? 68  ASP A OD2 1 
ATOM   519  N N   . ILE A 1 69  ? 9.202   -8.551  3.656   1.00 47.57 ? 69  ILE A N   1 
ATOM   520  C CA  . ILE A 1 69  ? 9.384   -7.093  3.752   1.00 47.70 ? 69  ILE A CA  1 
ATOM   521  C C   . ILE A 1 69  ? 8.094   -6.372  4.213   1.00 47.24 ? 69  ILE A C   1 
ATOM   522  O O   . ILE A 1 69  ? 8.149   -5.473  5.082   1.00 47.36 ? 69  ILE A O   1 
ATOM   523  C CB  . ILE A 1 69  ? 9.833   -6.498  2.414   1.00 48.06 ? 69  ILE A CB  1 
ATOM   524  C CG1 . ILE A 1 69  ? 11.265  -6.911  2.112   1.00 49.53 ? 69  ILE A CG1 1 
ATOM   525  C CG2 . ILE A 1 69  ? 9.755   -4.970  2.430   1.00 48.58 ? 69  ILE A CG2 1 
ATOM   526  C CD1 . ILE A 1 69  ? 11.606  -6.583  0.662   1.00 49.65 ? 69  ILE A CD1 1 
ATOM   527  N N   . MET A 1 70  ? 6.957   -6.775  3.657   1.00 46.16 ? 70  MET A N   1 
ATOM   528  C CA  A MET A 1 70  ? 5.676   -6.220  4.069   0.80 46.28 ? 70  MET A CA  1 
ATOM   529  C CA  B MET A 1 70  ? 5.657   -6.244  4.072   0.20 46.37 ? 70  MET A CA  1 
ATOM   530  C C   . MET A 1 70  ? 5.455   -6.446  5.572   1.00 46.13 ? 70  MET A C   1 
ATOM   531  O O   . MET A 1 70  ? 5.127   -5.514  6.293   1.00 45.62 ? 70  MET A O   1 
ATOM   532  C CB  A MET A 1 70  ? 4.533   -6.817  3.248   0.80 45.88 ? 70  MET A CB  1 
ATOM   533  C CB  B MET A 1 70  ? 4.524   -6.923  3.297   0.20 46.15 ? 70  MET A CB  1 
ATOM   534  C CG  A MET A 1 70  ? 3.156   -6.378  3.714   0.80 46.04 ? 70  MET A CG  1 
ATOM   535  C CG  B MET A 1 70  ? 3.122   -6.539  3.764   0.20 46.15 ? 70  MET A CG  1 
ATOM   536  S SD  A MET A 1 70  ? 1.873   -6.807  2.508   0.80 47.65 ? 70  MET A SD  1 
ATOM   537  S SD  B MET A 1 70  ? 2.682   -4.840  3.369   0.20 45.95 ? 70  MET A SD  1 
ATOM   538  C CE  A MET A 1 70  ? 2.097   -5.474  1.370   0.80 43.61 ? 70  MET A CE  1 
ATOM   539  C CE  B MET A 1 70  ? 2.373   -5.002  1.615   0.20 45.96 ? 70  MET A CE  1 
ATOM   540  N N   . LEU A 1 71  ? 5.670   -7.667  6.036   1.00 45.99 ? 71  LEU A N   1 
ATOM   541  C CA  . LEU A 1 71  ? 5.549   -7.953  7.461   1.00 46.75 ? 71  LEU A CA  1 
ATOM   542  C C   . LEU A 1 71  ? 6.634   -7.255  8.259   1.00 46.70 ? 71  LEU A C   1 
ATOM   543  O O   . LEU A 1 71  ? 6.369   -6.715  9.320   1.00 47.19 ? 71  LEU A O   1 
ATOM   544  C CB  . LEU A 1 71  ? 5.593   -9.464  7.714   1.00 46.86 ? 71  LEU A CB  1 
ATOM   545  C CG  . LEU A 1 71  ? 4.250   -10.099 7.377   1.00 48.04 ? 71  LEU A CG  1 
ATOM   546  C CD1 . LEU A 1 71  ? 4.402   -11.580 7.113   1.00 49.68 ? 71  LEU A CD1 1 
ATOM   547  C CD2 . LEU A 1 71  ? 3.256   -9.825  8.500   1.00 48.20 ? 71  LEU A CD2 1 
ATOM   548  N N   . GLY A 1 72  ? 7.855   -7.258  7.746   1.00 46.91 ? 72  GLY A N   1 
ATOM   549  C CA  . GLY A 1 72  ? 8.965   -6.536  8.386   1.00 47.25 ? 72  GLY A CA  1 
ATOM   550  C C   . GLY A 1 72  ? 8.745   -5.041  8.597   1.00 47.43 ? 72  GLY A C   1 
ATOM   551  O O   . GLY A 1 72  ? 9.433   -4.418  9.415   1.00 47.83 ? 72  GLY A O   1 
ATOM   552  N N   . LEU A 1 73  ? 7.805   -4.456  7.858   1.00 47.48 ? 73  LEU A N   1 
ATOM   553  C CA  . LEU A 1 73  ? 7.548   -3.017  7.929   1.00 48.16 ? 73  LEU A CA  1 
ATOM   554  C C   . LEU A 1 73  ? 6.503   -2.676  8.994   1.00 48.16 ? 73  LEU A C   1 
ATOM   555  O O   . LEU A 1 73  ? 6.468   -1.549  9.498   1.00 49.54 ? 73  LEU A O   1 
ATOM   556  C CB  . LEU A 1 73  ? 7.157   -2.453  6.552   1.00 48.21 ? 73  LEU A CB  1 
ATOM   557  C CG  . LEU A 1 73  ? 8.252   -1.711  5.776   1.00 50.48 ? 73  LEU A CG  1 
ATOM   558  C CD1 . LEU A 1 73  ? 9.667   -2.289  6.005   1.00 52.07 ? 73  LEU A CD1 1 
ATOM   559  C CD2 . LEU A 1 73  ? 7.926   -1.623  4.285   1.00 49.39 ? 73  LEU A CD2 1 
ATOM   560  N N   . LEU A 1 74  ? 5.692   -3.642  9.375   1.00 47.36 ? 74  LEU A N   1 
ATOM   561  C CA  . LEU A 1 74  ? 4.608   -3.384  10.308  1.00 46.68 ? 74  LEU A CA  1 
ATOM   562  C C   . LEU A 1 74  ? 5.138   -3.610  11.723  1.00 46.42 ? 74  LEU A C   1 
ATOM   563  O O   . LEU A 1 74  ? 6.146   -4.296  11.900  1.00 45.97 ? 74  LEU A O   1 
ATOM   564  C CB  . LEU A 1 74  ? 3.423   -4.316  10.011  1.00 46.19 ? 74  LEU A CB  1 
ATOM   565  C CG  . LEU A 1 74  ? 2.815   -4.274  8.608   1.00 46.54 ? 74  LEU A CG  1 
ATOM   566  C CD1 . LEU A 1 74  ? 1.869   -5.475  8.340   1.00 47.60 ? 74  LEU A CD1 1 
ATOM   567  C CD2 . LEU A 1 74  ? 2.050   -2.972  8.406   1.00 45.98 ? 74  LEU A CD2 1 
ATOM   568  N N   . PRO A 1 75  ? 4.469   -3.035  12.732  1.00 46.04 ? 75  PRO A N   1 
ATOM   569  C CA  . PRO A 1 75  ? 4.838   -3.280  14.129  1.00 46.15 ? 75  PRO A CA  1 
ATOM   570  C C   . PRO A 1 75  ? 4.750   -4.764  14.487  1.00 45.82 ? 75  PRO A C   1 
ATOM   571  O O   . PRO A 1 75  ? 3.886   -5.463  13.956  1.00 45.65 ? 75  PRO A O   1 
ATOM   572  C CB  . PRO A 1 75  ? 3.778   -2.496  14.914  1.00 45.94 ? 75  PRO A CB  1 
ATOM   573  C CG  . PRO A 1 75  ? 3.267   -1.492  13.960  1.00 46.65 ? 75  PRO A CG  1 
ATOM   574  C CD  . PRO A 1 75  ? 3.314   -2.130  12.623  1.00 46.17 ? 75  PRO A CD  1 
ATOM   575  N N   . ASP A 1 76  ? 5.607   -5.234  15.396  1.00 45.63 ? 76  ASP A N   1 
ATOM   576  C CA  . ASP A 1 76  ? 5.542   -6.630  15.851  1.00 45.78 ? 76  ASP A CA  1 
ATOM   577  C C   . ASP A 1 76  ? 4.107   -6.972  16.233  1.00 45.54 ? 76  ASP A C   1 
ATOM   578  O O   . ASP A 1 76  ? 3.640   -8.067  15.964  1.00 45.35 ? 76  ASP A O   1 
ATOM   579  C CB  . ASP A 1 76  ? 6.441   -6.920  17.064  1.00 45.04 ? 76  ASP A CB  1 
ATOM   580  C CG  . ASP A 1 76  ? 7.939   -6.879  16.740  1.00 46.47 ? 76  ASP A CG  1 
ATOM   581  O OD1 . ASP A 1 76  ? 8.326   -6.884  15.545  1.00 46.52 ? 76  ASP A OD1 1 
ATOM   582  O OD2 . ASP A 1 76  ? 8.745   -6.828  17.709  1.00 46.91 ? 76  ASP A OD2 1 
ATOM   583  N N   . GLN A 1 77  ? 3.406   -6.038  16.867  1.00 45.59 ? 77  GLN A N   1 
ATOM   584  C CA  . GLN A 1 77  ? 2.131   -6.399  17.457  1.00 46.07 ? 77  GLN A CA  1 
ATOM   585  C C   . GLN A 1 77  ? 0.971   -6.496  16.444  1.00 45.63 ? 77  GLN A C   1 
ATOM   586  O O   . GLN A 1 77  ? -0.107  -6.964  16.804  1.00 44.53 ? 77  GLN A O   1 
ATOM   587  C CB  . GLN A 1 77  ? 1.816   -5.528  18.683  1.00 45.86 ? 77  GLN A CB  1 
ATOM   588  C CG  . GLN A 1 77  ? 1.244   -4.162  18.432  1.00 46.82 ? 77  GLN A CG  1 
ATOM   589  C CD  . GLN A 1 77  ? 1.100   -3.388  19.737  0.50 46.85 ? 77  GLN A CD  1 
ATOM   590  O OE1 . GLN A 1 77  ? 2.088   -3.144  20.442  0.50 47.75 ? 77  GLN A OE1 1 
ATOM   591  N NE2 . GLN A 1 77  ? -0.133  -3.011  20.073  0.50 47.58 ? 77  GLN A NE2 1 
ATOM   592  N N   . LEU A 1 78  ? 1.210   -6.109  15.183  1.00 46.43 ? 78  LEU A N   1 
ATOM   593  C CA  . LEU A 1 78  ? 0.240   -6.367  14.106  1.00 47.16 ? 78  LEU A CA  1 
ATOM   594  C C   . LEU A 1 78  ? 0.588   -7.547  13.185  1.00 47.32 ? 78  LEU A C   1 
ATOM   595  O O   . LEU A 1 78  ? -0.218  -7.915  12.314  1.00 47.68 ? 78  LEU A O   1 
ATOM   596  C CB  . LEU A 1 78  ? 0.068   -5.133  13.222  1.00 48.10 ? 78  LEU A CB  1 
ATOM   597  C CG  . LEU A 1 78  ? -0.526  -3.867  13.839  1.00 50.20 ? 78  LEU A CG  1 
ATOM   598  C CD1 . LEU A 1 78  ? -0.702  -2.801  12.743  0.50 50.00 ? 78  LEU A CD1 1 
ATOM   599  C CD2 . LEU A 1 78  ? -1.857  -4.161  14.540  0.70 51.69 ? 78  LEU A CD2 1 
ATOM   600  N N   . GLN A 1 79  ? 1.749   -8.167  13.384  1.00 46.72 ? 79  GLN A N   1 
ATOM   601  C CA  A GLN A 1 79  ? 2.195   -9.155  12.416  0.70 46.91 ? 79  GLN A CA  1 
ATOM   602  C CA  B GLN A 1 79  ? 2.253   -9.224  12.486  0.30 46.59 ? 79  GLN A CA  1 
ATOM   603  C C   . GLN A 1 79  ? 1.291   -10.397 12.303  1.00 46.37 ? 79  GLN A C   1 
ATOM   604  O O   . GLN A 1 79  ? 1.016   -10.823 11.190  1.00 46.08 ? 79  GLN A O   1 
ATOM   605  C CB  A GLN A 1 79  ? 3.665   -9.505  12.625  0.70 47.00 ? 79  GLN A CB  1 
ATOM   606  C CB  B GLN A 1 79  ? 3.585   -9.783  13.005  0.30 46.59 ? 79  GLN A CB  1 
ATOM   607  C CG  A GLN A 1 79  ? 4.593   -8.308  12.284  0.70 47.52 ? 79  GLN A CG  1 
ATOM   608  C CG  B GLN A 1 79  ? 4.717   -8.766  13.134  0.30 46.98 ? 79  GLN A CG  1 
ATOM   609  C CD  A GLN A 1 79  ? 6.035   -8.705  12.035  0.70 48.46 ? 79  GLN A CD  1 
ATOM   610  C CD  B GLN A 1 79  ? 4.980   -7.997  11.858  0.30 46.79 ? 79  GLN A CD  1 
ATOM   611  O OE1 A GLN A 1 79  ? 6.325   -9.826  11.591  0.70 51.23 ? 79  GLN A OE1 1 
ATOM   612  O OE1 B GLN A 1 79  ? 4.734   -8.485  10.762  0.30 47.84 ? 79  GLN A OE1 1 
ATOM   613  N NE2 A GLN A 1 79  ? 6.958   -7.772  12.294  0.70 50.19 ? 79  GLN A NE2 1 
ATOM   614  N NE2 B GLN A 1 79  ? 5.486   -6.787  11.996  0.30 47.67 ? 79  GLN A NE2 1 
ATOM   615  N N   . GLU A 1 80  ? 0.809   -10.935 13.419  1.00 45.87 ? 80  GLU A N   1 
ATOM   616  C CA  . GLU A 1 80  ? -0.103  -12.099 13.404  1.00 45.77 ? 80  GLU A CA  1 
ATOM   617  C C   . GLU A 1 80  ? -1.352  -11.811 12.564  1.00 45.68 ? 80  GLU A C   1 
ATOM   618  O O   . GLU A 1 80  ? -1.723  -12.573 11.644  1.00 44.53 ? 80  GLU A O   1 
ATOM   619  C CB  . GLU A 1 80  ? -0.501  -12.480 14.845  1.00 45.91 ? 80  GLU A CB  1 
ATOM   620  C CG  . GLU A 1 80  ? -1.304  -13.761 14.956  0.50 45.60 ? 80  GLU A CG  1 
ATOM   621  C CD  . GLU A 1 80  ? -1.145  -14.455 16.313  0.50 45.24 ? 80  GLU A CD  1 
ATOM   622  O OE1 . GLU A 1 80  ? -0.087  -15.066 16.566  0.50 45.12 ? 80  GLU A OE1 1 
ATOM   623  O OE2 . GLU A 1 80  ? -2.093  -14.399 17.122  0.50 42.29 ? 80  GLU A OE2 1 
ATOM   624  N N   . ARG A 1 81  ? -1.971  -10.674 12.847  1.00 45.65 ? 81  ARG A N   1 
ATOM   625  C CA  . ARG A 1 81  ? -3.155  -10.271 12.107  1.00 45.72 ? 81  ARG A CA  1 
ATOM   626  C C   . ARG A 1 81  ? -2.838  -9.960  10.637  1.00 45.47 ? 81  ARG A C   1 
ATOM   627  O O   . ARG A 1 81  ? -3.630  -10.245 9.736   1.00 44.53 ? 81  ARG A O   1 
ATOM   628  C CB  . ARG A 1 81  ? -3.760  -9.064  12.786  1.00 46.18 ? 81  ARG A CB  1 
ATOM   629  C CG  . ARG A 1 81  ? -5.133  -8.705  12.291  1.00 47.23 ? 81  ARG A CG  1 
ATOM   630  C CD  . ARG A 1 81  ? -5.879  -7.985  13.382  1.00 48.17 ? 81  ARG A CD  1 
ATOM   631  N NE  . ARG A 1 81  ? -7.210  -7.618  12.930  1.00 49.46 ? 81  ARG A NE  1 
ATOM   632  C CZ  . ARG A 1 81  ? -8.091  -6.957  13.664  1.00 49.22 ? 81  ARG A CZ  1 
ATOM   633  N NH1 . ARG A 1 81  ? -7.797  -6.580  14.906  1.00 50.08 ? 81  ARG A NH1 1 
ATOM   634  N NH2 . ARG A 1 81  ? -9.281  -6.690  13.153  1.00 49.62 ? 81  ARG A NH2 1 
ATOM   635  N N   . ALA A 1 82  ? -1.679  -9.363  10.391  1.00 45.11 ? 82  ALA A N   1 
ATOM   636  C CA  . ALA A 1 82  ? -1.272  -9.022  9.028   1.00 45.26 ? 82  ALA A CA  1 
ATOM   637  C C   . ALA A 1 82  ? -1.045  -10.295 8.191   1.00 45.70 ? 82  ALA A C   1 
ATOM   638  O O   . ALA A 1 82  ? -1.467  -10.381 7.023   1.00 45.97 ? 82  ALA A O   1 
ATOM   639  C CB  . ALA A 1 82  ? -0.017  -8.113  9.062   1.00 44.87 ? 82  ALA A CB  1 
ATOM   640  N N   . GLN A 1 83  ? -0.406  -11.290 8.805   1.00 45.44 ? 83  GLN A N   1 
ATOM   641  C CA  . GLN A 1 83  ? -0.131  -12.562 8.157   1.00 45.47 ? 83  GLN A CA  1 
ATOM   642  C C   . GLN A 1 83  ? -1.452  -13.247 7.751   1.00 45.46 ? 83  GLN A C   1 
ATOM   643  O O   . GLN A 1 83  ? -1.556  -13.786 6.660   1.00 45.56 ? 83  GLN A O   1 
ATOM   644  C CB  . GLN A 1 83  ? 0.736   -13.450 9.069   1.00 45.88 ? 83  GLN A CB  1 
ATOM   645  C CG  . GLN A 1 83  ? 1.854   -14.244 8.388   0.50 45.93 ? 83  GLN A CG  1 
ATOM   646  C CD  . GLN A 1 83  ? 2.954   -14.649 9.368   0.50 45.92 ? 83  GLN A CD  1 
ATOM   647  O OE1 . GLN A 1 83  ? 2.767   -14.614 10.579  0.50 47.38 ? 83  GLN A OE1 1 
ATOM   648  N NE2 . GLN A 1 83  ? 4.107   -15.033 8.842   0.50 47.26 ? 83  GLN A NE2 1 
ATOM   649  N N   . SER A 1 84  ? -2.470  -13.182 8.607   1.00 45.38 ? 84  SER A N   1 
ATOM   650  C CA  . SER A 1 84  ? -3.797  -13.716 8.266   1.00 45.64 ? 84  SER A CA  1 
ATOM   651  C C   . SER A 1 84  ? -4.417  -12.983 7.044   1.00 45.84 ? 84  SER A C   1 
ATOM   652  O O   . SER A 1 84  ? -4.958  -13.610 6.109   1.00 45.25 ? 84  SER A O   1 
ATOM   653  C CB  . SER A 1 84  ? -4.718  -13.615 9.478   1.00 45.47 ? 84  SER A CB  1 
ATOM   654  O OG  . SER A 1 84  ? -6.046  -14.000 9.169   1.00 45.44 ? 84  SER A OG  1 
ATOM   655  N N   . VAL A 1 85  ? -4.329  -11.662 7.054   1.00 45.96 ? 85  VAL A N   1 
ATOM   656  C CA  . VAL A 1 85  ? -4.831  -10.861 5.940   1.00 45.80 ? 85  VAL A CA  1 
ATOM   657  C C   . VAL A 1 85  ? -4.118  -11.222 4.621   1.00 46.02 ? 85  VAL A C   1 
ATOM   658  O O   . VAL A 1 85  ? -4.748  -11.300 3.548   1.00 45.25 ? 85  VAL A O   1 
ATOM   659  C CB  . VAL A 1 85  ? -4.650  -9.328  6.212   1.00 46.00 ? 85  VAL A CB  1 
ATOM   660  C CG1 . VAL A 1 85  ? -5.076  -8.509  4.997   1.00 46.40 ? 85  VAL A CG1 1 
ATOM   661  C CG2 . VAL A 1 85  ? -5.459  -8.892  7.404   1.00 44.67 ? 85  VAL A CG2 1 
ATOM   662  N N   . MET A 1 86  ? -2.800  -11.392 4.700   1.00 46.19 ? 86  MET A N   1 
ATOM   663  C CA  . MET A 1 86  ? -1.984  -11.739 3.522   1.00 46.54 ? 86  MET A CA  1 
ATOM   664  C C   . MET A 1 86  ? -2.350  -13.121 2.994   1.00 46.31 ? 86  MET A C   1 
ATOM   665  O O   . MET A 1 86  ? -2.347  -13.348 1.776   1.00 45.82 ? 86  MET A O   1 
ATOM   666  C CB  . MET A 1 86  ? -0.484  -11.667 3.859   1.00 46.29 ? 86  MET A CB  1 
ATOM   667  C CG  . MET A 1 86  ? 0.025   -10.220 4.079   0.80 47.72 ? 86  MET A CG  1 
ATOM   668  S SD  . MET A 1 86  ? 1.550   -10.053 5.068   0.80 50.48 ? 86  MET A SD  1 
ATOM   669  C CE  . MET A 1 86  ? 2.792   -10.371 3.844   0.80 47.86 ? 86  MET A CE  1 
ATOM   670  N N   . GLY A 1 87  ? -2.664  -14.039 3.917   1.00 46.61 ? 87  GLY A N   1 
ATOM   671  C CA  . GLY A 1 87  ? -3.208  -15.344 3.553   1.00 46.22 ? 87  GLY A CA  1 
ATOM   672  C C   . GLY A 1 87  ? -4.458  -15.212 2.689   1.00 46.47 ? 87  GLY A C   1 
ATOM   673  O O   . GLY A 1 87  ? -4.641  -15.960 1.738   1.00 46.64 ? 87  GLY A O   1 
ATOM   674  N N   . LYS A 1 88  ? -5.319  -14.252 3.014   1.00 46.39 ? 88  LYS A N   1 
ATOM   675  C CA  . LYS A 1 88  ? -6.525  -14.024 2.237   1.00 46.14 ? 88  LYS A CA  1 
ATOM   676  C C   . LYS A 1 88  ? -6.258  -13.270 0.953   1.00 45.90 ? 88  LYS A C   1 
ATOM   677  O O   . LYS A 1 88  ? -6.835  -13.589 -0.105  1.00 45.70 ? 88  LYS A O   1 
ATOM   678  C CB  . LYS A 1 88  ? -7.563  -13.248 3.046   1.00 46.49 ? 88  LYS A CB  1 
ATOM   679  C CG  . LYS A 1 88  ? -8.800  -12.784 2.215   1.00 47.04 ? 88  LYS A CG  1 
ATOM   680  C CD  . LYS A 1 88  ? -9.818  -12.077 3.127   1.00 47.32 ? 88  LYS A CD  1 
ATOM   681  C CE  . LYS A 1 88  ? -10.996 -11.530 2.365   0.50 46.33 ? 88  LYS A CE  1 
ATOM   682  N NZ  . LYS A 1 88  ? -11.935 -10.893 3.322   0.50 45.35 ? 88  LYS A NZ  1 
ATOM   683  N N   . CYS A 1 89  ? -5.406  -12.248 1.038   1.00 45.02 ? 89  CYS A N   1 
ATOM   684  C CA  . CYS A 1 89  ? -5.343  -11.243 -0.010  1.00 45.66 ? 89  CYS A CA  1 
ATOM   685  C C   . CYS A 1 89  ? -4.211  -11.454 -0.994  1.00 45.40 ? 89  CYS A C   1 
ATOM   686  O O   . CYS A 1 89  ? -4.194  -10.776 -2.033  1.00 47.46 ? 89  CYS A O   1 
ATOM   687  C CB  . CYS A 1 89  ? -5.255  -9.824  0.606   1.00 45.43 ? 89  CYS A CB  1 
ATOM   688  S SG  . CYS A 1 89  ? -6.722  -9.374  1.585   1.00 45.17 ? 89  CYS A SG  1 
ATOM   689  N N   . LEU A 1 90  ? -3.283  -12.358 -0.690  1.00 44.64 ? 90  LEU A N   1 
ATOM   690  C CA  . LEU A 1 90  ? -2.213  -12.695 -1.628  1.00 44.76 ? 90  LEU A CA  1 
ATOM   691  C C   . LEU A 1 90  ? -2.318  -14.139 -2.143  1.00 44.98 ? 90  LEU A C   1 
ATOM   692  O O   . LEU A 1 90  ? -2.811  -15.018 -1.451  1.00 43.20 ? 90  LEU A O   1 
ATOM   693  C CB  . LEU A 1 90  ? -0.828  -12.503 -0.984  1.00 44.61 ? 90  LEU A CB  1 
ATOM   694  C CG  . LEU A 1 90  ? -0.488  -11.125 -0.414  1.00 44.54 ? 90  LEU A CG  1 
ATOM   695  C CD1 . LEU A 1 90  ? 0.881   -11.191 0.277   1.00 45.36 ? 90  LEU A CD1 1 
ATOM   696  C CD2 . LEU A 1 90  ? -0.541  -10.034 -1.439  1.00 45.57 ? 90  LEU A CD2 1 
ATOM   697  N N   . PRO A 1 91  ? -1.785  -14.406 -3.344  1.00 45.17 ? 91  PRO A N   1 
ATOM   698  C CA  . PRO A 1 91  ? -1.104  -13.480 -4.232  1.00 45.55 ? 91  PRO A CA  1 
ATOM   699  C C   . PRO A 1 91  ? -2.025  -12.430 -4.866  1.00 44.71 ? 91  PRO A C   1 
ATOM   700  O O   . PRO A 1 91  ? -3.238  -12.603 -4.913  1.00 42.51 ? 91  PRO A O   1 
ATOM   701  C CB  . PRO A 1 91  ? -0.486  -14.394 -5.302  1.00 45.41 ? 91  PRO A CB  1 
ATOM   702  C CG  . PRO A 1 91  ? -1.324  -15.601 -5.277  1.00 46.16 ? 91  PRO A CG  1 
ATOM   703  C CD  . PRO A 1 91  ? -1.788  -15.784 -3.865  1.00 45.50 ? 91  PRO A CD  1 
ATOM   704  N N   . THR A 1 92  ? -1.407  -11.364 -5.330  1.00 44.31 ? 92  THR A N   1 
ATOM   705  C CA  . THR A 1 92  ? -2.088  -10.283 -6.015  1.00 46.27 ? 92  THR A CA  1 
ATOM   706  C C   . THR A 1 92  ? -2.661  -10.734 -7.357  1.00 47.10 ? 92  THR A C   1 
ATOM   707  O O   . THR A 1 92  ? -2.236  -11.738 -7.927  1.00 45.50 ? 92  THR A O   1 
ATOM   708  C CB  . THR A 1 92  ? -1.164  -9.057  -6.252  1.00 47.22 ? 92  THR A CB  1 
ATOM   709  O OG1 . THR A 1 92  ? -0.046  -9.414  -7.096  1.00 45.24 ? 92  THR A OG1 1 
ATOM   710  C CG2 . THR A 1 92  ? -0.641  -8.512  -4.866  1.00 45.22 ? 92  THR A CG2 1 
ATOM   711  N N   . SER A 1 93  ? -3.639  -9.977  -7.837  1.00 47.42 ? 93  SER A N   1 
ATOM   712  C CA  . SER A 1 93  ? -4.267  -10.291 -9.103  1.00 48.30 ? 93  SER A CA  1 
ATOM   713  C C   . SER A 1 93  ? -4.919  -9.035  -9.663  1.00 48.45 ? 93  SER A C   1 
ATOM   714  O O   . SER A 1 93  ? -5.274  -8.104  -8.913  1.00 48.69 ? 93  SER A O   1 
ATOM   715  C CB  . SER A 1 93  ? -5.267  -11.459 -8.950  1.00 48.85 ? 93  SER A CB  1 
ATOM   716  O OG  . SER A 1 93  ? -6.391  -11.070 -8.184  1.00 51.12 ? 93  SER A OG  1 
ATOM   717  N N   . GLY A 1 94  ? -5.029  -8.995  -10.985 1.00 48.37 ? 94  GLY A N   1 
ATOM   718  C CA  . GLY A 1 94  ? -5.513  -7.809  -11.662 1.00 47.93 ? 94  GLY A CA  1 
ATOM   719  C C   . GLY A 1 94  ? -4.932  -7.693  -13.049 1.00 47.53 ? 94  GLY A C   1 
ATOM   720  O O   . GLY A 1 94  ? -4.149  -8.542  -13.463 1.00 47.90 ? 94  GLY A O   1 
ATOM   721  N N   . SER A 1 95  ? -5.292  -6.613  -13.738 1.00 46.39 ? 95  SER A N   1 
ATOM   722  C CA  . SER A 1 95  ? -5.057  -6.452  -15.169 1.00 46.20 ? 95  SER A CA  1 
ATOM   723  C C   . SER A 1 95  ? -3.684  -5.834  -15.442 1.00 45.66 ? 95  SER A C   1 
ATOM   724  O O   . SER A 1 95  ? -3.211  -5.821  -16.581 1.00 44.54 ? 95  SER A O   1 
ATOM   725  C CB  . SER A 1 95  ? -6.108  -5.495  -15.723 1.00 46.01 ? 95  SER A CB  1 
ATOM   726  O OG  . SER A 1 95  ? -6.091  -4.301  -14.939 1.00 47.97 ? 95  SER A OG  1 
ATOM   727  N N   . ASP A 1 96  ? -3.096  -5.244  -14.413 1.00 44.77 ? 96  ASP A N   1 
ATOM   728  C CA  . ASP A 1 96  ? -1.816  -4.543  -14.522 1.00 45.17 ? 96  ASP A CA  1 
ATOM   729  C C   . ASP A 1 96  ? -1.356  -4.197  -13.106 1.00 44.20 ? 96  ASP A C   1 
ATOM   730  O O   . ASP A 1 96  ? -2.086  -4.423  -12.161 1.00 44.36 ? 96  ASP A O   1 
ATOM   731  C CB  . ASP A 1 96  ? -1.929  -3.276  -15.410 1.00 45.38 ? 96  ASP A CB  1 
ATOM   732  C CG  . ASP A 1 96  ? -2.909  -2.249  -14.843 1.00 47.62 ? 96  ASP A CG  1 
ATOM   733  O OD1 . ASP A 1 96  ? -2.760  -1.832  -13.675 1.00 46.34 ? 96  ASP A OD1 1 
ATOM   734  O OD2 . ASP A 1 96  ? -3.833  -1.844  -15.562 1.00 52.26 ? 96  ASP A OD2 1 
ATOM   735  N N   . ASN A 1 97  ? -0.157  -3.657  -12.985 1.00 43.60 ? 97  ASN A N   1 
ATOM   736  C CA  . ASN A 1 97  ? 0.438   -3.341  -11.687 1.00 44.71 ? 97  ASN A CA  1 
ATOM   737  C C   . ASN A 1 97  ? -0.455  -2.457  -10.824 1.00 44.93 ? 97  ASN A C   1 
ATOM   738  O O   . ASN A 1 97  ? -0.605  -2.693  -9.616  1.00 44.93 ? 97  ASN A O   1 
ATOM   739  C CB  . ASN A 1 97  ? 1.826   -2.694  -11.881 1.00 44.17 ? 97  ASN A CB  1 
ATOM   740  C CG  . ASN A 1 97  ? 2.922   -3.706  -12.284 1.00 44.42 ? 97  ASN A CG  1 
ATOM   741  O OD1 . ASN A 1 97  ? 2.727   -4.922  -12.209 1.00 43.54 ? 97  ASN A OD1 1 
ATOM   742  N ND2 . ASN A 1 97  ? 4.092   -3.188  -12.683 1.00 44.70 ? 97  ASN A ND2 1 
ATOM   743  N N   . CYS A 1 98  ? -1.041  -1.426  -11.438 1.00 44.98 ? 98  CYS A N   1 
ATOM   744  C CA  . CYS A 1 98  ? -1.877  -0.476  -10.688 1.00 45.34 ? 98  CYS A CA  1 
ATOM   745  C C   . CYS A 1 98  ? -3.182  -1.143  -10.205 1.00 45.83 ? 98  CYS A C   1 
ATOM   746  O O   . CYS A 1 98  ? -3.594  -1.005  -9.038  1.00 44.48 ? 98  CYS A O   1 
ATOM   747  C CB  . CYS A 1 98  ? -2.162  0.741   -11.557 1.00 45.03 ? 98  CYS A CB  1 
ATOM   748  S SG  . CYS A 1 98  ? -0.621  1.554   -12.072 1.00 46.65 ? 98  CYS A SG  1 
ATOM   749  N N   . ASN A 1 99  ? -3.806  -1.914  -11.085 1.00 46.12 ? 99  ASN A N   1 
ATOM   750  C CA  . ASN A 1 99  ? -5.029  -2.647  -10.715 1.00 45.98 ? 99  ASN A CA  1 
ATOM   751  C C   . ASN A 1 99  ? -4.776  -3.785  -9.702  1.00 45.75 ? 99  ASN A C   1 
ATOM   752  O O   . ASN A 1 99  ? -5.627  -4.069  -8.850  1.00 44.56 ? 99  ASN A O   1 
ATOM   753  C CB  . ASN A 1 99  ? -5.658  -3.194  -11.980 1.00 46.04 ? 99  ASN A CB  1 
ATOM   754  C CG  . ASN A 1 99  ? -6.977  -3.866  -11.741 1.00 47.38 ? 99  ASN A CG  1 
ATOM   755  O OD1 . ASN A 1 99  ? -7.978  -3.233  -11.373 1.00 48.83 ? 99  ASN A OD1 1 
ATOM   756  N ND2 . ASN A 1 99  ? -7.008  -5.159  -12.005 1.00 46.14 ? 99  ASN A ND2 1 
ATOM   757  N N   . LYS A 1 100 ? -3.606  -4.415  -9.777  1.00 44.88 ? 100 LYS A N   1 
ATOM   758  C CA  . LYS A 1 100 ? -3.256  -5.418  -8.792  1.00 44.76 ? 100 LYS A CA  1 
ATOM   759  C C   . LYS A 1 100 ? -3.184  -4.776  -7.408  1.00 44.76 ? 100 LYS A C   1 
ATOM   760  O O   . LYS A 1 100 ? -3.664  -5.336  -6.440  1.00 45.96 ? 100 LYS A O   1 
ATOM   761  C CB  . LYS A 1 100 ? -1.933  -6.141  -9.145  1.00 44.43 ? 100 LYS A CB  1 
ATOM   762  C CG  . LYS A 1 100 ? -2.095  -7.191  -10.201 1.00 43.88 ? 100 LYS A CG  1 
ATOM   763  C CD  . LYS A 1 100 ? -0.753  -7.646  -10.778 1.00 44.27 ? 100 LYS A CD  1 
ATOM   764  C CE  . LYS A 1 100 ? -0.942  -8.731  -11.800 1.00 42.61 ? 100 LYS A CE  1 
ATOM   765  N NZ  . LYS A 1 100 ? 0.373   -8.979  -12.459 1.00 44.12 ? 100 LYS A NZ  1 
ATOM   766  N N   . ILE A 1 101 ? -2.592  -3.601  -7.301  1.00 44.68 ? 101 ILE A N   1 
ATOM   767  C CA  . ILE A 1 101 ? -2.524  -2.938  -5.988  1.00 44.11 ? 101 ILE A CA  1 
ATOM   768  C C   . ILE A 1 101 ? -3.903  -2.371  -5.565  1.00 44.17 ? 101 ILE A C   1 
ATOM   769  O O   . ILE A 1 101 ? -4.269  -2.445  -4.389  1.00 44.23 ? 101 ILE A O   1 
ATOM   770  C CB  . ILE A 1 101 ? -1.413  -1.882  -5.944  1.00 44.60 ? 101 ILE A CB  1 
ATOM   771  C CG1 . ILE A 1 101 ? -0.034  -2.516  -6.241  1.00 44.18 ? 101 ILE A CG1 1 
ATOM   772  C CG2 . ILE A 1 101 ? -1.418  -1.111  -4.607  1.00 43.47 ? 101 ILE A CG2 1 
ATOM   773  C CD1 . ILE A 1 101 ? 0.271   -3.805  -5.464  1.00 43.67 ? 101 ILE A CD1 1 
ATOM   774  N N   . TYR A 1 102 ? -4.680  -1.845  -6.497  1.00 43.53 ? 102 TYR A N   1 
ATOM   775  C CA  . TYR A 1 102 ? -6.072  -1.538  -6.170  1.00 43.90 ? 102 TYR A CA  1 
ATOM   776  C C   . TYR A 1 102 ? -6.791  -2.707  -5.497  1.00 44.59 ? 102 TYR A C   1 
ATOM   777  O O   . TYR A 1 102 ? -7.470  -2.521  -4.470  1.00 44.49 ? 102 TYR A O   1 
ATOM   778  C CB  . TYR A 1 102 ? -6.862  -1.167  -7.435  1.00 43.92 ? 102 TYR A CB  1 
ATOM   779  C CG  . TYR A 1 102 ? -8.345  -1.003  -7.200  1.00 43.31 ? 102 TYR A CG  1 
ATOM   780  C CD1 . TYR A 1 102 ? -8.837  0.074   -6.471  1.00 44.23 ? 102 TYR A CD1 1 
ATOM   781  C CD2 . TYR A 1 102 ? -9.267  -1.930  -7.698  1.00 44.90 ? 102 TYR A CD2 1 
ATOM   782  C CE1 . TYR A 1 102 ? -10.200 0.241   -6.260  1.00 43.82 ? 102 TYR A CE1 1 
ATOM   783  C CE2 . TYR A 1 102 ? -10.648 -1.769  -7.488  1.00 43.10 ? 102 TYR A CE2 1 
ATOM   784  C CZ  . TYR A 1 102 ? -11.093 -0.687  -6.758  1.00 43.94 ? 102 TYR A CZ  1 
ATOM   785  O OH  . TYR A 1 102 ? -12.428 -0.488  -6.543  1.00 43.69 ? 102 TYR A OH  1 
ATOM   786  N N   . ASN A 1 103 ? -6.726  -3.888  -6.116  1.00 44.95 ? 103 ASN A N   1 
ATOM   787  C CA  . ASN A 1 103 ? -7.470  -5.051  -5.623  1.00 45.52 ? 103 ASN A CA  1 
ATOM   788  C C   . ASN A 1 103 ? -6.904  -5.461  -4.247  1.00 45.99 ? 103 ASN A C   1 
ATOM   789  O O   . ASN A 1 103 ? -7.634  -5.922  -3.346  1.00 45.65 ? 103 ASN A O   1 
ATOM   790  C CB  . ASN A 1 103 ? -7.382  -6.227  -6.619  1.00 45.61 ? 103 ASN A CB  1 
ATOM   791  C CG  . ASN A 1 103 ? -8.145  -5.981  -7.900  1.00 45.46 ? 103 ASN A CG  1 
ATOM   792  O OD1 . ASN A 1 103 ? -7.702  -6.387  -8.972  1.00 49.18 ? 103 ASN A OD1 1 
ATOM   793  N ND2 . ASN A 1 103 ? -9.278  -5.323  -7.811  1.00 40.39 ? 103 ASN A ND2 1 
ATOM   794  N N   . LEU A 1 104 ? -5.595  -5.298  -4.090  1.00 45.29 ? 104 LEU A N   1 
ATOM   795  C CA  . LEU A 1 104 ? -4.956  -5.683  -2.835  1.00 45.58 ? 104 LEU A CA  1 
ATOM   796  C C   . LEU A 1 104 ? -5.378  -4.759  -1.715  1.00 44.69 ? 104 LEU A C   1 
ATOM   797  O O   . LEU A 1 104 ? -5.694  -5.195  -0.581  1.00 43.57 ? 104 LEU A O   1 
ATOM   798  C CB  . LEU A 1 104 ? -3.435  -5.630  -2.962  1.00 45.41 ? 104 LEU A CB  1 
ATOM   799  C CG  . LEU A 1 104 ? -2.669  -5.888  -1.665  1.00 46.79 ? 104 LEU A CG  1 
ATOM   800  C CD1 . LEU A 1 104 ? -3.062  -7.269  -1.116  1.00 44.58 ? 104 LEU A CD1 1 
ATOM   801  C CD2 . LEU A 1 104 ? -1.169  -5.763  -1.930  1.00 46.31 ? 104 LEU A CD2 1 
ATOM   802  N N   . ALA A 1 105 ? -5.354  -3.471  -2.029  1.00 44.26 ? 105 ALA A N   1 
ATOM   803  C CA  . ALA A 1 105 ? -5.786  -2.441  -1.086  1.00 44.44 ? 105 ALA A CA  1 
ATOM   804  C C   . ALA A 1 105 ? -7.232  -2.670  -0.642  1.00 44.74 ? 105 ALA A C   1 
ATOM   805  O O   . ALA A 1 105 ? -7.554  -2.544  0.557   1.00 43.66 ? 105 ALA A O   1 
ATOM   806  C CB  . ALA A 1 105 ? -5.644  -1.036  -1.732  1.00 44.06 ? 105 ALA A CB  1 
ATOM   807  N N   . LYS A 1 106 ? -8.122  -2.948  -1.595  1.00 44.70 ? 106 LYS A N   1 
ATOM   808  C CA  . LYS A 1 106 ? -9.529  -3.167  -1.255  1.00 45.58 ? 106 LYS A CA  1 
ATOM   809  C C   . LYS A 1 106 ? -9.654  -4.372  -0.325  1.00 44.81 ? 106 LYS A C   1 
ATOM   810  O O   . LYS A 1 106 ? -10.324 -4.304  0.700   1.00 44.57 ? 106 LYS A O   1 
ATOM   811  C CB  . LYS A 1 106 ? -10.386 -3.395  -2.503  1.00 46.52 ? 106 LYS A CB  1 
ATOM   812  C CG  . LYS A 1 106 ? -10.444 -2.211  -3.472  1.00 49.31 ? 106 LYS A CG  1 
ATOM   813  C CD  . LYS A 1 106 ? -11.336 -1.095  -2.943  1.00 51.60 ? 106 LYS A CD  1 
ATOM   814  C CE  . LYS A 1 106 ? -12.817 -1.466  -2.923  1.00 52.38 ? 106 LYS A CE  1 
ATOM   815  N NZ  . LYS A 1 106 ? -13.678 -0.235  -2.924  1.00 53.14 ? 106 LYS A NZ  1 
ATOM   816  N N   . CYS A 1 107 ? -8.981  -5.467  -0.677  1.00 45.59 ? 107 CYS A N   1 
ATOM   817  C CA  . CYS A 1 107 ? -8.993  -6.685  0.141   1.00 45.46 ? 107 CYS A CA  1 
ATOM   818  C C   . CYS A 1 107 ? -8.467  -6.459  1.566   1.00 45.53 ? 107 CYS A C   1 
ATOM   819  O O   . CYS A 1 107 ? -9.035  -6.946  2.539   1.00 45.44 ? 107 CYS A O   1 
ATOM   820  C CB  . CYS A 1 107 ? -8.141  -7.743  -0.562  1.00 46.05 ? 107 CYS A CB  1 
ATOM   821  S SG  . CYS A 1 107 ? -8.204  -9.386  0.166   1.00 46.31 ? 107 CYS A SG  1 
ATOM   822  N N   . VAL A 1 108 ? -7.370  -5.723  1.701   1.00 45.22 ? 108 VAL A N   1 
ATOM   823  C CA  . VAL A 1 108 ? -6.774  -5.522  3.033   1.00 45.29 ? 108 VAL A CA  1 
ATOM   824  C C   . VAL A 1 108 ? -7.685  -4.618  3.860   1.00 45.46 ? 108 VAL A C   1 
ATOM   825  O O   . VAL A 1 108 ? -7.960  -4.875  5.054   1.00 44.03 ? 108 VAL A O   1 
ATOM   826  C CB  . VAL A 1 108 ? -5.369  -4.931  2.930   1.00 45.28 ? 108 VAL A CB  1 
ATOM   827  C CG1 . VAL A 1 108 ? -4.854  -4.521  4.294   1.00 45.81 ? 108 VAL A CG1 1 
ATOM   828  C CG2 . VAL A 1 108 ? -4.422  -5.921  2.249   1.00 44.78 ? 108 VAL A CG2 1 
ATOM   829  N N   . GLN A 1 109 ? -8.194  -3.567  3.226   1.00 45.80 ? 109 GLN A N   1 
ATOM   830  C CA  . GLN A 1 109 ? -9.045  -2.639  3.958   1.00 46.58 ? 109 GLN A CA  1 
ATOM   831  C C   . GLN A 1 109 ? -10.362 -3.247  4.395   1.00 46.61 ? 109 GLN A C   1 
ATOM   832  O O   . GLN A 1 109 ? -10.863 -2.939  5.483   1.00 46.31 ? 109 GLN A O   1 
ATOM   833  C CB  . GLN A 1 109 ? -9.279  -1.385  3.140   1.00 47.30 ? 109 GLN A CB  1 
ATOM   834  C CG  . GLN A 1 109 ? -8.124  -0.428  3.243   0.50 47.23 ? 109 GLN A CG  1 
ATOM   835  C CD  . GLN A 1 109 ? -8.483  0.889   2.674   0.50 47.11 ? 109 GLN A CD  1 
ATOM   836  O OE1 . GLN A 1 109 ? -8.849  0.974   1.502   0.50 50.35 ? 109 GLN A OE1 1 
ATOM   837  N NE2 . GLN A 1 109 ? -8.396  1.938   3.491   0.50 46.96 ? 109 GLN A NE2 1 
ATOM   838  N N   . GLU A 1 110 ? -10.913 -4.113  3.563   1.00 46.80 ? 110 GLU A N   1 
ATOM   839  C CA  . GLU A 1 110 ? -12.128 -4.817  3.908   1.00 47.68 ? 110 GLU A CA  1 
ATOM   840  C C   . GLU A 1 110 ? -11.891 -5.873  4.995   1.00 48.15 ? 110 GLU A C   1 
ATOM   841  O O   . GLU A 1 110 ? -12.818 -6.234  5.691   1.00 47.10 ? 110 GLU A O   1 
ATOM   842  C CB  . GLU A 1 110 ? -12.774 -5.411  2.648   1.00 47.62 ? 110 GLU A CB  1 
ATOM   843  C CG  . GLU A 1 110 ? -13.367 -4.306  1.742   0.50 48.32 ? 110 GLU A CG  1 
ATOM   844  C CD  . GLU A 1 110 ? -13.667 -4.738  0.311   0.50 48.53 ? 110 GLU A CD  1 
ATOM   845  O OE1 . GLU A 1 110 ? -13.391 -5.907  -0.049  0.50 49.72 ? 110 GLU A OE1 1 
ATOM   846  O OE2 . GLU A 1 110 ? -14.173 -3.889  -0.461  0.50 48.61 ? 110 GLU A OE2 1 
ATOM   847  N N   . SER A 1 111 ? -10.752 -6.302  5.215   1.00 48.65 ? 111 SER A N   1 
ATOM   848  C CA  . SER A 1 111 ? -10.359 -7.355  6.148   1.00 49.89 ? 111 SER A CA  1 
ATOM   849  C C   . SER A 1 111 ? -9.625  -6.870  7.403   1.00 50.26 ? 111 SER A C   1 
ATOM   850  O O   . SER A 1 111 ? -9.855  -7.377  8.481   1.00 49.82 ? 111 SER A O   1 
ATOM   851  C CB  . SER A 1 111 ? -9.487  -8.378  5.421   1.00 50.36 ? 111 SER A CB  1 
ATOM   852  O OG  . SER A 1 111 ? -10.099 -8.749  4.194   1.00 52.62 ? 111 SER A OG  1 
ATOM   853  N N   . ALA A 1 112 ? -8.751  -5.884  7.238   1.00 50.97 ? 112 ALA A N   1 
ATOM   854  C CA  . ALA A 1 112 ? -8.195  -5.182  8.388   1.00 51.74 ? 112 ALA A CA  1 
ATOM   855  C C   . ALA A 1 112 ? -7.411  -3.915  8.069   1.00 52.41 ? 112 ALA A C   1 
ATOM   856  O O   . ALA A 1 112 ? -6.209  -3.965  7.810   1.00 52.97 ? 112 ALA A O   1 
ATOM   857  C CB  . ALA A 1 112 ? -7.299  -6.111  9.194   1.00 51.76 ? 112 ALA A CB  1 
ATOM   858  N N   . PRO A 1 113 ? -8.099  -2.778  8.090   1.00 53.16 ? 113 PRO A N   1 
ATOM   859  C CA  . PRO A 1 113 ? -7.549  -1.539  7.531   1.00 53.46 ? 113 PRO A CA  1 
ATOM   860  C C   . PRO A 1 113 ? -6.163  -1.162  8.042   1.00 53.91 ? 113 PRO A C   1 
ATOM   861  O O   . PRO A 1 113 ? -5.329  -0.688  7.270   1.00 54.09 ? 113 PRO A O   1 
ATOM   862  C CB  . PRO A 1 113 ? -8.576  -0.496  7.978   1.00 53.72 ? 113 PRO A CB  1 
ATOM   863  C CG  . PRO A 1 113 ? -9.827  -1.274  8.182   1.00 53.73 ? 113 PRO A CG  1 
ATOM   864  C CD  . PRO A 1 113 ? -9.396  -2.617  8.701   1.00 53.40 ? 113 PRO A CD  1 
ATOM   865  N N   . ASP A 1 114 ? -5.926  -1.372  9.332   1.00 53.58 ? 114 ASP A N   1 
ATOM   866  C CA  . ASP A 1 114 ? -4.702  -0.903  9.973   1.00 53.46 ? 114 ASP A CA  1 
ATOM   867  C C   . ASP A 1 114 ? -3.472  -1.564  9.362   1.00 53.26 ? 114 ASP A C   1 
ATOM   868  O O   . ASP A 1 114 ? -2.348  -1.095  9.545   1.00 53.35 ? 114 ASP A O   1 
ATOM   869  C CB  . ASP A 1 114 ? -4.750  -1.171  11.479  1.00 53.54 ? 114 ASP A CB  1 
ATOM   870  C CG  . ASP A 1 114 ? -5.372  -0.027  12.255  1.00 54.23 ? 114 ASP A CG  1 
ATOM   871  O OD1 . ASP A 1 114 ? -5.660  1.023   11.641  1.00 55.00 ? 114 ASP A OD1 1 
ATOM   872  O OD2 . ASP A 1 114 ? -5.573  -0.176  13.479  1.00 55.33 ? 114 ASP A OD2 1 
ATOM   873  N N   . VAL A 1 115 ? -3.691  -2.655  8.635   1.00 52.59 ? 115 VAL A N   1 
ATOM   874  C CA  . VAL A 1 115 ? -2.616  -3.356  7.978   1.00 52.64 ? 115 VAL A CA  1 
ATOM   875  C C   . VAL A 1 115 ? -2.167  -2.567  6.744   1.00 52.96 ? 115 VAL A C   1 
ATOM   876  O O   . VAL A 1 115 ? -0.974  -2.546  6.429   1.00 53.20 ? 115 VAL A O   1 
ATOM   877  C CB  . VAL A 1 115 ? -3.049  -4.794  7.630   1.00 52.31 ? 115 VAL A CB  1 
ATOM   878  C CG1 . VAL A 1 115 ? -2.069  -5.472  6.683   1.00 52.45 ? 115 VAL A CG1 1 
ATOM   879  C CG2 . VAL A 1 115 ? -3.230  -5.616  8.941   1.00 52.12 ? 115 VAL A CG2 1 
ATOM   880  N N   . TRP A 1 116 ? -3.107  -1.890  6.081   1.00 52.52 ? 116 TRP A N   1 
ATOM   881  C CA  . TRP A 1 116 ? -2.827  -1.282  4.787   1.00 52.94 ? 116 TRP A CA  1 
ATOM   882  C C   . TRP A 1 116 ? -1.963  -0.023  4.872   1.00 53.44 ? 116 TRP A C   1 
ATOM   883  O O   . TRP A 1 116 ? -2.415  1.010   5.351   1.00 52.76 ? 116 TRP A O   1 
ATOM   884  C CB  . TRP A 1 116 ? -4.102  -0.953  3.995   1.00 51.80 ? 116 TRP A CB  1 
ATOM   885  C CG  . TRP A 1 116 ? -3.757  -0.539  2.598   1.00 51.43 ? 116 TRP A CG  1 
ATOM   886  C CD1 . TRP A 1 116 ? -4.086  0.632   1.971   1.00 50.68 ? 116 TRP A CD1 1 
ATOM   887  C CD2 . TRP A 1 116 ? -2.971  -1.289  1.666   1.00 50.93 ? 116 TRP A CD2 1 
ATOM   888  N NE1 . TRP A 1 116 ? -3.562  0.650   0.699   1.00 51.29 ? 116 TRP A NE1 1 
ATOM   889  C CE2 . TRP A 1 116 ? -2.886  -0.528  0.485   1.00 51.18 ? 116 TRP A CE2 1 
ATOM   890  C CE3 . TRP A 1 116 ? -2.348  -2.548  1.710   1.00 50.29 ? 116 TRP A CE3 1 
ATOM   891  C CZ2 . TRP A 1 116 ? -2.195  -0.975  -0.630  1.00 50.79 ? 116 TRP A CZ2 1 
ATOM   892  C CZ3 . TRP A 1 116 ? -1.683  -2.993  0.617   1.00 50.93 ? 116 TRP A CZ3 1 
ATOM   893  C CH2 . TRP A 1 116 ? -1.598  -2.207  -0.548  1.00 51.03 ? 116 TRP A CH2 1 
ATOM   894  N N   . PHE A 1 117 ? -0.748  -0.116  4.329   1.00 54.46 ? 117 PHE A N   1 
ATOM   895  C CA  . PHE A 1 117 ? 0.230   0.944   4.474   1.00 54.91 ? 117 PHE A CA  1 
ATOM   896  C C   . PHE A 1 117 ? 0.318   1.823   3.211   1.00 54.78 ? 117 PHE A C   1 
ATOM   897  O O   . PHE A 1 117 ? 0.864   1.408   2.172   1.00 55.13 ? 117 PHE A O   1 
ATOM   898  C CB  . PHE A 1 117 ? 1.587   0.347   4.858   1.00 55.98 ? 117 PHE A CB  1 
ATOM   899  C CG  . PHE A 1 117 ? 2.613   1.375   5.218   1.00 55.82 ? 117 PHE A CG  1 
ATOM   900  C CD1 . PHE A 1 117 ? 3.823   1.430   4.536   1.00 57.70 ? 117 PHE A CD1 1 
ATOM   901  C CD2 . PHE A 1 117 ? 2.350   2.307   6.195   1.00 56.03 ? 117 PHE A CD2 1 
ATOM   902  C CE1 . PHE A 1 117 ? 4.758   2.381   4.848   1.00 56.92 ? 117 PHE A CE1 1 
ATOM   903  C CE2 . PHE A 1 117 ? 3.282   3.264   6.518   1.00 57.32 ? 117 PHE A CE2 1 
ATOM   904  C CZ  . PHE A 1 117 ? 4.494   3.307   5.843   1.00 57.45 ? 117 PHE A CZ  1 
ATOM   905  N N   . VAL A 1 118 ? -0.255  3.020   3.314   1.00 54.50 ? 118 VAL A N   1 
ATOM   906  C CA  . VAL A 1 118 ? -0.214  4.028   2.245   1.00 54.36 ? 118 VAL A CA  1 
ATOM   907  C C   . VAL A 1 118 ? -0.155  5.422   2.855   1.00 53.77 ? 118 VAL A C   1 
ATOM   908  O O   . VAL A 1 118 ? -1.102  5.861   3.506   1.00 54.80 ? 118 VAL A O   1 
ATOM   909  C CB  . VAL A 1 118 ? -1.446  3.919   1.297   1.00 54.69 ? 118 VAL A CB  1 
ATOM   910  C CG1 . VAL A 1 118 ? -1.595  5.185   0.464   1.00 55.91 ? 118 VAL A CG1 1 
ATOM   911  C CG2 . VAL A 1 118 ? -1.314  2.721   0.389   1.00 54.96 ? 118 VAL A CG2 1 
ATOM   912  N N   . ILE A 1 119 ? 0.981   6.091   2.664   1.00 52.62 ? 119 ILE A N   1 
ATOM   913  C CA  . ILE A 1 119 ? 1.203   7.465   3.101   1.00 51.84 ? 119 ILE A CA  1 
ATOM   914  C C   . ILE A 1 119 ? 1.215   8.362   1.855   1.00 50.89 ? 119 ILE A C   1 
ATOM   915  O O   . ILE A 1 119 ? 1.576   7.939   0.741   1.00 49.06 ? 119 ILE A O   1 
ATOM   916  C CB  . ILE A 1 119 ? 2.550   7.610   3.860   1.00 51.73 ? 119 ILE A CB  1 
ATOM   917  C CG1 . ILE A 1 119 ? 2.396   7.248   5.336   1.00 52.12 ? 119 ILE A CG1 1 
ATOM   918  C CG2 . ILE A 1 119 ? 3.068   9.049   3.831   1.00 52.58 ? 119 ILE A CG2 1 
ATOM   919  C CD1 . ILE A 1 119 ? 3.670   7.598   6.175   1.00 51.45 ? 119 ILE A CD1 1 
ATOM   920  O OXT . ILE A 1 119 ? 0.835   9.530   1.937   1.00 49.45 ? 119 ILE A OXT 1 
HETATM 921  C C1  . GOL B 2 .   ? 13.569  0.217   11.310  1.00 73.18 ? 120 GOL A C1  1 
HETATM 922  O O1  . GOL B 2 .   ? 13.166  1.201   12.258  1.00 73.21 ? 120 GOL A O1  1 
HETATM 923  C C2  . GOL B 2 .   ? 12.454  -0.769  10.894  1.00 73.04 ? 120 GOL A C2  1 
HETATM 924  O O2  . GOL B 2 .   ? 12.375  -0.917  9.482   1.00 72.65 ? 120 GOL A O2  1 
HETATM 925  C C3  . GOL B 2 .   ? 11.068  -0.392  11.422  1.00 72.74 ? 120 GOL A C3  1 
HETATM 926  O O3  . GOL B 2 .   ? 10.757  -1.165  12.557  1.00 72.95 ? 120 GOL A O3  1 
HETATM 927  C C1  . GOL C 2 .   ? 14.277  2.761   8.380   1.00 73.86 ? 121 GOL A C1  1 
HETATM 928  O O1  . GOL C 2 .   ? 15.547  2.336   7.941   1.00 73.72 ? 121 GOL A O1  1 
HETATM 929  C C2  . GOL C 2 .   ? 13.212  1.805   7.840   1.00 74.77 ? 121 GOL A C2  1 
HETATM 930  O O2  . GOL C 2 .   ? 13.325  1.648   6.440   1.00 76.07 ? 121 GOL A O2  1 
HETATM 931  C C3  . GOL C 2 .   ? 11.806  2.302   8.179   1.00 74.47 ? 121 GOL A C3  1 
HETATM 932  O O3  . GOL C 2 .   ? 11.273  1.584   9.271   1.00 73.23 ? 121 GOL A O3  1 
HETATM 933  C C1  . GOL D 2 .   ? 15.745  -0.336  5.764   1.00 75.09 ? 122 GOL A C1  1 
HETATM 934  O O1  . GOL D 2 .   ? 15.766  -0.367  7.190   1.00 74.96 ? 122 GOL A O1  1 
HETATM 935  C C2  . GOL D 2 .   ? 14.588  -1.137  5.128   1.00 74.46 ? 122 GOL A C2  1 
HETATM 936  O O2  . GOL D 2 .   ? 13.367  -0.906  5.799   1.00 72.80 ? 122 GOL A O2  1 
HETATM 937  C C3  . GOL D 2 .   ? 14.424  -0.753  3.650   1.00 75.03 ? 122 GOL A C3  1 
HETATM 938  O O3  . GOL D 2 .   ? 13.296  -1.379  3.060   1.00 75.73 ? 122 GOL A O3  1 
HETATM 939  O O   . HOH E 3 .   ? -6.825  8.838   -12.446 1.00 31.96 ? 123 HOH A O   1 
HETATM 940  O O   . HOH E 3 .   ? -5.868  13.162  -9.617  0.50 36.32 ? 124 HOH A O   1 
HETATM 941  O O   . HOH E 3 .   ? -4.428  -8.108  -5.766  1.00 31.82 ? 125 HOH A O   1 
HETATM 942  O O   . HOH E 3 .   ? 3.068   3.166   -10.679 1.00 33.91 ? 126 HOH A O   1 
HETATM 943  O O   . HOH E 3 .   ? 0.091   15.592  -8.793  1.00 35.21 ? 127 HOH A O   1 
HETATM 944  O O   . HOH E 3 .   ? 11.702  8.711   0.014   1.00 41.72 ? 128 HOH A O   1 
HETATM 945  O O   . HOH E 3 .   ? 1.400   -6.834  -13.630 1.00 36.16 ? 129 HOH A O   1 
HETATM 946  O O   . HOH E 3 .   ? -5.598  -8.932  -3.548  1.00 39.74 ? 130 HOH A O   1 
HETATM 947  O O   . HOH E 3 .   ? 12.606  11.274  1.882   1.00 46.90 ? 131 HOH A O   1 
HETATM 948  O O   . HOH E 3 .   ? -4.620  -11.107 -11.836 0.50 46.06 ? 132 HOH A O   1 
HETATM 949  O O   . HOH E 3 .   ? 1.346   15.423  -11.347 1.00 32.90 ? 133 HOH A O   1 
HETATM 950  O O   . HOH E 3 .   ? 7.271   -1.487  -12.483 0.50 37.15 ? 134 HOH A O   1 
HETATM 951  O O   . HOH E 3 .   ? -0.394  15.692  -13.431 1.00 37.63 ? 135 HOH A O   1 
HETATM 952  O O   . HOH E 3 .   ? 4.187   -12.075 -11.946 1.00 37.76 ? 136 HOH A O   1 
HETATM 953  O O   . HOH E 3 .   ? 6.751   -13.859 -10.445 1.00 32.91 ? 137 HOH A O   1 
HETATM 954  O O   . HOH E 3 .   ? -8.300  15.155  -5.634  1.00 40.98 ? 138 HOH A O   1 
HETATM 955  O O   . HOH E 3 .   ? 1.656   -3.147  -15.354 1.00 40.13 ? 139 HOH A O   1 
HETATM 956  O O   . HOH E 3 .   ? 8.278   -8.865  -4.359  1.00 38.39 ? 140 HOH A O   1 
HETATM 957  O O   . HOH E 3 .   ? -0.167  11.538  3.843   1.00 47.63 ? 141 HOH A O   1 
HETATM 958  O O   . HOH E 3 .   ? -3.660  15.070  4.829   1.00 41.06 ? 142 HOH A O   1 
HETATM 959  O O   . HOH E 3 .   ? -0.215  6.862   -13.969 1.00 34.67 ? 143 HOH A O   1 
HETATM 960  O O   . HOH E 3 .   ? -1.428  -9.048  15.423  1.00 49.58 ? 144 HOH A O   1 
HETATM 961  O O   . HOH E 3 .   ? 10.059  -7.023  -4.102  1.00 47.78 ? 145 HOH A O   1 
HETATM 962  O O   . HOH E 3 .   ? -5.319  17.397  -2.154  1.00 39.74 ? 146 HOH A O   1 
HETATM 963  O O   . HOH E 3 .   ? -8.053  13.608  -7.767  0.50 40.56 ? 147 HOH A O   1 
HETATM 964  O O   . HOH E 3 .   ? 13.107  11.824  -6.462  1.00 52.55 ? 148 HOH A O   1 
HETATM 965  O O   . HOH E 3 .   ? 4.738   -0.348  -13.338 1.00 43.43 ? 149 HOH A O   1 
HETATM 966  O O   . HOH E 3 .   ? -9.943  9.288   -6.894  1.00 41.13 ? 150 HOH A O   1 
HETATM 967  O O   . HOH E 3 .   ? 4.921   -7.072  -17.113 1.00 48.63 ? 151 HOH A O   1 
HETATM 968  O O   . HOH E 3 .   ? -5.846  0.920   -11.684 1.00 41.02 ? 152 HOH A O   1 
HETATM 969  O O   . HOH E 3 .   ? -10.255 13.329  0.749   1.00 54.74 ? 153 HOH A O   1 
HETATM 970  O O   . HOH E 3 .   ? -13.671 1.947   -8.767  1.00 51.12 ? 154 HOH A O   1 
HETATM 971  O O   . HOH E 3 .   ? -9.999  -6.883  -4.054  1.00 43.20 ? 155 HOH A O   1 
HETATM 972  O O   . HOH E 3 .   ? -0.286  16.816  -5.664  1.00 39.48 ? 156 HOH A O   1 
HETATM 973  O O   . HOH E 3 .   ? 2.344   16.846  -7.525  1.00 53.93 ? 157 HOH A O   1 
HETATM 974  O O   . HOH E 3 .   ? 4.330   -3.589  18.365  1.00 57.97 ? 158 HOH A O   1 
HETATM 975  O O   . HOH E 3 .   ? -1.190  -16.086 0.429   1.00 54.50 ? 159 HOH A O   1 
HETATM 976  O O   . HOH E 3 .   ? -6.821  -3.447  11.473  1.00 63.60 ? 160 HOH A O   1 
HETATM 977  O O   . HOH E 3 .   ? 0.920   15.979  0.293   1.00 54.04 ? 161 HOH A O   1 
HETATM 978  O O   . HOH E 3 .   ? 12.495  9.404   -5.691  1.00 40.05 ? 162 HOH A O   1 
HETATM 979  O O   . HOH E 3 .   ? 7.103   13.445  -12.768 1.00 51.69 ? 163 HOH A O   1 
HETATM 980  O O   . HOH E 3 .   ? -2.169  17.316  -2.883  1.00 46.06 ? 164 HOH A O   1 
HETATM 981  O O   . HOH E 3 .   ? 5.045   10.396  -15.333 1.00 46.50 ? 165 HOH A O   1 
HETATM 982  O O   . HOH E 3 .   ? 13.885  8.412   -3.039  1.00 56.35 ? 166 HOH A O   1 
HETATM 983  O O   . HOH E 3 .   ? 4.478   -1.320  -15.812 0.50 43.17 ? 167 HOH A O   1 
HETATM 984  O O   . HOH E 3 .   ? 9.008   -10.869 -6.271  1.00 42.15 ? 168 HOH A O   1 
HETATM 985  O O   . HOH E 3 .   ? 4.714   15.925  -6.068  1.00 43.17 ? 169 HOH A O   1 
HETATM 986  O O   . HOH E 3 .   ? -10.354 -4.505  -10.049 1.00 60.27 ? 170 HOH A O   1 
HETATM 987  O O   . HOH E 3 .   ? -8.756  7.193   -3.106  1.00 56.57 ? 171 HOH A O   1 
HETATM 988  O O   . HOH E 3 .   ? 12.782  -0.348  -5.131  1.00 47.62 ? 172 HOH A O   1 
HETATM 989  O O   . HOH E 3 .   ? -14.123 0.830   -5.070  1.00 67.57 ? 173 HOH A O   1 
HETATM 990  O O   . HOH E 3 .   ? 11.139  13.519  -5.094  1.00 50.66 ? 174 HOH A O   1 
HETATM 991  O O   . HOH E 3 .   ? 0.181   10.752  -15.651 1.00 51.80 ? 175 HOH A O   1 
HETATM 992  O O   . HOH E 3 .   ? -6.174  -16.193 6.131   1.00 56.34 ? 176 HOH A O   1 
HETATM 993  O O   . HOH E 3 .   ? -3.027  1.941   -15.309 1.00 56.92 ? 177 HOH A O   1 
HETATM 994  O O   . HOH E 3 .   ? -0.151  17.776  -1.261  1.00 54.44 ? 178 HOH A O   1 
HETATM 995  O O   . HOH E 3 .   ? -14.024 -2.151  -8.708  1.00 60.19 ? 179 HOH A O   1 
HETATM 996  O O   . HOH E 3 .   ? -9.097  -9.646  -8.353  1.00 53.73 ? 180 HOH A O   1 
HETATM 997  O O   . HOH E 3 .   ? -3.406  -7.034  16.064  1.00 55.68 ? 181 HOH A O   1 
HETATM 998  O O   . HOH E 3 .   ? 3.291   17.573  -12.127 1.00 53.04 ? 182 HOH A O   1 
HETATM 999  O O   . HOH E 3 .   ? -8.266  -1.518  -14.747 1.00 59.22 ? 183 HOH A O   1 
HETATM 1000 O O   . HOH E 3 .   ? 8.467   0.697   14.354  1.00 73.28 ? 184 HOH A O   1 
HETATM 1001 O O   . HOH E 3 .   ? 6.335   0.052   12.474  1.00 63.11 ? 185 HOH A O   1 
HETATM 1002 O O   . HOH E 3 .   ? -0.931  1.360   -15.958 1.00 61.30 ? 186 HOH A O   1 
HETATM 1003 O O   . HOH E 3 .   ? 3.597   13.647  -14.692 1.00 59.40 ? 187 HOH A O   1 
HETATM 1004 O O   . HOH E 3 .   ? 12.636  14.001  4.692   1.00 64.96 ? 188 HOH A O   1 
HETATM 1005 O O   . HOH E 3 .   ? 6.940   -13.312 -0.463  1.00 50.91 ? 189 HOH A O   1 
HETATM 1006 O O   . HOH E 3 .   ? -6.174  17.163  1.106   1.00 54.54 ? 190 HOH A O   1 
HETATM 1007 O O   . HOH E 3 .   ? -12.722 9.360   -8.165  1.00 57.11 ? 191 HOH A O   1 
HETATM 1008 O O   . HOH E 3 .   ? -10.421 14.763  -4.148  1.00 48.83 ? 192 HOH A O   1 
HETATM 1009 O O   . HOH E 3 .   ? 0.952   -15.496 -1.632  1.00 70.18 ? 193 HOH A O   1 
HETATM 1010 O O   . HOH E 3 .   ? 1.711   -10.796 -14.371 1.00 51.76 ? 194 HOH A O   1 
HETATM 1011 O O   . HOH E 3 .   ? 5.877   12.815  3.543   1.00 49.98 ? 195 HOH A O   1 
HETATM 1012 O O   . HOH E 3 .   ? 13.111  -10.084 0.809   1.00 61.17 ? 196 HOH A O   1 
HETATM 1013 O O   . HOH E 3 .   ? 6.523   14.620  0.119   1.00 52.40 ? 197 HOH A O   1 
HETATM 1014 O O   . HOH E 3 .   ? -5.262  0.301   -14.103 1.00 55.05 ? 198 HOH A O   1 
HETATM 1015 O O   . HOH E 3 .   ? 4.013   16.467  -3.521  1.00 52.37 ? 199 HOH A O   1 
HETATM 1016 O O   . HOH E 3 .   ? 11.913  -6.474  -6.804  1.00 55.65 ? 200 HOH A O   1 
HETATM 1017 O O   . HOH E 3 .   ? -4.908  -5.374  15.758  1.00 65.27 ? 201 HOH A O   1 
HETATM 1018 O O   . HOH E 3 .   ? -7.916  -9.981  -4.124  1.00 65.60 ? 202 HOH A O   1 
HETATM 1019 O O   . HOH E 3 .   ? -2.407  -9.010  -15.372 1.00 54.59 ? 203 HOH A O   1 
HETATM 1020 O O   . HOH E 3 .   ? -11.082 -5.720  -5.914  1.00 56.47 ? 204 HOH A O   1 
HETATM 1021 O O   . HOH E 3 .   ? 2.774   1.992   -13.183 1.00 44.86 ? 205 HOH A O   1 
HETATM 1022 O O   . HOH E 3 .   ? 0.485   -15.089 2.182   1.00 58.43 ? 206 HOH A O   1 
HETATM 1023 O O   . HOH E 3 .   ? 6.490   12.038  -14.874 1.00 52.48 ? 207 HOH A O   1 
HETATM 1024 O O   . HOH E 3 .   ? 3.753   18.039  -10.007 1.00 57.65 ? 208 HOH A O   1 
HETATM 1025 O O   . HOH E 3 .   ? 1.876   -10.666 -10.654 1.00 51.83 ? 209 HOH A O   1 
HETATM 1026 O O   . HOH E 3 .   ? -0.040  -13.215 -15.771 0.50 63.38 ? 210 HOH A O   1 
HETATM 1027 O O   . HOH E 3 .   ? 0.415   -0.971  2.132   1.00 63.81 ? 211 HOH A O   1 
HETATM 1028 O O   . HOH E 3 .   ? 5.348   2.524   1.986   1.00 68.85 ? 212 HOH A O   1 
HETATM 1029 O O   . HOH E 3 .   ? 1.149   2.075   -0.320  1.00 67.68 ? 213 HOH A O   1 
HETATM 1030 O O   . HOH E 3 .   ? -2.414  6.809   7.919   1.00 67.98 ? 214 HOH A O   1 
HETATM 1031 O O   . HOH E 3 .   ? -2.483  4.196   8.960   1.00 71.26 ? 215 HOH A O   1 
HETATM 1032 O O   . HOH E 3 .   ? 3.270   -12.627 -2.337  1.00 51.81 ? 216 HOH A O   1 
HETATM 1033 O O   . HOH E 3 .   ? -0.938  -12.484 -10.839 1.00 53.28 ? 217 HOH A O   1 
HETATM 1034 O O   . HOH E 3 .   ? -2.845  3.862   4.381   1.00 73.97 ? 218 HOH A O   1 
HETATM 1035 O O   . HOH E 3 .   ? -10.226 10.825  -3.603  1.00 61.55 ? 219 HOH A O   1 
HETATM 1036 O O   . HOH E 3 .   ? 9.572   15.241  -6.992  1.00 54.70 ? 220 HOH A O   1 
HETATM 1037 O O   . HOH E 3 .   ? 11.828  5.201   11.669  1.00 65.13 ? 221 HOH A O   1 
HETATM 1038 O O   . HOH E 3 .   ? 9.883   14.392  -9.212  1.00 57.89 ? 222 HOH A O   1 
HETATM 1039 O O   . HOH E 3 .   ? 1.633   -17.311 -3.506  1.00 68.24 ? 223 HOH A O   1 
HETATM 1040 O O   . HOH E 3 .   ? -6.547  4.912   7.528   1.00 70.01 ? 224 HOH A O   1 
HETATM 1041 O O   . HOH E 3 .   ? 3.284   -14.319 -5.838  1.00 66.16 ? 225 HOH A O   1 
HETATM 1042 O O   . HOH E 3 .   ? -8.374  -16.564 4.425   1.00 57.71 ? 226 HOH A O   1 
HETATM 1043 O O   . HOH E 3 .   ? -9.462  -4.528  -15.144 1.00 60.92 ? 227 HOH A O   1 
HETATM 1044 O O   . HOH E 3 .   ? 1.808   -11.473 -4.534  1.00 25.80 ? 228 HOH A O   1 
HETATM 1045 O O   . HOH E 3 .   ? 8.621   3.768   -7.605  1.00 27.78 ? 229 HOH A O   1 
HETATM 1046 O O   . HOH E 3 .   ? 3.148   13.738  3.897   1.00 49.43 ? 230 HOH A O   1 
HETATM 1047 O O   . HOH E 3 .   ? 10.735  -3.590  -5.541  1.00 61.60 ? 231 HOH A O   1 
HETATM 1048 O O   . HOH E 3 .   ? 11.991  -6.924  -2.129  1.00 64.05 ? 232 HOH A O   1 
HETATM 1049 O O   . HOH E 3 .   ? 1.586   -14.632 14.536  1.00 65.01 ? 233 HOH A O   1 
HETATM 1050 O O   . HOH E 3 .   ? -13.792 -4.006  -6.855  1.00 74.94 ? 234 HOH A O   1 
# 
